data_7H45
# 
_entry.id   7H45 
# 
_audit_conform.dict_name       mmcif_pdbx.dic 
_audit_conform.dict_version    5.397 
_audit_conform.dict_location   http://mmcif.pdb.org/dictionaries/ascii/mmcif_pdbx.dic 
# 
loop_
_database_2.database_id 
_database_2.database_code 
_database_2.pdbx_database_accession 
_database_2.pdbx_DOI 
PDB   7H45         pdb_00007h45 10.2210/pdb7h45/pdb 
WWPDB D_1001407000 ?            ?                   
# 
loop_
_pdbx_audit_revision_history.ordinal 
_pdbx_audit_revision_history.data_content_type 
_pdbx_audit_revision_history.major_revision 
_pdbx_audit_revision_history.minor_revision 
_pdbx_audit_revision_history.revision_date 
1 'Structure model' 1 0 2024-04-24 
2 'Structure model' 1 1 2024-10-16 
# 
_pdbx_audit_revision_details.ordinal             1 
_pdbx_audit_revision_details.revision_ordinal    1 
_pdbx_audit_revision_details.data_content_type   'Structure model' 
_pdbx_audit_revision_details.provider            repository 
_pdbx_audit_revision_details.type                'Initial release' 
_pdbx_audit_revision_details.description         ? 
_pdbx_audit_revision_details.details             ? 
# 
loop_
_pdbx_audit_revision_group.ordinal 
_pdbx_audit_revision_group.revision_ordinal 
_pdbx_audit_revision_group.data_content_type 
_pdbx_audit_revision_group.group 
1 2 'Structure model' 'Database references' 
2 2 'Structure model' 'Structure summary'   
# 
loop_
_pdbx_audit_revision_category.ordinal 
_pdbx_audit_revision_category.revision_ordinal 
_pdbx_audit_revision_category.data_content_type 
_pdbx_audit_revision_category.category 
1 2 'Structure model' citation           
2 2 'Structure model' citation_author    
3 2 'Structure model' pdbx_entry_details 
# 
loop_
_pdbx_audit_revision_item.ordinal 
_pdbx_audit_revision_item.revision_ordinal 
_pdbx_audit_revision_item.data_content_type 
_pdbx_audit_revision_item.item 
1 2 'Structure model' '_citation.country'                 
2 2 'Structure model' '_citation.journal_abbrev'          
3 2 'Structure model' '_citation.journal_id_CSD'          
4 2 'Structure model' '_citation.journal_id_ISSN'         
5 2 'Structure model' '_citation.pdbx_database_id_DOI'    
6 2 'Structure model' '_citation.pdbx_database_id_PubMed' 
7 2 'Structure model' '_citation.title'                   
8 2 'Structure model' '_citation.year'                    
# 
_pdbx_database_status.entry_id                        7H45 
_pdbx_database_status.status_code                     REL 
_pdbx_database_status.status_code_sf                  REL 
_pdbx_database_status.status_code_mr                  ? 
_pdbx_database_status.status_code_cs                  ? 
_pdbx_database_status.recvd_initial_deposition_date   2024-04-04 
_pdbx_database_status.status_code_nmr_data            ? 
_pdbx_database_status.deposit_site                    RCSB 
_pdbx_database_status.process_site                    RCSB 
_pdbx_database_status.SG_entry                        ? 
_pdbx_database_status.pdb_format_compatible           N 
_pdbx_database_status.methods_development_category    ? 
# 
_pdbx_contact_author.id                 1 
_pdbx_contact_author.email              frank.von-delft@diamond.ac.uk 
_pdbx_contact_author.name_first         Frank 
_pdbx_contact_author.name_last          'von Delft' 
_pdbx_contact_author.role               'principal investigator/group leader' 
_pdbx_contact_author.identifier_ORCID   0000-0003-0378-0017 
_pdbx_contact_author.name_mi            ? 
# 
loop_
_audit_author.name 
_audit_author.pdbx_ordinal 
'Lithgo, R.M.'        1  
'Fairhead, M.'        2  
'Koekemoer, L.'       3  
'Balcomb, B.H.'       4  
'Capkin, E.'          5  
'Chandran, A.V.'      6  
'Golding, M.'         7  
'Godoy, A.S.'         8  
'Aschenbrenner, J.C.' 9  
'Marples, P.G.'       10 
'Ni, X.'              11 
'Thompson, W.'        12 
'Tomlinson, C.W.E.'   13 
'Wild, C.'            14 
'Winokan, M.'         15 
'Xavier, M.-A.E.'     16 
'Fearon, D.'          17 
'von Delft, F.'       18 
# 
_citation.id                        primary 
_citation.title                     
;Crystallographic Fragment Screen of Coxsackievirus A16 2A Protease identifies new opportunities for the development of broad-spectrum anti-enterovirals.
;
_citation.journal_abbrev            Biorxiv 
_citation.journal_volume            ? 
_citation.page_first                ? 
_citation.page_last                 ? 
_citation.year                      2024 
_citation.journal_id_ASTM           ? 
_citation.country                   US 
_citation.journal_id_ISSN           2692-8205 
_citation.journal_id_CSD            ? 
_citation.book_publisher            ? 
_citation.pdbx_database_id_PubMed   38746446 
_citation.pdbx_database_id_DOI      10.1101/2024.04.29.591684 
# 
loop_
_citation_author.citation_id 
_citation_author.name 
_citation_author.identifier_ORCID 
_citation_author.ordinal 
primary 'Lithgo, R.M.'        0000-0002-4706-9916 1  
primary 'Tomlinson, C.W.E.'   0000-0002-1845-6028 2  
primary 'Fairhead, M.'        0000-0001-5361-3933 3  
primary 'Winokan, M.'         ?                   4  
primary 'Thompson, W.'        0000-0003-1474-7810 5  
primary 'Wild, C.'            0000-0003-0654-8141 6  
primary 'Aschenbrenner, J.C.' 0000-0002-4318-0481 7  
primary 'Balcomb, B.H.'       0000-0001-7599-8467 8  
primary 'Marples, P.G.'       0000-0002-8787-7969 9  
primary 'Chandran, A.V.'      0000-0001-9942-2614 10 
primary 'Golding, M.'         0009-0004-7472-8333 11 
primary 'Koekemoer, L.'       0000-0001-9226-9127 12 
primary 'Williams, E.P.'      0000-0002-1331-9518 13 
primary 'Wang, S.'            ?                   14 
primary 'Ni, X.'              0000-0002-7769-8297 15 
primary 'MacLean, E.'         0000-0003-1680-4292 16 
primary 'Giroud, C.'          0000-0002-1629-1581 17 
primary 'Godoy, A.S.'         0000-0002-0613-9164 18 
primary 'Xavier, M.A.'        0000-0002-1709-9479 19 
primary 'Walsh, M.'           0000-0001-5683-1151 20 
primary 'Fearon, D.'          0000-0003-3529-7863 21 
primary 'von Delft, F.'       0000-0003-0378-0017 22 
# 
loop_
_entity.id 
_entity.type 
_entity.src_method 
_entity.pdbx_description 
_entity.formula_weight 
_entity.pdbx_number_of_molecules 
_entity.pdbx_ec 
_entity.pdbx_mutation 
_entity.pdbx_fragment 
_entity.details 
1 polymer     man 'Protease 2A'                                           16493.311 1   3.4.22.29 ? ? ? 
2 non-polymer man 4-amino-N-cyclobutyl-1-methyl-1H-pyrazole-3-carboxamide 194.234   1   ?         ? ? ? 
3 non-polymer syn 'ZINC ION'                                              65.409    1   ?         ? ? ? 
4 non-polymer syn 'DIMETHYL SULFOXIDE'                                    78.133    5   ?         ? ? ? 
5 non-polymer syn 'SULFATE ION'                                           96.063    1   ?         ? ? ? 
6 water       nat water                                                   18.015    231 ?         ? ? ? 
# 
_entity_name_com.entity_id   1 
_entity_name_com.name        'P2A,Picornain 2A,Protein 2A' 
# 
_entity_poly.entity_id                      1 
_entity_poly.type                           'polypeptide(L)' 
_entity_poly.nstd_linkage                   no 
_entity_poly.nstd_monomer                   no 
_entity_poly.pdbx_seq_one_letter_code       
;QEQTGGSGAIYVGNYRVVNRHLATHNDWANLVWEDSSRDLLVSSTTAQGCDTIARCDCQTGVYYCSSRRKHYPVSFSKPS
LIFVEASEYYPARYQSHLMLAVGHSEPGDCGGILRCQHGVVGIVSTGGNGLVGFADVRDLLWLDEEAMEQ
;
_entity_poly.pdbx_seq_one_letter_code_can   
;QEQTGGSGAIYVGNYRVVNRHLATHNDWANLVWEDSSRDLLVSSTTAQGCDTIARCDCQTGVYYCSSRRKHYPVSFSKPS
LIFVEASEYYPARYQSHLMLAVGHSEPGDCGGILRCQHGVVGIVSTGGNGLVGFADVRDLLWLDEEAMEQ
;
_entity_poly.pdbx_strand_id                 A 
_entity_poly.pdbx_target_identifier         ? 
# 
loop_
_pdbx_entity_nonpoly.entity_id 
_pdbx_entity_nonpoly.name 
_pdbx_entity_nonpoly.comp_id 
2 4-amino-N-cyclobutyl-1-methyl-1H-pyrazole-3-carboxamide A1ANA 
3 'ZINC ION'                                              ZN    
4 'DIMETHYL SULFOXIDE'                                    DMS   
5 'SULFATE ION'                                           SO4   
6 water                                                   HOH   
# 
loop_
_entity_poly_seq.entity_id 
_entity_poly_seq.num 
_entity_poly_seq.mon_id 
_entity_poly_seq.hetero 
1 1   GLN n 
1 2   GLU n 
1 3   GLN n 
1 4   THR n 
1 5   GLY n 
1 6   GLY n 
1 7   SER n 
1 8   GLY n 
1 9   ALA n 
1 10  ILE n 
1 11  TYR n 
1 12  VAL n 
1 13  GLY n 
1 14  ASN n 
1 15  TYR n 
1 16  ARG n 
1 17  VAL n 
1 18  VAL n 
1 19  ASN n 
1 20  ARG n 
1 21  HIS n 
1 22  LEU n 
1 23  ALA n 
1 24  THR n 
1 25  HIS n 
1 26  ASN n 
1 27  ASP n 
1 28  TRP n 
1 29  ALA n 
1 30  ASN n 
1 31  LEU n 
1 32  VAL n 
1 33  TRP n 
1 34  GLU n 
1 35  ASP n 
1 36  SER n 
1 37  SER n 
1 38  ARG n 
1 39  ASP n 
1 40  LEU n 
1 41  LEU n 
1 42  VAL n 
1 43  SER n 
1 44  SER n 
1 45  THR n 
1 46  THR n 
1 47  ALA n 
1 48  GLN n 
1 49  GLY n 
1 50  CYS n 
1 51  ASP n 
1 52  THR n 
1 53  ILE n 
1 54  ALA n 
1 55  ARG n 
1 56  CYS n 
1 57  ASP n 
1 58  CYS n 
1 59  GLN n 
1 60  THR n 
1 61  GLY n 
1 62  VAL n 
1 63  TYR n 
1 64  TYR n 
1 65  CYS n 
1 66  SER n 
1 67  SER n 
1 68  ARG n 
1 69  ARG n 
1 70  LYS n 
1 71  HIS n 
1 72  TYR n 
1 73  PRO n 
1 74  VAL n 
1 75  SER n 
1 76  PHE n 
1 77  SER n 
1 78  LYS n 
1 79  PRO n 
1 80  SER n 
1 81  LEU n 
1 82  ILE n 
1 83  PHE n 
1 84  VAL n 
1 85  GLU n 
1 86  ALA n 
1 87  SER n 
1 88  GLU n 
1 89  TYR n 
1 90  TYR n 
1 91  PRO n 
1 92  ALA n 
1 93  ARG n 
1 94  TYR n 
1 95  GLN n 
1 96  SER n 
1 97  HIS n 
1 98  LEU n 
1 99  MET n 
1 100 LEU n 
1 101 ALA n 
1 102 VAL n 
1 103 GLY n 
1 104 HIS n 
1 105 SER n 
1 106 GLU n 
1 107 PRO n 
1 108 GLY n 
1 109 ASP n 
1 110 CYS n 
1 111 GLY n 
1 112 GLY n 
1 113 ILE n 
1 114 LEU n 
1 115 ARG n 
1 116 CYS n 
1 117 GLN n 
1 118 HIS n 
1 119 GLY n 
1 120 VAL n 
1 121 VAL n 
1 122 GLY n 
1 123 ILE n 
1 124 VAL n 
1 125 SER n 
1 126 THR n 
1 127 GLY n 
1 128 GLY n 
1 129 ASN n 
1 130 GLY n 
1 131 LEU n 
1 132 VAL n 
1 133 GLY n 
1 134 PHE n 
1 135 ALA n 
1 136 ASP n 
1 137 VAL n 
1 138 ARG n 
1 139 ASP n 
1 140 LEU n 
1 141 LEU n 
1 142 TRP n 
1 143 LEU n 
1 144 ASP n 
1 145 GLU n 
1 146 GLU n 
1 147 ALA n 
1 148 MET n 
1 149 GLU n 
1 150 GLN n 
# 
loop_
_entity_src_gen.entity_id 
_entity_src_gen.pdbx_src_id 
_entity_src_gen.pdbx_alt_source_flag 
_entity_src_gen.pdbx_seq_type 
_entity_src_gen.pdbx_beg_seq_num 
_entity_src_gen.pdbx_end_seq_num 
_entity_src_gen.gene_src_common_name 
_entity_src_gen.gene_src_genus 
_entity_src_gen.pdbx_gene_src_gene 
_entity_src_gen.gene_src_species 
_entity_src_gen.gene_src_strain 
_entity_src_gen.gene_src_tissue 
_entity_src_gen.gene_src_tissue_fraction 
_entity_src_gen.gene_src_details 
_entity_src_gen.pdbx_gene_src_fragment 
_entity_src_gen.pdbx_gene_src_scientific_name 
_entity_src_gen.pdbx_gene_src_ncbi_taxonomy_id 
_entity_src_gen.pdbx_gene_src_variant 
_entity_src_gen.pdbx_gene_src_cell_line 
_entity_src_gen.pdbx_gene_src_atcc 
_entity_src_gen.pdbx_gene_src_organ 
_entity_src_gen.pdbx_gene_src_organelle 
_entity_src_gen.pdbx_gene_src_cell 
_entity_src_gen.pdbx_gene_src_cellular_location 
_entity_src_gen.host_org_common_name 
_entity_src_gen.pdbx_host_org_scientific_name 
_entity_src_gen.pdbx_host_org_ncbi_taxonomy_id 
_entity_src_gen.host_org_genus 
_entity_src_gen.pdbx_host_org_gene 
_entity_src_gen.pdbx_host_org_organ 
_entity_src_gen.host_org_species 
_entity_src_gen.pdbx_host_org_tissue 
_entity_src_gen.pdbx_host_org_tissue_fraction 
_entity_src_gen.pdbx_host_org_strain 
_entity_src_gen.pdbx_host_org_variant 
_entity_src_gen.pdbx_host_org_cell_line 
_entity_src_gen.pdbx_host_org_atcc 
_entity_src_gen.pdbx_host_org_culture_collection 
_entity_src_gen.pdbx_host_org_cell 
_entity_src_gen.pdbx_host_org_organelle 
_entity_src_gen.pdbx_host_org_cellular_location 
_entity_src_gen.pdbx_host_org_vector_type 
_entity_src_gen.pdbx_host_org_vector 
_entity_src_gen.host_org_details 
_entity_src_gen.expression_system_id 
_entity_src_gen.plasmid_name 
_entity_src_gen.plasmid_details 
_entity_src_gen.pdbx_description 
1 1 sample 'Biological sequence' 1 150 ? ? ? ? ? ? ? ? ? 'Coxsackievirus A16' 31704 ? ? ? ? ? ? ? ? 'Escherichia coli' 562 ? ? ? ? 
? ? ? ? ? ? ? ? ? ? ? ? ? ? ? ? ? 
2 1 sample ?                     ? ?   ? ? ? ? ? ? ? ? ? 'Coxsackievirus A16' 31704 ? ? ? ? ? ? ? ? 'Escherichia coli' 562 ? ? ? ? 
? ? ? ? ? ? ? ? ? ? ? ? ? ? ? ? ? 
# 
loop_
_chem_comp.id 
_chem_comp.type 
_chem_comp.mon_nstd_flag 
_chem_comp.name 
_chem_comp.pdbx_synonyms 
_chem_comp.formula 
_chem_comp.formula_weight 
A1ANA non-polymer         . 4-amino-N-cyclobutyl-1-methyl-1H-pyrazole-3-carboxamide ? 'C9 H14 N4 O'    194.234 
ALA   'L-peptide linking' y ALANINE                                                 ? 'C3 H7 N O2'     89.093  
ARG   'L-peptide linking' y ARGININE                                                ? 'C6 H15 N4 O2 1' 175.209 
ASN   'L-peptide linking' y ASPARAGINE                                              ? 'C4 H8 N2 O3'    132.118 
ASP   'L-peptide linking' y 'ASPARTIC ACID'                                         ? 'C4 H7 N O4'     133.103 
CYS   'L-peptide linking' y CYSTEINE                                                ? 'C3 H7 N O2 S'   121.158 
DMS   non-polymer         . 'DIMETHYL SULFOXIDE'                                    ? 'C2 H6 O S'      78.133  
GLN   'L-peptide linking' y GLUTAMINE                                               ? 'C5 H10 N2 O3'   146.144 
GLU   'L-peptide linking' y 'GLUTAMIC ACID'                                         ? 'C5 H9 N O4'     147.129 
GLY   'peptide linking'   y GLYCINE                                                 ? 'C2 H5 N O2'     75.067  
HIS   'L-peptide linking' y HISTIDINE                                               ? 'C6 H10 N3 O2 1' 156.162 
HOH   non-polymer         . WATER                                                   ? 'H2 O'           18.015  
ILE   'L-peptide linking' y ISOLEUCINE                                              ? 'C6 H13 N O2'    131.173 
LEU   'L-peptide linking' y LEUCINE                                                 ? 'C6 H13 N O2'    131.173 
LYS   'L-peptide linking' y LYSINE                                                  ? 'C6 H15 N2 O2 1' 147.195 
MET   'L-peptide linking' y METHIONINE                                              ? 'C5 H11 N O2 S'  149.211 
PHE   'L-peptide linking' y PHENYLALANINE                                           ? 'C9 H11 N O2'    165.189 
PRO   'L-peptide linking' y PROLINE                                                 ? 'C5 H9 N O2'     115.130 
SER   'L-peptide linking' y SERINE                                                  ? 'C3 H7 N O3'     105.093 
SO4   non-polymer         . 'SULFATE ION'                                           ? 'O4 S -2'        96.063  
THR   'L-peptide linking' y THREONINE                                               ? 'C4 H9 N O3'     119.119 
TRP   'L-peptide linking' y TRYPTOPHAN                                              ? 'C11 H12 N2 O2'  204.225 
TYR   'L-peptide linking' y TYROSINE                                                ? 'C9 H11 N O3'    181.189 
VAL   'L-peptide linking' y VALINE                                                  ? 'C5 H11 N O2'    117.146 
ZN    non-polymer         . 'ZINC ION'                                              ? 'Zn 2'           65.409  
# 
loop_
_pdbx_poly_seq_scheme.asym_id 
_pdbx_poly_seq_scheme.entity_id 
_pdbx_poly_seq_scheme.seq_id 
_pdbx_poly_seq_scheme.mon_id 
_pdbx_poly_seq_scheme.ndb_seq_num 
_pdbx_poly_seq_scheme.pdb_seq_num 
_pdbx_poly_seq_scheme.auth_seq_num 
_pdbx_poly_seq_scheme.pdb_mon_id 
_pdbx_poly_seq_scheme.auth_mon_id 
_pdbx_poly_seq_scheme.pdb_strand_id 
_pdbx_poly_seq_scheme.pdb_ins_code 
_pdbx_poly_seq_scheme.hetero 
A 1 1   GLN 1   1   ?   ?   ?   A . n 
A 1 2   GLU 2   2   ?   ?   ?   A . n 
A 1 3   GLN 3   3   ?   ?   ?   A . n 
A 1 4   THR 4   4   ?   ?   ?   A . n 
A 1 5   GLY 5   5   ?   ?   ?   A . n 
A 1 6   GLY 6   6   ?   ?   ?   A . n 
A 1 7   SER 7   7   7   SER SER A . n 
A 1 8   GLY 8   8   8   GLY GLY A . n 
A 1 9   ALA 9   9   9   ALA ALA A . n 
A 1 10  ILE 10  10  10  ILE ILE A . n 
A 1 11  TYR 11  11  11  TYR TYR A . n 
A 1 12  VAL 12  12  12  VAL VAL A . n 
A 1 13  GLY 13  13  13  GLY GLY A . n 
A 1 14  ASN 14  14  14  ASN ASN A . n 
A 1 15  TYR 15  15  15  TYR TYR A . n 
A 1 16  ARG 16  16  16  ARG ARG A . n 
A 1 17  VAL 17  17  17  VAL VAL A . n 
A 1 18  VAL 18  18  18  VAL VAL A . n 
A 1 19  ASN 19  19  19  ASN ASN A . n 
A 1 20  ARG 20  20  20  ARG ARG A . n 
A 1 21  HIS 21  21  21  HIS HIS A . n 
A 1 22  LEU 22  22  22  LEU LEU A . n 
A 1 23  ALA 23  23  23  ALA ALA A . n 
A 1 24  THR 24  24  24  THR THR A . n 
A 1 25  HIS 25  25  25  HIS HIS A . n 
A 1 26  ASN 26  26  26  ASN ASN A . n 
A 1 27  ASP 27  27  27  ASP ASP A . n 
A 1 28  TRP 28  28  28  TRP TRP A . n 
A 1 29  ALA 29  29  29  ALA ALA A . n 
A 1 30  ASN 30  30  30  ASN ASN A . n 
A 1 31  LEU 31  31  31  LEU LEU A . n 
A 1 32  VAL 32  32  32  VAL VAL A . n 
A 1 33  TRP 33  33  33  TRP TRP A . n 
A 1 34  GLU 34  34  34  GLU GLU A . n 
A 1 35  ASP 35  35  35  ASP ASP A . n 
A 1 36  SER 36  36  36  SER SER A . n 
A 1 37  SER 37  37  37  SER SER A . n 
A 1 38  ARG 38  38  38  ARG ARG A . n 
A 1 39  ASP 39  39  39  ASP ASP A . n 
A 1 40  LEU 40  40  40  LEU LEU A . n 
A 1 41  LEU 41  41  41  LEU LEU A . n 
A 1 42  VAL 42  42  42  VAL VAL A . n 
A 1 43  SER 43  43  43  SER SER A . n 
A 1 44  SER 44  44  44  SER SER A . n 
A 1 45  THR 45  45  45  THR THR A . n 
A 1 46  THR 46  46  46  THR THR A . n 
A 1 47  ALA 47  47  47  ALA ALA A . n 
A 1 48  GLN 48  48  48  GLN GLN A . n 
A 1 49  GLY 49  49  49  GLY GLY A . n 
A 1 50  CYS 50  50  50  CYS CYS A . n 
A 1 51  ASP 51  51  51  ASP ASP A . n 
A 1 52  THR 52  52  52  THR THR A . n 
A 1 53  ILE 53  53  53  ILE ILE A . n 
A 1 54  ALA 54  54  54  ALA ALA A . n 
A 1 55  ARG 55  55  55  ARG ARG A . n 
A 1 56  CYS 56  56  56  CYS CYS A . n 
A 1 57  ASP 57  57  57  ASP ASP A . n 
A 1 58  CYS 58  58  58  CYS CYS A . n 
A 1 59  GLN 59  59  59  GLN GLN A . n 
A 1 60  THR 60  60  60  THR THR A . n 
A 1 61  GLY 61  61  61  GLY GLY A . n 
A 1 62  VAL 62  62  62  VAL VAL A . n 
A 1 63  TYR 63  63  63  TYR TYR A . n 
A 1 64  TYR 64  64  64  TYR TYR A . n 
A 1 65  CYS 65  65  65  CYS CYS A . n 
A 1 66  SER 66  66  66  SER SER A . n 
A 1 67  SER 67  67  67  SER SER A . n 
A 1 68  ARG 68  68  68  ARG ARG A . n 
A 1 69  ARG 69  69  69  ARG ARG A . n 
A 1 70  LYS 70  70  70  LYS LYS A . n 
A 1 71  HIS 71  71  71  HIS HIS A . n 
A 1 72  TYR 72  72  72  TYR TYR A . n 
A 1 73  PRO 73  73  73  PRO PRO A . n 
A 1 74  VAL 74  74  74  VAL VAL A . n 
A 1 75  SER 75  75  75  SER SER A . n 
A 1 76  PHE 76  76  76  PHE PHE A . n 
A 1 77  SER 77  77  77  SER SER A . n 
A 1 78  LYS 78  78  78  LYS LYS A . n 
A 1 79  PRO 79  79  79  PRO PRO A . n 
A 1 80  SER 80  80  80  SER SER A . n 
A 1 81  LEU 81  81  81  LEU LEU A . n 
A 1 82  ILE 82  82  82  ILE ILE A . n 
A 1 83  PHE 83  83  83  PHE PHE A . n 
A 1 84  VAL 84  84  84  VAL VAL A . n 
A 1 85  GLU 85  85  85  GLU GLU A . n 
A 1 86  ALA 86  86  86  ALA ALA A . n 
A 1 87  SER 87  87  87  SER SER A . n 
A 1 88  GLU 88  88  88  GLU GLU A . n 
A 1 89  TYR 89  89  89  TYR TYR A . n 
A 1 90  TYR 90  90  90  TYR TYR A . n 
A 1 91  PRO 91  91  91  PRO PRO A . n 
A 1 92  ALA 92  92  92  ALA ALA A . n 
A 1 93  ARG 93  93  93  ARG ARG A . n 
A 1 94  TYR 94  94  94  TYR TYR A . n 
A 1 95  GLN 95  95  95  GLN GLN A . n 
A 1 96  SER 96  96  96  SER SER A . n 
A 1 97  HIS 97  97  97  HIS HIS A . n 
A 1 98  LEU 98  98  98  LEU LEU A . n 
A 1 99  MET 99  99  99  MET MET A . n 
A 1 100 LEU 100 100 100 LEU LEU A . n 
A 1 101 ALA 101 101 101 ALA ALA A . n 
A 1 102 VAL 102 102 102 VAL VAL A . n 
A 1 103 GLY 103 103 103 GLY GLY A . n 
A 1 104 HIS 104 104 104 HIS HIS A . n 
A 1 105 SER 105 105 105 SER SER A . n 
A 1 106 GLU 106 106 106 GLU GLU A . n 
A 1 107 PRO 107 107 107 PRO PRO A . n 
A 1 108 GLY 108 108 108 GLY GLY A . n 
A 1 109 ASP 109 109 109 ASP ASP A . n 
A 1 110 CYS 110 110 110 CYS CYS A . n 
A 1 111 GLY 111 111 111 GLY GLY A . n 
A 1 112 GLY 112 112 112 GLY GLY A . n 
A 1 113 ILE 113 113 113 ILE ILE A . n 
A 1 114 LEU 114 114 114 LEU LEU A . n 
A 1 115 ARG 115 115 115 ARG ARG A . n 
A 1 116 CYS 116 116 116 CYS CYS A . n 
A 1 117 GLN 117 117 117 GLN GLN A . n 
A 1 118 HIS 118 118 118 HIS HIS A . n 
A 1 119 GLY 119 119 119 GLY GLY A . n 
A 1 120 VAL 120 120 120 VAL VAL A . n 
A 1 121 VAL 121 121 121 VAL VAL A . n 
A 1 122 GLY 122 122 122 GLY GLY A . n 
A 1 123 ILE 123 123 123 ILE ILE A . n 
A 1 124 VAL 124 124 124 VAL VAL A . n 
A 1 125 SER 125 125 125 SER SER A . n 
A 1 126 THR 126 126 126 THR THR A . n 
A 1 127 GLY 127 127 127 GLY GLY A . n 
A 1 128 GLY 128 128 128 GLY GLY A . n 
A 1 129 ASN 129 129 129 ASN ASN A . n 
A 1 130 GLY 130 130 130 GLY GLY A . n 
A 1 131 LEU 131 131 131 LEU LEU A . n 
A 1 132 VAL 132 132 132 VAL VAL A . n 
A 1 133 GLY 133 133 133 GLY GLY A . n 
A 1 134 PHE 134 134 134 PHE PHE A . n 
A 1 135 ALA 135 135 135 ALA ALA A . n 
A 1 136 ASP 136 136 136 ASP ASP A . n 
A 1 137 VAL 137 137 137 VAL VAL A . n 
A 1 138 ARG 138 138 138 ARG ARG A . n 
A 1 139 ASP 139 139 139 ASP ASP A . n 
A 1 140 LEU 140 140 140 LEU LEU A . n 
A 1 141 LEU 141 141 141 LEU LEU A . n 
A 1 142 TRP 142 142 142 TRP TRP A . n 
A 1 143 LEU 143 143 143 LEU LEU A . n 
A 1 144 ASP 144 144 144 ASP ASP A . n 
A 1 145 GLU 145 145 145 GLU GLU A . n 
A 1 146 GLU 146 146 146 GLU GLU A . n 
A 1 147 ALA 147 147 ?   ?   ?   A . n 
A 1 148 MET 148 148 ?   ?   ?   A . n 
A 1 149 GLU 149 149 ?   ?   ?   A . n 
A 1 150 GLN 150 150 ?   ?   ?   A . n 
# 
loop_
_pdbx_nonpoly_scheme.asym_id 
_pdbx_nonpoly_scheme.entity_id 
_pdbx_nonpoly_scheme.mon_id 
_pdbx_nonpoly_scheme.ndb_seq_num 
_pdbx_nonpoly_scheme.pdb_seq_num 
_pdbx_nonpoly_scheme.auth_seq_num 
_pdbx_nonpoly_scheme.pdb_mon_id 
_pdbx_nonpoly_scheme.auth_mon_id 
_pdbx_nonpoly_scheme.pdb_strand_id 
_pdbx_nonpoly_scheme.pdb_ins_code 
B 2 A1ANA 1   201 147 A1ANA LIG A . 
C 3 ZN    1   202 1   ZN    ZN  A . 
D 4 DMS   1   203 -1  DMS   DMS A . 
E 4 DMS   1   204 0   DMS   DMS A . 
F 4 DMS   1   205 1   DMS   DMS A . 
G 4 DMS   1   206 3   DMS   DMS A . 
H 4 DMS   1   207 6   DMS   DMS A . 
I 5 SO4   1   208 1   SO4   SO4 A . 
J 6 HOH   1   301 219 HOH   HOH A . 
J 6 HOH   2   302 182 HOH   HOH A . 
J 6 HOH   3   303 70  HOH   HOH A . 
J 6 HOH   4   304 215 HOH   HOH A . 
J 6 HOH   5   305 147 HOH   HOH A . 
J 6 HOH   6   306 238 HOH   HOH A . 
J 6 HOH   7   307 94  HOH   HOH A . 
J 6 HOH   8   308 3   HOH   HOH A . 
J 6 HOH   9   309 60  HOH   HOH A . 
J 6 HOH   10  310 137 HOH   HOH A . 
J 6 HOH   11  311 103 HOH   HOH A . 
J 6 HOH   12  312 34  HOH   HOH A . 
J 6 HOH   13  313 108 HOH   HOH A . 
J 6 HOH   14  314 180 HOH   HOH A . 
J 6 HOH   15  315 30  HOH   HOH A . 
J 6 HOH   16  316 179 HOH   HOH A . 
J 6 HOH   17  317 78  HOH   HOH A . 
J 6 HOH   18  318 168 HOH   HOH A . 
J 6 HOH   19  319 186 HOH   HOH A . 
J 6 HOH   20  320 184 HOH   HOH A . 
J 6 HOH   21  321 249 HOH   HOH A . 
J 6 HOH   22  322 53  HOH   HOH A . 
J 6 HOH   23  323 183 HOH   HOH A . 
J 6 HOH   24  324 152 HOH   HOH A . 
J 6 HOH   25  325 59  HOH   HOH A . 
J 6 HOH   26  326 245 HOH   HOH A . 
J 6 HOH   27  327 25  HOH   HOH A . 
J 6 HOH   28  328 148 HOH   HOH A . 
J 6 HOH   29  329 250 HOH   HOH A . 
J 6 HOH   30  330 29  HOH   HOH A . 
J 6 HOH   31  331 68  HOH   HOH A . 
J 6 HOH   32  332 4   HOH   HOH A . 
J 6 HOH   33  333 46  HOH   HOH A . 
J 6 HOH   34  334 217 HOH   HOH A . 
J 6 HOH   35  335 104 HOH   HOH A . 
J 6 HOH   36  336 205 HOH   HOH A . 
J 6 HOH   37  337 36  HOH   HOH A . 
J 6 HOH   38  338 81  HOH   HOH A . 
J 6 HOH   39  339 33  HOH   HOH A . 
J 6 HOH   40  340 109 HOH   HOH A . 
J 6 HOH   41  341 167 HOH   HOH A . 
J 6 HOH   42  342 133 HOH   HOH A . 
J 6 HOH   43  343 227 HOH   HOH A . 
J 6 HOH   44  344 191 HOH   HOH A . 
J 6 HOH   45  345 16  HOH   HOH A . 
J 6 HOH   46  346 24  HOH   HOH A . 
J 6 HOH   47  347 45  HOH   HOH A . 
J 6 HOH   48  348 216 HOH   HOH A . 
J 6 HOH   49  349 181 HOH   HOH A . 
J 6 HOH   50  350 5   HOH   HOH A . 
J 6 HOH   51  351 67  HOH   HOH A . 
J 6 HOH   52  352 17  HOH   HOH A . 
J 6 HOH   53  353 141 HOH   HOH A . 
J 6 HOH   54  354 97  HOH   HOH A . 
J 6 HOH   55  355 111 HOH   HOH A . 
J 6 HOH   56  356 71  HOH   HOH A . 
J 6 HOH   57  357 27  HOH   HOH A . 
J 6 HOH   58  358 121 HOH   HOH A . 
J 6 HOH   59  359 2   HOH   HOH A . 
J 6 HOH   60  360 220 HOH   HOH A . 
J 6 HOH   61  361 40  HOH   HOH A . 
J 6 HOH   62  362 77  HOH   HOH A . 
J 6 HOH   63  363 84  HOH   HOH A . 
J 6 HOH   64  364 174 HOH   HOH A . 
J 6 HOH   65  365 95  HOH   HOH A . 
J 6 HOH   66  366 26  HOH   HOH A . 
J 6 HOH   67  367 50  HOH   HOH A . 
J 6 HOH   68  368 20  HOH   HOH A . 
J 6 HOH   69  369 7   HOH   HOH A . 
J 6 HOH   70  370 193 HOH   HOH A . 
J 6 HOH   71  371 124 HOH   HOH A . 
J 6 HOH   72  372 12  HOH   HOH A . 
J 6 HOH   73  373 126 HOH   HOH A . 
J 6 HOH   74  374 107 HOH   HOH A . 
J 6 HOH   75  375 169 HOH   HOH A . 
J 6 HOH   76  376 116 HOH   HOH A . 
J 6 HOH   77  377 100 HOH   HOH A . 
J 6 HOH   78  378 37  HOH   HOH A . 
J 6 HOH   79  379 52  HOH   HOH A . 
J 6 HOH   80  380 63  HOH   HOH A . 
J 6 HOH   81  381 9   HOH   HOH A . 
J 6 HOH   82  382 96  HOH   HOH A . 
J 6 HOH   83  383 47  HOH   HOH A . 
J 6 HOH   84  384 41  HOH   HOH A . 
J 6 HOH   85  385 198 HOH   HOH A . 
J 6 HOH   86  386 21  HOH   HOH A . 
J 6 HOH   87  387 62  HOH   HOH A . 
J 6 HOH   88  388 28  HOH   HOH A . 
J 6 HOH   89  389 106 HOH   HOH A . 
J 6 HOH   90  390 90  HOH   HOH A . 
J 6 HOH   91  391 177 HOH   HOH A . 
J 6 HOH   92  392 214 HOH   HOH A . 
J 6 HOH   93  393 19  HOH   HOH A . 
J 6 HOH   94  394 88  HOH   HOH A . 
J 6 HOH   95  395 14  HOH   HOH A . 
J 6 HOH   96  396 150 HOH   HOH A . 
J 6 HOH   97  397 39  HOH   HOH A . 
J 6 HOH   98  398 170 HOH   HOH A . 
J 6 HOH   99  399 43  HOH   HOH A . 
J 6 HOH   100 400 132 HOH   HOH A . 
J 6 HOH   101 401 113 HOH   HOH A . 
J 6 HOH   102 402 13  HOH   HOH A . 
J 6 HOH   103 403 42  HOH   HOH A . 
J 6 HOH   104 404 211 HOH   HOH A . 
J 6 HOH   105 405 79  HOH   HOH A . 
J 6 HOH   106 406 248 HOH   HOH A . 
J 6 HOH   107 407 131 HOH   HOH A . 
J 6 HOH   108 408 101 HOH   HOH A . 
J 6 HOH   109 409 118 HOH   HOH A . 
J 6 HOH   110 410 82  HOH   HOH A . 
J 6 HOH   111 411 8   HOH   HOH A . 
J 6 HOH   112 412 72  HOH   HOH A . 
J 6 HOH   113 413 51  HOH   HOH A . 
J 6 HOH   114 414 18  HOH   HOH A . 
J 6 HOH   115 415 204 HOH   HOH A . 
J 6 HOH   116 416 54  HOH   HOH A . 
J 6 HOH   117 417 178 HOH   HOH A . 
J 6 HOH   118 418 176 HOH   HOH A . 
J 6 HOH   119 419 105 HOH   HOH A . 
J 6 HOH   120 420 136 HOH   HOH A . 
J 6 HOH   121 421 173 HOH   HOH A . 
J 6 HOH   122 422 161 HOH   HOH A . 
J 6 HOH   123 423 234 HOH   HOH A . 
J 6 HOH   124 424 200 HOH   HOH A . 
J 6 HOH   125 425 192 HOH   HOH A . 
J 6 HOH   126 426 38  HOH   HOH A . 
J 6 HOH   127 427 15  HOH   HOH A . 
J 6 HOH   128 428 155 HOH   HOH A . 
J 6 HOH   129 429 35  HOH   HOH A . 
J 6 HOH   130 430 120 HOH   HOH A . 
J 6 HOH   131 431 119 HOH   HOH A . 
J 6 HOH   132 432 195 HOH   HOH A . 
J 6 HOH   133 433 49  HOH   HOH A . 
J 6 HOH   134 434 146 HOH   HOH A . 
J 6 HOH   135 435 91  HOH   HOH A . 
J 6 HOH   136 436 69  HOH   HOH A . 
J 6 HOH   137 437 80  HOH   HOH A . 
J 6 HOH   138 438 61  HOH   HOH A . 
J 6 HOH   139 439 237 HOH   HOH A . 
J 6 HOH   140 440 226 HOH   HOH A . 
J 6 HOH   141 441 55  HOH   HOH A . 
J 6 HOH   142 442 57  HOH   HOH A . 
J 6 HOH   143 443 64  HOH   HOH A . 
J 6 HOH   144 444 11  HOH   HOH A . 
J 6 HOH   145 445 138 HOH   HOH A . 
J 6 HOH   146 446 66  HOH   HOH A . 
J 6 HOH   147 447 123 HOH   HOH A . 
J 6 HOH   148 448 112 HOH   HOH A . 
J 6 HOH   149 449 247 HOH   HOH A . 
J 6 HOH   150 450 65  HOH   HOH A . 
J 6 HOH   151 451 89  HOH   HOH A . 
J 6 HOH   152 452 110 HOH   HOH A . 
J 6 HOH   153 453 201 HOH   HOH A . 
J 6 HOH   154 454 246 HOH   HOH A . 
J 6 HOH   155 455 76  HOH   HOH A . 
J 6 HOH   156 456 74  HOH   HOH A . 
J 6 HOH   157 457 23  HOH   HOH A . 
J 6 HOH   158 458 203 HOH   HOH A . 
J 6 HOH   159 459 10  HOH   HOH A . 
J 6 HOH   160 460 6   HOH   HOH A . 
J 6 HOH   161 461 48  HOH   HOH A . 
J 6 HOH   162 462 224 HOH   HOH A . 
J 6 HOH   163 463 233 HOH   HOH A . 
J 6 HOH   164 464 159 HOH   HOH A . 
J 6 HOH   165 465 197 HOH   HOH A . 
J 6 HOH   166 466 102 HOH   HOH A . 
J 6 HOH   167 467 128 HOH   HOH A . 
J 6 HOH   168 468 156 HOH   HOH A . 
J 6 HOH   169 469 231 HOH   HOH A . 
J 6 HOH   170 470 212 HOH   HOH A . 
J 6 HOH   171 471 230 HOH   HOH A . 
J 6 HOH   172 472 93  HOH   HOH A . 
J 6 HOH   173 473 98  HOH   HOH A . 
J 6 HOH   174 474 232 HOH   HOH A . 
J 6 HOH   175 475 154 HOH   HOH A . 
J 6 HOH   176 476 158 HOH   HOH A . 
J 6 HOH   177 477 213 HOH   HOH A . 
J 6 HOH   178 478 135 HOH   HOH A . 
J 6 HOH   179 479 210 HOH   HOH A . 
J 6 HOH   180 480 157 HOH   HOH A . 
J 6 HOH   181 481 117 HOH   HOH A . 
J 6 HOH   182 482 171 HOH   HOH A . 
J 6 HOH   183 483 228 HOH   HOH A . 
J 6 HOH   184 484 218 HOH   HOH A . 
J 6 HOH   185 485 175 HOH   HOH A . 
J 6 HOH   186 486 83  HOH   HOH A . 
J 6 HOH   187 487 127 HOH   HOH A . 
J 6 HOH   188 488 190 HOH   HOH A . 
J 6 HOH   189 489 87  HOH   HOH A . 
J 6 HOH   190 490 185 HOH   HOH A . 
J 6 HOH   191 491 99  HOH   HOH A . 
J 6 HOH   192 492 240 HOH   HOH A . 
J 6 HOH   193 493 239 HOH   HOH A . 
J 6 HOH   194 494 140 HOH   HOH A . 
J 6 HOH   195 495 207 HOH   HOH A . 
J 6 HOH   196 496 162 HOH   HOH A . 
J 6 HOH   197 497 85  HOH   HOH A . 
J 6 HOH   198 498 134 HOH   HOH A . 
J 6 HOH   199 499 189 HOH   HOH A . 
J 6 HOH   200 500 236 HOH   HOH A . 
J 6 HOH   201 501 151 HOH   HOH A . 
J 6 HOH   202 502 122 HOH   HOH A . 
J 6 HOH   203 503 73  HOH   HOH A . 
J 6 HOH   204 504 202 HOH   HOH A . 
J 6 HOH   205 505 229 HOH   HOH A . 
J 6 HOH   206 506 86  HOH   HOH A . 
J 6 HOH   207 507 208 HOH   HOH A . 
J 6 HOH   208 508 225 HOH   HOH A . 
J 6 HOH   209 509 221 HOH   HOH A . 
J 6 HOH   210 510 56  HOH   HOH A . 
J 6 HOH   211 511 32  HOH   HOH A . 
J 6 HOH   212 512 129 HOH   HOH A . 
J 6 HOH   213 513 223 HOH   HOH A . 
J 6 HOH   214 514 209 HOH   HOH A . 
J 6 HOH   215 515 75  HOH   HOH A . 
J 6 HOH   216 516 160 HOH   HOH A . 
J 6 HOH   217 517 153 HOH   HOH A . 
J 6 HOH   218 518 165 HOH   HOH A . 
J 6 HOH   219 519 125 HOH   HOH A . 
J 6 HOH   220 520 142 HOH   HOH A . 
J 6 HOH   221 521 243 HOH   HOH A . 
J 6 HOH   222 522 199 HOH   HOH A . 
J 6 HOH   223 523 206 HOH   HOH A . 
J 6 HOH   224 524 114 HOH   HOH A . 
J 6 HOH   225 525 235 HOH   HOH A . 
J 6 HOH   226 526 241 HOH   HOH A . 
J 6 HOH   227 527 92  HOH   HOH A . 
J 6 HOH   228 528 242 HOH   HOH A . 
J 6 HOH   229 529 222 HOH   HOH A . 
J 6 HOH   230 530 164 HOH   HOH A . 
J 6 HOH   231 531 244 HOH   HOH A . 
# 
loop_
_software.classification 
_software.name 
_software.version 
_software.citation_id 
_software.pdbx_ordinal 
refinement       REFMAC  5.8.0267 ? 1 
refinement       REFMAC5 .        ? 2 
'data scaling'   Aimless .        ? 3 
phasing          PHASER  .        ? 4 
'data reduction' XDS     .        ? 5 
# 
_cell.entry_id           7H45 
_cell.length_a           86.572 
_cell.length_b           56.680 
_cell.length_c           32.283 
_cell.angle_alpha        90.00 
_cell.angle_beta         94.80 
_cell.angle_gamma        90.00 
_cell.Z_PDB              4 
_cell.pdbx_unique_axis   ? 
# 
_symmetry.entry_id                         7H45 
_symmetry.space_group_name_H-M             'C 1 2 1' 
_symmetry.pdbx_full_space_group_name_H-M   ? 
_symmetry.cell_setting                     ? 
_symmetry.Int_Tables_number                5 
# 
_exptl.entry_id          7H45 
_exptl.method            'X-RAY DIFFRACTION' 
_exptl.crystals_number   1 
# 
_exptl_crystal.id                    1 
_exptl_crystal.density_meas          ? 
_exptl_crystal.density_Matthews      2.39 
_exptl_crystal.density_percent_sol   48.59 
_exptl_crystal.description           ? 
# 
_exptl_crystal_grow.crystal_id      1 
_exptl_crystal_grow.method          'VAPOR DIFFUSION, SITTING DROP' 
_exptl_crystal_grow.pH              6.05 
_exptl_crystal_grow.temp            293.15 
_exptl_crystal_grow.pdbx_details    '0.1 M MES, pH 6.05, 16 % PEG 20,000' 
_exptl_crystal_grow.temp_details    ? 
_exptl_crystal_grow.pdbx_pH_range   ? 
# 
_diffrn.id                     1 
_diffrn.ambient_temp           100 
_diffrn.crystal_id             1 
_diffrn.ambient_temp_details   ? 
# 
_diffrn_detector.detector               PIXEL 
_diffrn_detector.type                   'DECTRIS EIGER2 XE 16M' 
_diffrn_detector.pdbx_collection_date   2023-10-11 
_diffrn_detector.diffrn_id              1 
_diffrn_detector.details                ? 
# 
_diffrn_radiation.diffrn_id                        1 
_diffrn_radiation.wavelength_id                    1 
_diffrn_radiation.pdbx_diffrn_protocol             'SINGLE WAVELENGTH' 
_diffrn_radiation.pdbx_monochromatic_or_laue_m_l   ? 
_diffrn_radiation.monochromator                    ? 
_diffrn_radiation.pdbx_scattering_type             x-ray 
# 
_diffrn_radiation_wavelength.id           1 
_diffrn_radiation_wavelength.wavelength   0.94055 
_diffrn_radiation_wavelength.wt           1.0 
# 
_diffrn_source.diffrn_id                   1 
_diffrn_source.source                      SYNCHROTRON 
_diffrn_source.type                        'DIAMOND BEAMLINE I03' 
_diffrn_source.pdbx_wavelength_list        0.94055 
_diffrn_source.pdbx_synchrotron_site       Diamond 
_diffrn_source.pdbx_synchrotron_beamline   I03 
_diffrn_source.pdbx_wavelength             ? 
# 
_reflns.entry_id                     7H45 
_reflns.pdbx_diffrn_id               1 
_reflns.pdbx_ordinal                 1 
_reflns.d_resolution_low             47.40 
_reflns.d_resolution_high            1.32 
_reflns.number_obs                   33846 
_reflns.percent_possible_obs         92.7 
_reflns.pdbx_Rmerge_I_obs            0.088 
_reflns.pdbx_netI_over_sigmaI        10.3 
_reflns.pdbx_redundancy              7.3 
_reflns.pdbx_Rrim_I_all              0.095 
_reflns.pdbx_Rpim_I_all              0.036 
_reflns.pdbx_CC_half                 0.989 
_reflns.pdbx_number_measured_all     246682 
_reflns.pdbx_chi_squared             0.53 
_reflns.observed_criterion_sigma_I   ? 
_reflns.observed_criterion_sigma_F   ? 
_reflns.number_all                   ? 
_reflns.pdbx_Rsym_value              ? 
_reflns.B_iso_Wilson_estimate        ? 
# 
_reflns_shell.pdbx_diffrn_id              1 
_reflns_shell.pdbx_ordinal                1 
_reflns_shell.d_res_high                  1.32 
_reflns_shell.d_res_low                   1.34 
_reflns_shell.number_measured_all         12185 
_reflns_shell.number_unique_obs           1667 
_reflns_shell.Rmerge_I_obs                2.955 
_reflns_shell.pdbx_chi_squared            0.15 
_reflns_shell.pdbx_redundancy             7.3 
_reflns_shell.percent_possible_obs        88.6 
_reflns_shell.pdbx_netI_over_sigmaI_obs   0.3 
_reflns_shell.pdbx_Rrim_I_all             3.179 
_reflns_shell.pdbx_Rpim_I_all             1.163 
_reflns_shell.pdbx_CC_half                0.225 
_reflns_shell.percent_possible_all        ? 
_reflns_shell.pdbx_Rsym_value             ? 
_reflns_shell.meanI_over_sigI_obs         ? 
# 
_refine.pdbx_refine_id                           'X-RAY DIFFRACTION' 
_refine.entry_id                                 7H45 
_refine.pdbx_diffrn_id                           1 
_refine.pdbx_TLS_residual_ADP_flag               ? 
_refine.ls_number_reflns_obs                     31266 
_refine.ls_number_reflns_all                     ? 
_refine.pdbx_ls_sigma_I                          ? 
_refine.pdbx_ls_sigma_F                          ? 
_refine.pdbx_data_cutoff_high_absF               ? 
_refine.pdbx_data_cutoff_low_absF                ? 
_refine.pdbx_data_cutoff_high_rms_absF           ? 
_refine.ls_d_res_low                             47.37 
_refine.ls_d_res_high                            1.32 
_refine.ls_percent_reflns_obs                    89.84 
_refine.ls_R_factor_obs                          0.24048 
_refine.ls_R_factor_all                          ? 
_refine.ls_R_factor_R_work                       0.23866 
_refine.ls_R_factor_R_free                       0.27412 
_refine.ls_R_factor_R_free_error                 ? 
_refine.ls_R_factor_R_free_error_details         ? 
_refine.ls_percent_reflns_R_free                 5.0 
_refine.ls_number_reflns_R_free                  1635 
_refine.ls_number_parameters                     ? 
_refine.ls_number_restraints                     ? 
_refine.occupancy_min                            ? 
_refine.occupancy_max                            ? 
_refine.correlation_coeff_Fo_to_Fc               0.954 
_refine.correlation_coeff_Fo_to_Fc_free          0.943 
_refine.B_iso_mean                               26.740 
_refine.aniso_B[1][1]                            -0.36 
_refine.aniso_B[2][2]                            0.23 
_refine.aniso_B[3][3]                            0.06 
_refine.aniso_B[1][2]                            -0.00 
_refine.aniso_B[1][3]                            0.43 
_refine.aniso_B[2][3]                            -0.00 
_refine.solvent_model_details                    MASK 
_refine.solvent_model_param_ksol                 ? 
_refine.solvent_model_param_bsol                 ? 
_refine.pdbx_solvent_vdw_probe_radii             1.20 
_refine.pdbx_solvent_ion_probe_radii             0.80 
_refine.pdbx_solvent_shrinkage_radii             0.80 
_refine.pdbx_ls_cross_valid_method               THROUGHOUT 
_refine.details                                  'HYDROGENS HAVE BEEN ADDED IN THE RIDING POSITIONS' 
_refine.pdbx_starting_model                      ? 
_refine.pdbx_method_to_determine_struct          'MOLECULAR REPLACEMENT' 
_refine.pdbx_isotropic_thermal_model             ? 
_refine.pdbx_stereochemistry_target_values       'MAXIMUM LIKELIHOOD' 
_refine.pdbx_stereochem_target_val_spec_case     ? 
_refine.pdbx_R_Free_selection_details            RANDOM 
_refine.pdbx_overall_ESU_R                       0.086 
_refine.pdbx_overall_ESU_R_Free                  0.087 
_refine.overall_SU_ML                            ? 
_refine.pdbx_overall_phase_error                 ? 
_refine.overall_SU_B                             ? 
_refine.overall_SU_R_Cruickshank_DPI             ? 
_refine.pdbx_overall_SU_R_free_Cruickshank_DPI   ? 
_refine.pdbx_overall_SU_R_Blow_DPI               ? 
_refine.pdbx_overall_SU_R_free_Blow_DPI          ? 
# 
_refine_hist.pdbx_refine_id                   'X-RAY DIFFRACTION' 
_refine_hist.cycle_id                         1 
_refine_hist.pdbx_number_atoms_protein        1083 
_refine_hist.pdbx_number_atoms_nucleic_acid   0 
_refine_hist.pdbx_number_atoms_ligand         40 
_refine_hist.number_atoms_solvent             231 
_refine_hist.number_atoms_total               1354 
_refine_hist.d_res_high                       1.32 
_refine_hist.d_res_low                        47.37 
# 
loop_
_refine_ls_restr.type 
_refine_ls_restr.dev_ideal 
_refine_ls_restr.dev_ideal_target 
_refine_ls_restr.weight 
_refine_ls_restr.number 
_refine_ls_restr.pdbx_refine_id 
_refine_ls_restr.pdbx_restraint_function 
r_bond_refined_d             0.024  0.014  ? 1807 'X-RAY DIFFRACTION' ? 
r_bond_other_d               0.036  0.015  ? 1242 'X-RAY DIFFRACTION' ? 
r_angle_refined_deg          1.689  1.637  ? 1979 'X-RAY DIFFRACTION' ? 
r_angle_other_deg            2.447  1.604  ? 2867 'X-RAY DIFFRACTION' ? 
r_dihedral_angle_1_deg       6.855  5.000  ? 184  'X-RAY DIFFRACTION' ? 
r_dihedral_angle_2_deg       33.854 21.948 ? 77   'X-RAY DIFFRACTION' ? 
r_dihedral_angle_3_deg       12.614 15.000 ? 199  'X-RAY DIFFRACTION' ? 
r_dihedral_angle_4_deg       22.633 15.000 ? 9    'X-RAY DIFFRACTION' ? 
r_chiral_restr               0.089  0.200  ? 172  'X-RAY DIFFRACTION' ? 
r_gen_planes_refined         0.009  0.020  ? 1773 'X-RAY DIFFRACTION' ? 
r_gen_planes_other           0.012  0.020  ? 345  'X-RAY DIFFRACTION' ? 
r_nbd_refined                ?      ?      ? ?    'X-RAY DIFFRACTION' ? 
r_nbd_other                  ?      ?      ? ?    'X-RAY DIFFRACTION' ? 
r_nbtor_refined              ?      ?      ? ?    'X-RAY DIFFRACTION' ? 
r_nbtor_other                ?      ?      ? ?    'X-RAY DIFFRACTION' ? 
r_xyhbond_nbd_refined        ?      ?      ? ?    'X-RAY DIFFRACTION' ? 
r_xyhbond_nbd_other          ?      ?      ? ?    'X-RAY DIFFRACTION' ? 
r_metal_ion_refined          ?      ?      ? ?    'X-RAY DIFFRACTION' ? 
r_metal_ion_other            ?      ?      ? ?    'X-RAY DIFFRACTION' ? 
r_symmetry_vdw_refined       ?      ?      ? ?    'X-RAY DIFFRACTION' ? 
r_symmetry_vdw_other         ?      ?      ? ?    'X-RAY DIFFRACTION' ? 
r_symmetry_hbond_refined     ?      ?      ? ?    'X-RAY DIFFRACTION' ? 
r_symmetry_hbond_other       ?      ?      ? ?    'X-RAY DIFFRACTION' ? 
r_symmetry_metal_ion_refined ?      ?      ? ?    'X-RAY DIFFRACTION' ? 
r_symmetry_metal_ion_other   ?      ?      ? ?    'X-RAY DIFFRACTION' ? 
r_mcbond_it                  1.853  2.760  ? 883  'X-RAY DIFFRACTION' ? 
r_mcbond_other               1.859  2.747  ? 877  'X-RAY DIFFRACTION' ? 
r_mcangle_it                 3.056  3.887  ? 898  'X-RAY DIFFRACTION' ? 
r_mcangle_other              3.054  3.886  ? 899  'X-RAY DIFFRACTION' ? 
r_scbond_it                  1.925  2.907  ? 921  'X-RAY DIFFRACTION' ? 
r_scbond_other               1.924  2.906  ? 921  'X-RAY DIFFRACTION' ? 
r_scangle_it                 ?      ?      ? ?    'X-RAY DIFFRACTION' ? 
r_scangle_other              2.928  4.166  ? 1072 'X-RAY DIFFRACTION' ? 
r_long_range_B_refined       7.539  35.168 ? 1869 'X-RAY DIFFRACTION' ? 
r_long_range_B_other         7.537  35.193 ? 1870 'X-RAY DIFFRACTION' ? 
r_rigid_bond_restr           ?      ?      ? ?    'X-RAY DIFFRACTION' ? 
r_sphericity_free            ?      ?      ? ?    'X-RAY DIFFRACTION' ? 
r_sphericity_bonded          ?      ?      ? ?    'X-RAY DIFFRACTION' ? 
# 
_refine_ls_shell.pdbx_refine_id                   'X-RAY DIFFRACTION' 
_refine_ls_shell.pdbx_total_number_of_bins_used   20 
_refine_ls_shell.d_res_high                       1.320 
_refine_ls_shell.d_res_low                        1.354 
_refine_ls_shell.number_reflns_R_work             1648 
_refine_ls_shell.R_factor_R_work                  0.387 
_refine_ls_shell.percent_reflns_obs               63.90 
_refine_ls_shell.R_factor_R_free                  0.435 
_refine_ls_shell.R_factor_R_free_error            ? 
_refine_ls_shell.percent_reflns_R_free            ? 
_refine_ls_shell.number_reflns_R_free             81 
_refine_ls_shell.number_reflns_all                ? 
_refine_ls_shell.R_factor_all                     ? 
# 
_struct.entry_id                  7H45 
_struct.title                     
;Group deposition for crystallographic fragment screening of Coxsackievirus A16 (G-10) 2A protease -- Crystal structure of Coxsackievirus A16 (G-10) 2A protease in complex with Z1259207775 (A71EV2A-x0556)
;
_struct.pdbx_model_details        ? 
_struct.pdbx_CASP_flag            ? 
_struct.pdbx_model_type_details   ? 
# 
_struct_keywords.entry_id        7H45 
_struct_keywords.pdbx_keywords   HYDROLASE 
_struct_keywords.text            
;Diamond Light Source, I03, ASAP, Coxsackievirus A16, crystallographic fragment screening, PanDDA, Pandda2, XChemExplorer, viral protein, HYDROLASE
;
# 
loop_
_struct_asym.id 
_struct_asym.pdbx_blank_PDB_chainid_flag 
_struct_asym.pdbx_modified 
_struct_asym.entity_id 
_struct_asym.details 
A N N 1 ? 
B N N 2 ? 
C N N 3 ? 
D N N 4 ? 
E N N 4 ? 
F N N 4 ? 
G N N 4 ? 
H N N 4 ? 
I N N 5 ? 
J N N 6 ? 
# 
_struct_ref.id                         1 
_struct_ref.db_name                    UNP 
_struct_ref.db_code                    POLG_CX16G 
_struct_ref.pdbx_db_accession          Q65900 
_struct_ref.pdbx_db_isoform            ? 
_struct_ref.entity_id                  1 
_struct_ref.pdbx_seq_one_letter_code   
;SGAIYVGNYRVVNRHLATHNDWANLVWEDSSRDLLVSSTTAQGCDTIARCDCQTGVYYCSSRRKHYPVSFSKPSLIFVEA
SEYYPARYQSHLMLAVGHSEPGDCGGILRCQHGVVGIVSTGGNGLVGFADVRDLLWLDEEAMEQ
;
_struct_ref.pdbx_align_begin           869 
# 
_struct_ref_seq.align_id                      1 
_struct_ref_seq.ref_id                        1 
_struct_ref_seq.pdbx_PDB_id_code              7H45 
_struct_ref_seq.pdbx_strand_id                A 
_struct_ref_seq.seq_align_beg                 7 
_struct_ref_seq.pdbx_seq_align_beg_ins_code   ? 
_struct_ref_seq.seq_align_end                 150 
_struct_ref_seq.pdbx_seq_align_end_ins_code   ? 
_struct_ref_seq.pdbx_db_accession             Q65900 
_struct_ref_seq.db_align_beg                  869 
_struct_ref_seq.pdbx_db_align_beg_ins_code    ? 
_struct_ref_seq.db_align_end                  1012 
_struct_ref_seq.pdbx_db_align_end_ins_code    ? 
_struct_ref_seq.pdbx_auth_seq_align_beg       7 
_struct_ref_seq.pdbx_auth_seq_align_end       150 
# 
loop_
_struct_ref_seq_dif.align_id 
_struct_ref_seq_dif.pdbx_pdb_id_code 
_struct_ref_seq_dif.mon_id 
_struct_ref_seq_dif.pdbx_pdb_strand_id 
_struct_ref_seq_dif.seq_num 
_struct_ref_seq_dif.pdbx_pdb_ins_code 
_struct_ref_seq_dif.pdbx_seq_db_name 
_struct_ref_seq_dif.pdbx_seq_db_accession_code 
_struct_ref_seq_dif.db_mon_id 
_struct_ref_seq_dif.pdbx_seq_db_seq_num 
_struct_ref_seq_dif.details 
_struct_ref_seq_dif.pdbx_auth_seq_num 
_struct_ref_seq_dif.pdbx_ordinal 
1 7H45 GLN A 1 ? UNP Q65900 ? ? 'expression tag' 1 1 
1 7H45 GLU A 2 ? UNP Q65900 ? ? 'expression tag' 2 2 
1 7H45 GLN A 3 ? UNP Q65900 ? ? 'expression tag' 3 3 
1 7H45 THR A 4 ? UNP Q65900 ? ? 'expression tag' 4 4 
1 7H45 GLY A 5 ? UNP Q65900 ? ? 'expression tag' 5 5 
1 7H45 GLY A 6 ? UNP Q65900 ? ? 'expression tag' 6 6 
# 
_pdbx_struct_assembly.id                   1 
_pdbx_struct_assembly.details              author_and_software_defined_assembly 
_pdbx_struct_assembly.method_details       PISA 
_pdbx_struct_assembly.oligomeric_details   monomeric 
_pdbx_struct_assembly.oligomeric_count     1 
# 
loop_
_pdbx_struct_assembly_prop.biol_id 
_pdbx_struct_assembly_prop.type 
_pdbx_struct_assembly_prop.value 
_pdbx_struct_assembly_prop.details 
1 'ABSA (A^2)' 1250 ? 
1 MORE         -2   ? 
1 'SSA (A^2)'  7400 ? 
# 
_pdbx_struct_assembly_gen.assembly_id       1 
_pdbx_struct_assembly_gen.oper_expression   1 
_pdbx_struct_assembly_gen.asym_id_list      A,B,C,D,E,F,G,H,I,J 
# 
_pdbx_struct_oper_list.id                   1 
_pdbx_struct_oper_list.type                 'identity operation' 
_pdbx_struct_oper_list.name                 1_555 
_pdbx_struct_oper_list.symmetry_operation   x,y,z 
_pdbx_struct_oper_list.matrix[1][1]         1.0000000000 
_pdbx_struct_oper_list.matrix[1][2]         0.0000000000 
_pdbx_struct_oper_list.matrix[1][3]         0.0000000000 
_pdbx_struct_oper_list.vector[1]            0.0000000000 
_pdbx_struct_oper_list.matrix[2][1]         0.0000000000 
_pdbx_struct_oper_list.matrix[2][2]         1.0000000000 
_pdbx_struct_oper_list.matrix[2][3]         0.0000000000 
_pdbx_struct_oper_list.vector[2]            0.0000000000 
_pdbx_struct_oper_list.matrix[3][1]         0.0000000000 
_pdbx_struct_oper_list.matrix[3][2]         0.0000000000 
_pdbx_struct_oper_list.matrix[3][3]         1.0000000000 
_pdbx_struct_oper_list.vector[3]            0.0000000000 
# 
loop_
_struct_conf.conf_type_id 
_struct_conf.id 
_struct_conf.pdbx_PDB_helix_id 
_struct_conf.beg_label_comp_id 
_struct_conf.beg_label_asym_id 
_struct_conf.beg_label_seq_id 
_struct_conf.pdbx_beg_PDB_ins_code 
_struct_conf.end_label_comp_id 
_struct_conf.end_label_asym_id 
_struct_conf.end_label_seq_id 
_struct_conf.pdbx_end_PDB_ins_code 
_struct_conf.beg_auth_comp_id 
_struct_conf.beg_auth_asym_id 
_struct_conf.beg_auth_seq_id 
_struct_conf.end_auth_comp_id 
_struct_conf.end_auth_asym_id 
_struct_conf.end_auth_seq_id 
_struct_conf.pdbx_PDB_helix_class 
_struct_conf.details 
_struct_conf.pdbx_PDB_helix_length 
HELX_P HELX_P1 AA1 HIS A 21  ? ALA A 23  ? HIS A 21  ALA A 23  5 ? 3 
HELX_P HELX_P2 AA2 THR A 24  ? ASN A 30  ? THR A 24  ASN A 30  1 ? 7 
HELX_P HELX_P3 AA3 SER A 66  ? ARG A 69  ? SER A 66  ARG A 69  5 ? 4 
HELX_P HELX_P4 AA4 GLU A 106 ? CYS A 110 ? GLU A 106 CYS A 110 5 ? 5 
HELX_P HELX_P5 AA5 LEU A 140 ? GLU A 145 ? LEU A 140 GLU A 145 5 ? 6 
# 
_struct_conf_type.id          HELX_P 
_struct_conf_type.criteria    ? 
_struct_conf_type.reference   ? 
# 
loop_
_struct_conn.id 
_struct_conn.conn_type_id 
_struct_conn.pdbx_leaving_atom_flag 
_struct_conn.pdbx_PDB_id 
_struct_conn.ptnr1_label_asym_id 
_struct_conn.ptnr1_label_comp_id 
_struct_conn.ptnr1_label_seq_id 
_struct_conn.ptnr1_label_atom_id 
_struct_conn.pdbx_ptnr1_label_alt_id 
_struct_conn.pdbx_ptnr1_PDB_ins_code 
_struct_conn.pdbx_ptnr1_standard_comp_id 
_struct_conn.ptnr1_symmetry 
_struct_conn.ptnr2_label_asym_id 
_struct_conn.ptnr2_label_comp_id 
_struct_conn.ptnr2_label_seq_id 
_struct_conn.ptnr2_label_atom_id 
_struct_conn.pdbx_ptnr2_label_alt_id 
_struct_conn.pdbx_ptnr2_PDB_ins_code 
_struct_conn.ptnr1_auth_asym_id 
_struct_conn.ptnr1_auth_comp_id 
_struct_conn.ptnr1_auth_seq_id 
_struct_conn.ptnr2_auth_asym_id 
_struct_conn.ptnr2_auth_comp_id 
_struct_conn.ptnr2_auth_seq_id 
_struct_conn.ptnr2_symmetry 
_struct_conn.pdbx_ptnr3_label_atom_id 
_struct_conn.pdbx_ptnr3_label_seq_id 
_struct_conn.pdbx_ptnr3_label_comp_id 
_struct_conn.pdbx_ptnr3_label_asym_id 
_struct_conn.pdbx_ptnr3_label_alt_id 
_struct_conn.pdbx_ptnr3_PDB_ins_code 
_struct_conn.details 
_struct_conn.pdbx_dist_value 
_struct_conn.pdbx_value_order 
_struct_conn.pdbx_role 
metalc1 metalc ? ? A CYS 56  SG  ? ? ? 1_555 C ZN . ZN ? ? A CYS 56  A ZN 202 1_555 ? ? ? ? ? ? ? 2.385 ? ? 
metalc2 metalc ? ? A CYS 58  SG  ? ? ? 1_555 C ZN . ZN ? ? A CYS 58  A ZN 202 1_555 ? ? ? ? ? ? ? 2.321 ? ? 
metalc3 metalc ? ? A CYS 116 SG  ? ? ? 1_555 C ZN . ZN ? ? A CYS 116 A ZN 202 1_555 ? ? ? ? ? ? ? 2.268 ? ? 
metalc4 metalc ? ? A HIS 118 ND1 ? ? ? 1_555 C ZN . ZN ? ? A HIS 118 A ZN 202 1_555 ? ? ? ? ? ? ? 2.105 ? ? 
# 
_struct_conn_type.id          metalc 
_struct_conn_type.criteria    ? 
_struct_conn_type.reference   ? 
# 
loop_
_pdbx_struct_conn_angle.id 
_pdbx_struct_conn_angle.ptnr1_label_atom_id 
_pdbx_struct_conn_angle.ptnr1_label_alt_id 
_pdbx_struct_conn_angle.ptnr1_label_asym_id 
_pdbx_struct_conn_angle.ptnr1_label_comp_id 
_pdbx_struct_conn_angle.ptnr1_label_seq_id 
_pdbx_struct_conn_angle.ptnr1_auth_atom_id 
_pdbx_struct_conn_angle.ptnr1_auth_asym_id 
_pdbx_struct_conn_angle.ptnr1_auth_comp_id 
_pdbx_struct_conn_angle.ptnr1_auth_seq_id 
_pdbx_struct_conn_angle.ptnr1_PDB_ins_code 
_pdbx_struct_conn_angle.ptnr1_symmetry 
_pdbx_struct_conn_angle.ptnr2_label_atom_id 
_pdbx_struct_conn_angle.ptnr2_label_alt_id 
_pdbx_struct_conn_angle.ptnr2_label_asym_id 
_pdbx_struct_conn_angle.ptnr2_label_comp_id 
_pdbx_struct_conn_angle.ptnr2_label_seq_id 
_pdbx_struct_conn_angle.ptnr2_auth_atom_id 
_pdbx_struct_conn_angle.ptnr2_auth_asym_id 
_pdbx_struct_conn_angle.ptnr2_auth_comp_id 
_pdbx_struct_conn_angle.ptnr2_auth_seq_id 
_pdbx_struct_conn_angle.ptnr2_PDB_ins_code 
_pdbx_struct_conn_angle.ptnr2_symmetry 
_pdbx_struct_conn_angle.ptnr3_label_atom_id 
_pdbx_struct_conn_angle.ptnr3_label_alt_id 
_pdbx_struct_conn_angle.ptnr3_label_asym_id 
_pdbx_struct_conn_angle.ptnr3_label_comp_id 
_pdbx_struct_conn_angle.ptnr3_label_seq_id 
_pdbx_struct_conn_angle.ptnr3_auth_atom_id 
_pdbx_struct_conn_angle.ptnr3_auth_asym_id 
_pdbx_struct_conn_angle.ptnr3_auth_comp_id 
_pdbx_struct_conn_angle.ptnr3_auth_seq_id 
_pdbx_struct_conn_angle.ptnr3_PDB_ins_code 
_pdbx_struct_conn_angle.ptnr3_symmetry 
_pdbx_struct_conn_angle.value 
_pdbx_struct_conn_angle.value_esd 
1 SG ? A CYS 56  ? A CYS 56  ? 1_555 ZN ? C ZN . ? A ZN 202 ? 1_555 SG  ? A CYS 58  ? A CYS 58  ? 1_555 108.5 ? 
2 SG ? A CYS 56  ? A CYS 56  ? 1_555 ZN ? C ZN . ? A ZN 202 ? 1_555 SG  ? A CYS 116 ? A CYS 116 ? 1_555 106.3 ? 
3 SG ? A CYS 58  ? A CYS 58  ? 1_555 ZN ? C ZN . ? A ZN 202 ? 1_555 SG  ? A CYS 116 ? A CYS 116 ? 1_555 117.0 ? 
4 SG ? A CYS 56  ? A CYS 56  ? 1_555 ZN ? C ZN . ? A ZN 202 ? 1_555 ND1 ? A HIS 118 ? A HIS 118 ? 1_555 107.3 ? 
5 SG ? A CYS 58  ? A CYS 58  ? 1_555 ZN ? C ZN . ? A ZN 202 ? 1_555 ND1 ? A HIS 118 ? A HIS 118 ? 1_555 101.0 ? 
6 SG ? A CYS 116 ? A CYS 116 ? 1_555 ZN ? C ZN . ? A ZN 202 ? 1_555 ND1 ? A HIS 118 ? A HIS 118 ? 1_555 116.2 ? 
# 
loop_
_struct_sheet.id 
_struct_sheet.type 
_struct_sheet.number_strands 
_struct_sheet.details 
AA1 ? 3 ? 
AA2 ? 7 ? 
# 
loop_
_struct_sheet_order.sheet_id 
_struct_sheet_order.range_id_1 
_struct_sheet_order.range_id_2 
_struct_sheet_order.offset 
_struct_sheet_order.sense 
AA1 1 2 ? anti-parallel 
AA1 2 3 ? anti-parallel 
AA2 1 2 ? anti-parallel 
AA2 2 3 ? anti-parallel 
AA2 3 4 ? anti-parallel 
AA2 4 5 ? anti-parallel 
AA2 5 6 ? anti-parallel 
AA2 6 7 ? anti-parallel 
# 
loop_
_struct_sheet_range.sheet_id 
_struct_sheet_range.id 
_struct_sheet_range.beg_label_comp_id 
_struct_sheet_range.beg_label_asym_id 
_struct_sheet_range.beg_label_seq_id 
_struct_sheet_range.pdbx_beg_PDB_ins_code 
_struct_sheet_range.end_label_comp_id 
_struct_sheet_range.end_label_asym_id 
_struct_sheet_range.end_label_seq_id 
_struct_sheet_range.pdbx_end_PDB_ins_code 
_struct_sheet_range.beg_auth_comp_id 
_struct_sheet_range.beg_auth_asym_id 
_struct_sheet_range.beg_auth_seq_id 
_struct_sheet_range.end_auth_comp_id 
_struct_sheet_range.end_auth_asym_id 
_struct_sheet_range.end_auth_seq_id 
AA1 1 LEU A 31  ? ASP A 35  ? LEU A 31  ASP A 35  
AA1 2 LEU A 40  ? CYS A 50  ? LEU A 40  CYS A 50  
AA1 3 ILE A 10  ? ASN A 19  ? ILE A 10  ASN A 19  
AA2 1 LYS A 70  ? SER A 75  ? LYS A 70  SER A 75  
AA2 2 THR A 60  ? CYS A 65  ? THR A 60  CYS A 65  
AA2 3 ILE A 113 ? CYS A 116 ? ILE A 113 CYS A 116 
AA2 4 GLY A 119 ? THR A 126 ? GLY A 119 THR A 126 
AA2 5 LEU A 131 ? ASP A 136 ? LEU A 131 ASP A 136 
AA2 6 ARG A 93  ? VAL A 102 ? ARG A 93  VAL A 102 
AA2 7 SER A 80  ? VAL A 84  ? SER A 80  VAL A 84  
# 
loop_
_pdbx_struct_sheet_hbond.sheet_id 
_pdbx_struct_sheet_hbond.range_id_1 
_pdbx_struct_sheet_hbond.range_id_2 
_pdbx_struct_sheet_hbond.range_1_label_atom_id 
_pdbx_struct_sheet_hbond.range_1_label_comp_id 
_pdbx_struct_sheet_hbond.range_1_label_asym_id 
_pdbx_struct_sheet_hbond.range_1_label_seq_id 
_pdbx_struct_sheet_hbond.range_1_PDB_ins_code 
_pdbx_struct_sheet_hbond.range_1_auth_atom_id 
_pdbx_struct_sheet_hbond.range_1_auth_comp_id 
_pdbx_struct_sheet_hbond.range_1_auth_asym_id 
_pdbx_struct_sheet_hbond.range_1_auth_seq_id 
_pdbx_struct_sheet_hbond.range_2_label_atom_id 
_pdbx_struct_sheet_hbond.range_2_label_comp_id 
_pdbx_struct_sheet_hbond.range_2_label_asym_id 
_pdbx_struct_sheet_hbond.range_2_label_seq_id 
_pdbx_struct_sheet_hbond.range_2_PDB_ins_code 
_pdbx_struct_sheet_hbond.range_2_auth_atom_id 
_pdbx_struct_sheet_hbond.range_2_auth_comp_id 
_pdbx_struct_sheet_hbond.range_2_auth_asym_id 
_pdbx_struct_sheet_hbond.range_2_auth_seq_id 
AA1 1 2 N VAL A 32  ? N VAL A 32  O VAL A 42  ? O VAL A 42  
AA1 2 3 N LEU A 41  ? N LEU A 41  O VAL A 18  ? O VAL A 18  
AA2 1 2 O LYS A 70  ? O LYS A 70  N CYS A 65  ? N CYS A 65  
AA2 2 3 N VAL A 62  ? N VAL A 62  O ARG A 115 ? O ARG A 115 
AA2 3 4 N LEU A 114 ? N LEU A 114 O VAL A 121 ? O VAL A 121 
AA2 4 5 N SER A 125 ? N SER A 125 O GLY A 133 ? O GLY A 133 
AA2 5 6 O VAL A 132 ? O VAL A 132 N ALA A 101 ? N ALA A 101 
AA2 6 7 O ARG A 93  ? O ARG A 93  N VAL A 84  ? N VAL A 84  
# 
_pdbx_entry_details.entry_id                   7H45 
_pdbx_entry_details.compound_details           ? 
_pdbx_entry_details.source_details             ? 
_pdbx_entry_details.nonpolymer_details         ? 
_pdbx_entry_details.sequence_details           ? 
_pdbx_entry_details.has_ligand_of_interest     ? 
_pdbx_entry_details.has_protein_modification   N 
# 
loop_
_pdbx_validate_close_contact.id 
_pdbx_validate_close_contact.PDB_model_num 
_pdbx_validate_close_contact.auth_atom_id_1 
_pdbx_validate_close_contact.auth_asym_id_1 
_pdbx_validate_close_contact.auth_comp_id_1 
_pdbx_validate_close_contact.auth_seq_id_1 
_pdbx_validate_close_contact.PDB_ins_code_1 
_pdbx_validate_close_contact.label_alt_id_1 
_pdbx_validate_close_contact.auth_atom_id_2 
_pdbx_validate_close_contact.auth_asym_id_2 
_pdbx_validate_close_contact.auth_comp_id_2 
_pdbx_validate_close_contact.auth_seq_id_2 
_pdbx_validate_close_contact.PDB_ins_code_2 
_pdbx_validate_close_contact.label_alt_id_2 
_pdbx_validate_close_contact.dist 
1 1 O A HOH 321 ? ? O A HOH 344 ? ? 1.93 
2 1 O A PRO 79  ? ? O A HOH 301 ? ? 2.16 
# 
_pdbx_validate_symm_contact.id                1 
_pdbx_validate_symm_contact.PDB_model_num     1 
_pdbx_validate_symm_contact.auth_atom_id_1    O3 
_pdbx_validate_symm_contact.auth_asym_id_1    A 
_pdbx_validate_symm_contact.auth_comp_id_1    SO4 
_pdbx_validate_symm_contact.auth_seq_id_1     208 
_pdbx_validate_symm_contact.PDB_ins_code_1    ? 
_pdbx_validate_symm_contact.label_alt_id_1    ? 
_pdbx_validate_symm_contact.site_symmetry_1   1_555 
_pdbx_validate_symm_contact.auth_atom_id_2    O4 
_pdbx_validate_symm_contact.auth_asym_id_2    A 
_pdbx_validate_symm_contact.auth_comp_id_2    SO4 
_pdbx_validate_symm_contact.auth_seq_id_2     208 
_pdbx_validate_symm_contact.PDB_ins_code_2    ? 
_pdbx_validate_symm_contact.label_alt_id_2    ? 
_pdbx_validate_symm_contact.site_symmetry_2   2_556 
_pdbx_validate_symm_contact.dist              1.24 
# 
_pdbx_validate_torsion.id              1 
_pdbx_validate_torsion.PDB_model_num   1 
_pdbx_validate_torsion.auth_comp_id    ASN 
_pdbx_validate_torsion.auth_asym_id    A 
_pdbx_validate_torsion.auth_seq_id     14 
_pdbx_validate_torsion.PDB_ins_code    ? 
_pdbx_validate_torsion.label_alt_id    ? 
_pdbx_validate_torsion.phi             -106.75 
_pdbx_validate_torsion.psi             41.89 
# 
loop_
_pdbx_distant_solvent_atoms.id 
_pdbx_distant_solvent_atoms.PDB_model_num 
_pdbx_distant_solvent_atoms.auth_atom_id 
_pdbx_distant_solvent_atoms.label_alt_id 
_pdbx_distant_solvent_atoms.auth_asym_id 
_pdbx_distant_solvent_atoms.auth_comp_id 
_pdbx_distant_solvent_atoms.auth_seq_id 
_pdbx_distant_solvent_atoms.PDB_ins_code 
_pdbx_distant_solvent_atoms.neighbor_macromolecule_distance 
_pdbx_distant_solvent_atoms.neighbor_ligand_distance 
1 1 O ? A HOH 530 ? 6.03 . 
2 1 O ? A HOH 531 ? 8.26 . 
# 
loop_
_pdbx_unobs_or_zero_occ_residues.id 
_pdbx_unobs_or_zero_occ_residues.PDB_model_num 
_pdbx_unobs_or_zero_occ_residues.polymer_flag 
_pdbx_unobs_or_zero_occ_residues.occupancy_flag 
_pdbx_unobs_or_zero_occ_residues.auth_asym_id 
_pdbx_unobs_or_zero_occ_residues.auth_comp_id 
_pdbx_unobs_or_zero_occ_residues.auth_seq_id 
_pdbx_unobs_or_zero_occ_residues.PDB_ins_code 
_pdbx_unobs_or_zero_occ_residues.label_asym_id 
_pdbx_unobs_or_zero_occ_residues.label_comp_id 
_pdbx_unobs_or_zero_occ_residues.label_seq_id 
1  1 Y 1 A GLN 1   ? A GLN 1   
2  1 Y 1 A GLU 2   ? A GLU 2   
3  1 Y 1 A GLN 3   ? A GLN 3   
4  1 Y 1 A THR 4   ? A THR 4   
5  1 Y 1 A GLY 5   ? A GLY 5   
6  1 Y 1 A GLY 6   ? A GLY 6   
7  1 Y 1 A ALA 147 ? A ALA 147 
8  1 Y 1 A MET 148 ? A MET 148 
9  1 Y 1 A GLU 149 ? A GLU 149 
10 1 Y 1 A GLN 150 ? A GLN 150 
# 
loop_
_chem_comp_atom.comp_id 
_chem_comp_atom.atom_id 
_chem_comp_atom.type_symbol 
_chem_comp_atom.pdbx_aromatic_flag 
_chem_comp_atom.pdbx_stereo_config 
_chem_comp_atom.pdbx_ordinal 
A1ANA N1   N  N N 1   
A1ANA N3   N  N N 2   
A1ANA C4   C  N N 3   
A1ANA C5   C  N N 4   
A1ANA C6   C  N N 5   
A1ANA C7   C  N N 6   
A1ANA C8   C  N N 7   
A1ANA N    N  Y N 8   
A1ANA C    C  N N 9   
A1ANA O    O  N N 10  
A1ANA C1   C  Y N 11  
A1ANA C2   C  Y N 12  
A1ANA C3   C  Y N 13  
A1ANA N2   N  Y N 14  
A1ANA H4   H  N N 15  
A1ANA H5   H  N N 16  
A1ANA H6   H  N N 17  
A1ANA H7   H  N N 18  
A1ANA H9   H  N N 19  
A1ANA H8   H  N N 20  
A1ANA H11  H  N N 21  
A1ANA H10  H  N N 22  
A1ANA H13  H  N N 23  
A1ANA H12  H  N N 24  
A1ANA H1   H  N N 25  
A1ANA H    H  N N 26  
A1ANA H2   H  N N 27  
A1ANA H3   H  N N 28  
ALA   N    N  N N 29  
ALA   CA   C  N S 30  
ALA   C    C  N N 31  
ALA   O    O  N N 32  
ALA   CB   C  N N 33  
ALA   OXT  O  N N 34  
ALA   H    H  N N 35  
ALA   H2   H  N N 36  
ALA   HA   H  N N 37  
ALA   HB1  H  N N 38  
ALA   HB2  H  N N 39  
ALA   HB3  H  N N 40  
ALA   HXT  H  N N 41  
ARG   N    N  N N 42  
ARG   CA   C  N S 43  
ARG   C    C  N N 44  
ARG   O    O  N N 45  
ARG   CB   C  N N 46  
ARG   CG   C  N N 47  
ARG   CD   C  N N 48  
ARG   NE   N  N N 49  
ARG   CZ   C  N N 50  
ARG   NH1  N  N N 51  
ARG   NH2  N  N N 52  
ARG   OXT  O  N N 53  
ARG   H    H  N N 54  
ARG   H2   H  N N 55  
ARG   HA   H  N N 56  
ARG   HB2  H  N N 57  
ARG   HB3  H  N N 58  
ARG   HG2  H  N N 59  
ARG   HG3  H  N N 60  
ARG   HD2  H  N N 61  
ARG   HD3  H  N N 62  
ARG   HE   H  N N 63  
ARG   HH11 H  N N 64  
ARG   HH12 H  N N 65  
ARG   HH21 H  N N 66  
ARG   HH22 H  N N 67  
ARG   HXT  H  N N 68  
ASN   N    N  N N 69  
ASN   CA   C  N S 70  
ASN   C    C  N N 71  
ASN   O    O  N N 72  
ASN   CB   C  N N 73  
ASN   CG   C  N N 74  
ASN   OD1  O  N N 75  
ASN   ND2  N  N N 76  
ASN   OXT  O  N N 77  
ASN   H    H  N N 78  
ASN   H2   H  N N 79  
ASN   HA   H  N N 80  
ASN   HB2  H  N N 81  
ASN   HB3  H  N N 82  
ASN   HD21 H  N N 83  
ASN   HD22 H  N N 84  
ASN   HXT  H  N N 85  
ASP   N    N  N N 86  
ASP   CA   C  N S 87  
ASP   C    C  N N 88  
ASP   O    O  N N 89  
ASP   CB   C  N N 90  
ASP   CG   C  N N 91  
ASP   OD1  O  N N 92  
ASP   OD2  O  N N 93  
ASP   OXT  O  N N 94  
ASP   H    H  N N 95  
ASP   H2   H  N N 96  
ASP   HA   H  N N 97  
ASP   HB2  H  N N 98  
ASP   HB3  H  N N 99  
ASP   HD2  H  N N 100 
ASP   HXT  H  N N 101 
CYS   N    N  N N 102 
CYS   CA   C  N R 103 
CYS   C    C  N N 104 
CYS   O    O  N N 105 
CYS   CB   C  N N 106 
CYS   SG   S  N N 107 
CYS   OXT  O  N N 108 
CYS   H    H  N N 109 
CYS   H2   H  N N 110 
CYS   HA   H  N N 111 
CYS   HB2  H  N N 112 
CYS   HB3  H  N N 113 
CYS   HG   H  N N 114 
CYS   HXT  H  N N 115 
DMS   S    S  N N 116 
DMS   O    O  N N 117 
DMS   C1   C  N N 118 
DMS   C2   C  N N 119 
DMS   H11  H  N N 120 
DMS   H12  H  N N 121 
DMS   H13  H  N N 122 
DMS   H21  H  N N 123 
DMS   H22  H  N N 124 
DMS   H23  H  N N 125 
GLN   N    N  N N 126 
GLN   CA   C  N S 127 
GLN   C    C  N N 128 
GLN   O    O  N N 129 
GLN   CB   C  N N 130 
GLN   CG   C  N N 131 
GLN   CD   C  N N 132 
GLN   OE1  O  N N 133 
GLN   NE2  N  N N 134 
GLN   OXT  O  N N 135 
GLN   H    H  N N 136 
GLN   H2   H  N N 137 
GLN   HA   H  N N 138 
GLN   HB2  H  N N 139 
GLN   HB3  H  N N 140 
GLN   HG2  H  N N 141 
GLN   HG3  H  N N 142 
GLN   HE21 H  N N 143 
GLN   HE22 H  N N 144 
GLN   HXT  H  N N 145 
GLU   N    N  N N 146 
GLU   CA   C  N S 147 
GLU   C    C  N N 148 
GLU   O    O  N N 149 
GLU   CB   C  N N 150 
GLU   CG   C  N N 151 
GLU   CD   C  N N 152 
GLU   OE1  O  N N 153 
GLU   OE2  O  N N 154 
GLU   OXT  O  N N 155 
GLU   H    H  N N 156 
GLU   H2   H  N N 157 
GLU   HA   H  N N 158 
GLU   HB2  H  N N 159 
GLU   HB3  H  N N 160 
GLU   HG2  H  N N 161 
GLU   HG3  H  N N 162 
GLU   HE2  H  N N 163 
GLU   HXT  H  N N 164 
GLY   N    N  N N 165 
GLY   CA   C  N N 166 
GLY   C    C  N N 167 
GLY   O    O  N N 168 
GLY   OXT  O  N N 169 
GLY   H    H  N N 170 
GLY   H2   H  N N 171 
GLY   HA2  H  N N 172 
GLY   HA3  H  N N 173 
GLY   HXT  H  N N 174 
HIS   N    N  N N 175 
HIS   CA   C  N S 176 
HIS   C    C  N N 177 
HIS   O    O  N N 178 
HIS   CB   C  N N 179 
HIS   CG   C  Y N 180 
HIS   ND1  N  Y N 181 
HIS   CD2  C  Y N 182 
HIS   CE1  C  Y N 183 
HIS   NE2  N  Y N 184 
HIS   OXT  O  N N 185 
HIS   H    H  N N 186 
HIS   H2   H  N N 187 
HIS   HA   H  N N 188 
HIS   HB2  H  N N 189 
HIS   HB3  H  N N 190 
HIS   HD1  H  N N 191 
HIS   HD2  H  N N 192 
HIS   HE1  H  N N 193 
HIS   HE2  H  N N 194 
HIS   HXT  H  N N 195 
HOH   O    O  N N 196 
HOH   H1   H  N N 197 
HOH   H2   H  N N 198 
ILE   N    N  N N 199 
ILE   CA   C  N S 200 
ILE   C    C  N N 201 
ILE   O    O  N N 202 
ILE   CB   C  N S 203 
ILE   CG1  C  N N 204 
ILE   CG2  C  N N 205 
ILE   CD1  C  N N 206 
ILE   OXT  O  N N 207 
ILE   H    H  N N 208 
ILE   H2   H  N N 209 
ILE   HA   H  N N 210 
ILE   HB   H  N N 211 
ILE   HG12 H  N N 212 
ILE   HG13 H  N N 213 
ILE   HG21 H  N N 214 
ILE   HG22 H  N N 215 
ILE   HG23 H  N N 216 
ILE   HD11 H  N N 217 
ILE   HD12 H  N N 218 
ILE   HD13 H  N N 219 
ILE   HXT  H  N N 220 
LEU   N    N  N N 221 
LEU   CA   C  N S 222 
LEU   C    C  N N 223 
LEU   O    O  N N 224 
LEU   CB   C  N N 225 
LEU   CG   C  N N 226 
LEU   CD1  C  N N 227 
LEU   CD2  C  N N 228 
LEU   OXT  O  N N 229 
LEU   H    H  N N 230 
LEU   H2   H  N N 231 
LEU   HA   H  N N 232 
LEU   HB2  H  N N 233 
LEU   HB3  H  N N 234 
LEU   HG   H  N N 235 
LEU   HD11 H  N N 236 
LEU   HD12 H  N N 237 
LEU   HD13 H  N N 238 
LEU   HD21 H  N N 239 
LEU   HD22 H  N N 240 
LEU   HD23 H  N N 241 
LEU   HXT  H  N N 242 
LYS   N    N  N N 243 
LYS   CA   C  N S 244 
LYS   C    C  N N 245 
LYS   O    O  N N 246 
LYS   CB   C  N N 247 
LYS   CG   C  N N 248 
LYS   CD   C  N N 249 
LYS   CE   C  N N 250 
LYS   NZ   N  N N 251 
LYS   OXT  O  N N 252 
LYS   H    H  N N 253 
LYS   H2   H  N N 254 
LYS   HA   H  N N 255 
LYS   HB2  H  N N 256 
LYS   HB3  H  N N 257 
LYS   HG2  H  N N 258 
LYS   HG3  H  N N 259 
LYS   HD2  H  N N 260 
LYS   HD3  H  N N 261 
LYS   HE2  H  N N 262 
LYS   HE3  H  N N 263 
LYS   HZ1  H  N N 264 
LYS   HZ2  H  N N 265 
LYS   HZ3  H  N N 266 
LYS   HXT  H  N N 267 
MET   N    N  N N 268 
MET   CA   C  N S 269 
MET   C    C  N N 270 
MET   O    O  N N 271 
MET   CB   C  N N 272 
MET   CG   C  N N 273 
MET   SD   S  N N 274 
MET   CE   C  N N 275 
MET   OXT  O  N N 276 
MET   H    H  N N 277 
MET   H2   H  N N 278 
MET   HA   H  N N 279 
MET   HB2  H  N N 280 
MET   HB3  H  N N 281 
MET   HG2  H  N N 282 
MET   HG3  H  N N 283 
MET   HE1  H  N N 284 
MET   HE2  H  N N 285 
MET   HE3  H  N N 286 
MET   HXT  H  N N 287 
PHE   N    N  N N 288 
PHE   CA   C  N S 289 
PHE   C    C  N N 290 
PHE   O    O  N N 291 
PHE   CB   C  N N 292 
PHE   CG   C  Y N 293 
PHE   CD1  C  Y N 294 
PHE   CD2  C  Y N 295 
PHE   CE1  C  Y N 296 
PHE   CE2  C  Y N 297 
PHE   CZ   C  Y N 298 
PHE   OXT  O  N N 299 
PHE   H    H  N N 300 
PHE   H2   H  N N 301 
PHE   HA   H  N N 302 
PHE   HB2  H  N N 303 
PHE   HB3  H  N N 304 
PHE   HD1  H  N N 305 
PHE   HD2  H  N N 306 
PHE   HE1  H  N N 307 
PHE   HE2  H  N N 308 
PHE   HZ   H  N N 309 
PHE   HXT  H  N N 310 
PRO   N    N  N N 311 
PRO   CA   C  N S 312 
PRO   C    C  N N 313 
PRO   O    O  N N 314 
PRO   CB   C  N N 315 
PRO   CG   C  N N 316 
PRO   CD   C  N N 317 
PRO   OXT  O  N N 318 
PRO   H    H  N N 319 
PRO   HA   H  N N 320 
PRO   HB2  H  N N 321 
PRO   HB3  H  N N 322 
PRO   HG2  H  N N 323 
PRO   HG3  H  N N 324 
PRO   HD2  H  N N 325 
PRO   HD3  H  N N 326 
PRO   HXT  H  N N 327 
SER   N    N  N N 328 
SER   CA   C  N S 329 
SER   C    C  N N 330 
SER   O    O  N N 331 
SER   CB   C  N N 332 
SER   OG   O  N N 333 
SER   OXT  O  N N 334 
SER   H    H  N N 335 
SER   H2   H  N N 336 
SER   HA   H  N N 337 
SER   HB2  H  N N 338 
SER   HB3  H  N N 339 
SER   HG   H  N N 340 
SER   HXT  H  N N 341 
SO4   S    S  N N 342 
SO4   O1   O  N N 343 
SO4   O2   O  N N 344 
SO4   O3   O  N N 345 
SO4   O4   O  N N 346 
THR   N    N  N N 347 
THR   CA   C  N S 348 
THR   C    C  N N 349 
THR   O    O  N N 350 
THR   CB   C  N R 351 
THR   OG1  O  N N 352 
THR   CG2  C  N N 353 
THR   OXT  O  N N 354 
THR   H    H  N N 355 
THR   H2   H  N N 356 
THR   HA   H  N N 357 
THR   HB   H  N N 358 
THR   HG1  H  N N 359 
THR   HG21 H  N N 360 
THR   HG22 H  N N 361 
THR   HG23 H  N N 362 
THR   HXT  H  N N 363 
TRP   N    N  N N 364 
TRP   CA   C  N S 365 
TRP   C    C  N N 366 
TRP   O    O  N N 367 
TRP   CB   C  N N 368 
TRP   CG   C  Y N 369 
TRP   CD1  C  Y N 370 
TRP   CD2  C  Y N 371 
TRP   NE1  N  Y N 372 
TRP   CE2  C  Y N 373 
TRP   CE3  C  Y N 374 
TRP   CZ2  C  Y N 375 
TRP   CZ3  C  Y N 376 
TRP   CH2  C  Y N 377 
TRP   OXT  O  N N 378 
TRP   H    H  N N 379 
TRP   H2   H  N N 380 
TRP   HA   H  N N 381 
TRP   HB2  H  N N 382 
TRP   HB3  H  N N 383 
TRP   HD1  H  N N 384 
TRP   HE1  H  N N 385 
TRP   HE3  H  N N 386 
TRP   HZ2  H  N N 387 
TRP   HZ3  H  N N 388 
TRP   HH2  H  N N 389 
TRP   HXT  H  N N 390 
TYR   N    N  N N 391 
TYR   CA   C  N S 392 
TYR   C    C  N N 393 
TYR   O    O  N N 394 
TYR   CB   C  N N 395 
TYR   CG   C  Y N 396 
TYR   CD1  C  Y N 397 
TYR   CD2  C  Y N 398 
TYR   CE1  C  Y N 399 
TYR   CE2  C  Y N 400 
TYR   CZ   C  Y N 401 
TYR   OH   O  N N 402 
TYR   OXT  O  N N 403 
TYR   H    H  N N 404 
TYR   H2   H  N N 405 
TYR   HA   H  N N 406 
TYR   HB2  H  N N 407 
TYR   HB3  H  N N 408 
TYR   HD1  H  N N 409 
TYR   HD2  H  N N 410 
TYR   HE1  H  N N 411 
TYR   HE2  H  N N 412 
TYR   HH   H  N N 413 
TYR   HXT  H  N N 414 
VAL   N    N  N N 415 
VAL   CA   C  N S 416 
VAL   C    C  N N 417 
VAL   O    O  N N 418 
VAL   CB   C  N N 419 
VAL   CG1  C  N N 420 
VAL   CG2  C  N N 421 
VAL   OXT  O  N N 422 
VAL   H    H  N N 423 
VAL   H2   H  N N 424 
VAL   HA   H  N N 425 
VAL   HB   H  N N 426 
VAL   HG11 H  N N 427 
VAL   HG12 H  N N 428 
VAL   HG13 H  N N 429 
VAL   HG21 H  N N 430 
VAL   HG22 H  N N 431 
VAL   HG23 H  N N 432 
VAL   HXT  H  N N 433 
ZN    ZN   ZN N N 434 
# 
loop_
_chem_comp_bond.comp_id 
_chem_comp_bond.atom_id_1 
_chem_comp_bond.atom_id_2 
_chem_comp_bond.value_order 
_chem_comp_bond.pdbx_aromatic_flag 
_chem_comp_bond.pdbx_stereo_config 
_chem_comp_bond.pdbx_ordinal 
A1ANA C   N    sing N N 1   
A1ANA N   C1   sing Y N 2   
A1ANA C1  C2   doub Y N 3   
A1ANA N1  C2   sing N N 4   
A1ANA C2  C3   sing Y N 5   
A1ANA N2  C3   doub Y N 6   
A1ANA N   N2   sing Y N 7   
A1ANA C3  C4   sing N N 8   
A1ANA C4  O    doub N N 9   
A1ANA N3  C4   sing N N 10  
A1ANA C5  N3   sing N N 11  
A1ANA C5  C6   sing N N 12  
A1ANA C6  C7   sing N N 13  
A1ANA C7  C8   sing N N 14  
A1ANA C8  C5   sing N N 15  
A1ANA N1  H4   sing N N 16  
A1ANA N1  H5   sing N N 17  
A1ANA N3  H6   sing N N 18  
A1ANA C5  H7   sing N N 19  
A1ANA C6  H9   sing N N 20  
A1ANA C6  H8   sing N N 21  
A1ANA C7  H11  sing N N 22  
A1ANA C7  H10  sing N N 23  
A1ANA C8  H13  sing N N 24  
A1ANA C8  H12  sing N N 25  
A1ANA C   H1   sing N N 26  
A1ANA C   H    sing N N 27  
A1ANA C   H2   sing N N 28  
A1ANA C1  H3   sing N N 29  
ALA   N   CA   sing N N 30  
ALA   N   H    sing N N 31  
ALA   N   H2   sing N N 32  
ALA   CA  C    sing N N 33  
ALA   CA  CB   sing N N 34  
ALA   CA  HA   sing N N 35  
ALA   C   O    doub N N 36  
ALA   C   OXT  sing N N 37  
ALA   CB  HB1  sing N N 38  
ALA   CB  HB2  sing N N 39  
ALA   CB  HB3  sing N N 40  
ALA   OXT HXT  sing N N 41  
ARG   N   CA   sing N N 42  
ARG   N   H    sing N N 43  
ARG   N   H2   sing N N 44  
ARG   CA  C    sing N N 45  
ARG   CA  CB   sing N N 46  
ARG   CA  HA   sing N N 47  
ARG   C   O    doub N N 48  
ARG   C   OXT  sing N N 49  
ARG   CB  CG   sing N N 50  
ARG   CB  HB2  sing N N 51  
ARG   CB  HB3  sing N N 52  
ARG   CG  CD   sing N N 53  
ARG   CG  HG2  sing N N 54  
ARG   CG  HG3  sing N N 55  
ARG   CD  NE   sing N N 56  
ARG   CD  HD2  sing N N 57  
ARG   CD  HD3  sing N N 58  
ARG   NE  CZ   sing N N 59  
ARG   NE  HE   sing N N 60  
ARG   CZ  NH1  sing N N 61  
ARG   CZ  NH2  doub N N 62  
ARG   NH1 HH11 sing N N 63  
ARG   NH1 HH12 sing N N 64  
ARG   NH2 HH21 sing N N 65  
ARG   NH2 HH22 sing N N 66  
ARG   OXT HXT  sing N N 67  
ASN   N   CA   sing N N 68  
ASN   N   H    sing N N 69  
ASN   N   H2   sing N N 70  
ASN   CA  C    sing N N 71  
ASN   CA  CB   sing N N 72  
ASN   CA  HA   sing N N 73  
ASN   C   O    doub N N 74  
ASN   C   OXT  sing N N 75  
ASN   CB  CG   sing N N 76  
ASN   CB  HB2  sing N N 77  
ASN   CB  HB3  sing N N 78  
ASN   CG  OD1  doub N N 79  
ASN   CG  ND2  sing N N 80  
ASN   ND2 HD21 sing N N 81  
ASN   ND2 HD22 sing N N 82  
ASN   OXT HXT  sing N N 83  
ASP   N   CA   sing N N 84  
ASP   N   H    sing N N 85  
ASP   N   H2   sing N N 86  
ASP   CA  C    sing N N 87  
ASP   CA  CB   sing N N 88  
ASP   CA  HA   sing N N 89  
ASP   C   O    doub N N 90  
ASP   C   OXT  sing N N 91  
ASP   CB  CG   sing N N 92  
ASP   CB  HB2  sing N N 93  
ASP   CB  HB3  sing N N 94  
ASP   CG  OD1  doub N N 95  
ASP   CG  OD2  sing N N 96  
ASP   OD2 HD2  sing N N 97  
ASP   OXT HXT  sing N N 98  
CYS   N   CA   sing N N 99  
CYS   N   H    sing N N 100 
CYS   N   H2   sing N N 101 
CYS   CA  C    sing N N 102 
CYS   CA  CB   sing N N 103 
CYS   CA  HA   sing N N 104 
CYS   C   O    doub N N 105 
CYS   C   OXT  sing N N 106 
CYS   CB  SG   sing N N 107 
CYS   CB  HB2  sing N N 108 
CYS   CB  HB3  sing N N 109 
CYS   SG  HG   sing N N 110 
CYS   OXT HXT  sing N N 111 
DMS   S   O    doub N N 112 
DMS   S   C1   sing N N 113 
DMS   S   C2   sing N N 114 
DMS   C1  H11  sing N N 115 
DMS   C1  H12  sing N N 116 
DMS   C1  H13  sing N N 117 
DMS   C2  H21  sing N N 118 
DMS   C2  H22  sing N N 119 
DMS   C2  H23  sing N N 120 
GLN   N   CA   sing N N 121 
GLN   N   H    sing N N 122 
GLN   N   H2   sing N N 123 
GLN   CA  C    sing N N 124 
GLN   CA  CB   sing N N 125 
GLN   CA  HA   sing N N 126 
GLN   C   O    doub N N 127 
GLN   C   OXT  sing N N 128 
GLN   CB  CG   sing N N 129 
GLN   CB  HB2  sing N N 130 
GLN   CB  HB3  sing N N 131 
GLN   CG  CD   sing N N 132 
GLN   CG  HG2  sing N N 133 
GLN   CG  HG3  sing N N 134 
GLN   CD  OE1  doub N N 135 
GLN   CD  NE2  sing N N 136 
GLN   NE2 HE21 sing N N 137 
GLN   NE2 HE22 sing N N 138 
GLN   OXT HXT  sing N N 139 
GLU   N   CA   sing N N 140 
GLU   N   H    sing N N 141 
GLU   N   H2   sing N N 142 
GLU   CA  C    sing N N 143 
GLU   CA  CB   sing N N 144 
GLU   CA  HA   sing N N 145 
GLU   C   O    doub N N 146 
GLU   C   OXT  sing N N 147 
GLU   CB  CG   sing N N 148 
GLU   CB  HB2  sing N N 149 
GLU   CB  HB3  sing N N 150 
GLU   CG  CD   sing N N 151 
GLU   CG  HG2  sing N N 152 
GLU   CG  HG3  sing N N 153 
GLU   CD  OE1  doub N N 154 
GLU   CD  OE2  sing N N 155 
GLU   OE2 HE2  sing N N 156 
GLU   OXT HXT  sing N N 157 
GLY   N   CA   sing N N 158 
GLY   N   H    sing N N 159 
GLY   N   H2   sing N N 160 
GLY   CA  C    sing N N 161 
GLY   CA  HA2  sing N N 162 
GLY   CA  HA3  sing N N 163 
GLY   C   O    doub N N 164 
GLY   C   OXT  sing N N 165 
GLY   OXT HXT  sing N N 166 
HIS   N   CA   sing N N 167 
HIS   N   H    sing N N 168 
HIS   N   H2   sing N N 169 
HIS   CA  C    sing N N 170 
HIS   CA  CB   sing N N 171 
HIS   CA  HA   sing N N 172 
HIS   C   O    doub N N 173 
HIS   C   OXT  sing N N 174 
HIS   CB  CG   sing N N 175 
HIS   CB  HB2  sing N N 176 
HIS   CB  HB3  sing N N 177 
HIS   CG  ND1  sing Y N 178 
HIS   CG  CD2  doub Y N 179 
HIS   ND1 CE1  doub Y N 180 
HIS   ND1 HD1  sing N N 181 
HIS   CD2 NE2  sing Y N 182 
HIS   CD2 HD2  sing N N 183 
HIS   CE1 NE2  sing Y N 184 
HIS   CE1 HE1  sing N N 185 
HIS   NE2 HE2  sing N N 186 
HIS   OXT HXT  sing N N 187 
HOH   O   H1   sing N N 188 
HOH   O   H2   sing N N 189 
ILE   N   CA   sing N N 190 
ILE   N   H    sing N N 191 
ILE   N   H2   sing N N 192 
ILE   CA  C    sing N N 193 
ILE   CA  CB   sing N N 194 
ILE   CA  HA   sing N N 195 
ILE   C   O    doub N N 196 
ILE   C   OXT  sing N N 197 
ILE   CB  CG1  sing N N 198 
ILE   CB  CG2  sing N N 199 
ILE   CB  HB   sing N N 200 
ILE   CG1 CD1  sing N N 201 
ILE   CG1 HG12 sing N N 202 
ILE   CG1 HG13 sing N N 203 
ILE   CG2 HG21 sing N N 204 
ILE   CG2 HG22 sing N N 205 
ILE   CG2 HG23 sing N N 206 
ILE   CD1 HD11 sing N N 207 
ILE   CD1 HD12 sing N N 208 
ILE   CD1 HD13 sing N N 209 
ILE   OXT HXT  sing N N 210 
LEU   N   CA   sing N N 211 
LEU   N   H    sing N N 212 
LEU   N   H2   sing N N 213 
LEU   CA  C    sing N N 214 
LEU   CA  CB   sing N N 215 
LEU   CA  HA   sing N N 216 
LEU   C   O    doub N N 217 
LEU   C   OXT  sing N N 218 
LEU   CB  CG   sing N N 219 
LEU   CB  HB2  sing N N 220 
LEU   CB  HB3  sing N N 221 
LEU   CG  CD1  sing N N 222 
LEU   CG  CD2  sing N N 223 
LEU   CG  HG   sing N N 224 
LEU   CD1 HD11 sing N N 225 
LEU   CD1 HD12 sing N N 226 
LEU   CD1 HD13 sing N N 227 
LEU   CD2 HD21 sing N N 228 
LEU   CD2 HD22 sing N N 229 
LEU   CD2 HD23 sing N N 230 
LEU   OXT HXT  sing N N 231 
LYS   N   CA   sing N N 232 
LYS   N   H    sing N N 233 
LYS   N   H2   sing N N 234 
LYS   CA  C    sing N N 235 
LYS   CA  CB   sing N N 236 
LYS   CA  HA   sing N N 237 
LYS   C   O    doub N N 238 
LYS   C   OXT  sing N N 239 
LYS   CB  CG   sing N N 240 
LYS   CB  HB2  sing N N 241 
LYS   CB  HB3  sing N N 242 
LYS   CG  CD   sing N N 243 
LYS   CG  HG2  sing N N 244 
LYS   CG  HG3  sing N N 245 
LYS   CD  CE   sing N N 246 
LYS   CD  HD2  sing N N 247 
LYS   CD  HD3  sing N N 248 
LYS   CE  NZ   sing N N 249 
LYS   CE  HE2  sing N N 250 
LYS   CE  HE3  sing N N 251 
LYS   NZ  HZ1  sing N N 252 
LYS   NZ  HZ2  sing N N 253 
LYS   NZ  HZ3  sing N N 254 
LYS   OXT HXT  sing N N 255 
MET   N   CA   sing N N 256 
MET   N   H    sing N N 257 
MET   N   H2   sing N N 258 
MET   CA  C    sing N N 259 
MET   CA  CB   sing N N 260 
MET   CA  HA   sing N N 261 
MET   C   O    doub N N 262 
MET   C   OXT  sing N N 263 
MET   CB  CG   sing N N 264 
MET   CB  HB2  sing N N 265 
MET   CB  HB3  sing N N 266 
MET   CG  SD   sing N N 267 
MET   CG  HG2  sing N N 268 
MET   CG  HG3  sing N N 269 
MET   SD  CE   sing N N 270 
MET   CE  HE1  sing N N 271 
MET   CE  HE2  sing N N 272 
MET   CE  HE3  sing N N 273 
MET   OXT HXT  sing N N 274 
PHE   N   CA   sing N N 275 
PHE   N   H    sing N N 276 
PHE   N   H2   sing N N 277 
PHE   CA  C    sing N N 278 
PHE   CA  CB   sing N N 279 
PHE   CA  HA   sing N N 280 
PHE   C   O    doub N N 281 
PHE   C   OXT  sing N N 282 
PHE   CB  CG   sing N N 283 
PHE   CB  HB2  sing N N 284 
PHE   CB  HB3  sing N N 285 
PHE   CG  CD1  doub Y N 286 
PHE   CG  CD2  sing Y N 287 
PHE   CD1 CE1  sing Y N 288 
PHE   CD1 HD1  sing N N 289 
PHE   CD2 CE2  doub Y N 290 
PHE   CD2 HD2  sing N N 291 
PHE   CE1 CZ   doub Y N 292 
PHE   CE1 HE1  sing N N 293 
PHE   CE2 CZ   sing Y N 294 
PHE   CE2 HE2  sing N N 295 
PHE   CZ  HZ   sing N N 296 
PHE   OXT HXT  sing N N 297 
PRO   N   CA   sing N N 298 
PRO   N   CD   sing N N 299 
PRO   N   H    sing N N 300 
PRO   CA  C    sing N N 301 
PRO   CA  CB   sing N N 302 
PRO   CA  HA   sing N N 303 
PRO   C   O    doub N N 304 
PRO   C   OXT  sing N N 305 
PRO   CB  CG   sing N N 306 
PRO   CB  HB2  sing N N 307 
PRO   CB  HB3  sing N N 308 
PRO   CG  CD   sing N N 309 
PRO   CG  HG2  sing N N 310 
PRO   CG  HG3  sing N N 311 
PRO   CD  HD2  sing N N 312 
PRO   CD  HD3  sing N N 313 
PRO   OXT HXT  sing N N 314 
SER   N   CA   sing N N 315 
SER   N   H    sing N N 316 
SER   N   H2   sing N N 317 
SER   CA  C    sing N N 318 
SER   CA  CB   sing N N 319 
SER   CA  HA   sing N N 320 
SER   C   O    doub N N 321 
SER   C   OXT  sing N N 322 
SER   CB  OG   sing N N 323 
SER   CB  HB2  sing N N 324 
SER   CB  HB3  sing N N 325 
SER   OG  HG   sing N N 326 
SER   OXT HXT  sing N N 327 
SO4   S   O1   doub N N 328 
SO4   S   O2   doub N N 329 
SO4   S   O3   sing N N 330 
SO4   S   O4   sing N N 331 
THR   N   CA   sing N N 332 
THR   N   H    sing N N 333 
THR   N   H2   sing N N 334 
THR   CA  C    sing N N 335 
THR   CA  CB   sing N N 336 
THR   CA  HA   sing N N 337 
THR   C   O    doub N N 338 
THR   C   OXT  sing N N 339 
THR   CB  OG1  sing N N 340 
THR   CB  CG2  sing N N 341 
THR   CB  HB   sing N N 342 
THR   OG1 HG1  sing N N 343 
THR   CG2 HG21 sing N N 344 
THR   CG2 HG22 sing N N 345 
THR   CG2 HG23 sing N N 346 
THR   OXT HXT  sing N N 347 
TRP   N   CA   sing N N 348 
TRP   N   H    sing N N 349 
TRP   N   H2   sing N N 350 
TRP   CA  C    sing N N 351 
TRP   CA  CB   sing N N 352 
TRP   CA  HA   sing N N 353 
TRP   C   O    doub N N 354 
TRP   C   OXT  sing N N 355 
TRP   CB  CG   sing N N 356 
TRP   CB  HB2  sing N N 357 
TRP   CB  HB3  sing N N 358 
TRP   CG  CD1  doub Y N 359 
TRP   CG  CD2  sing Y N 360 
TRP   CD1 NE1  sing Y N 361 
TRP   CD1 HD1  sing N N 362 
TRP   CD2 CE2  doub Y N 363 
TRP   CD2 CE3  sing Y N 364 
TRP   NE1 CE2  sing Y N 365 
TRP   NE1 HE1  sing N N 366 
TRP   CE2 CZ2  sing Y N 367 
TRP   CE3 CZ3  doub Y N 368 
TRP   CE3 HE3  sing N N 369 
TRP   CZ2 CH2  doub Y N 370 
TRP   CZ2 HZ2  sing N N 371 
TRP   CZ3 CH2  sing Y N 372 
TRP   CZ3 HZ3  sing N N 373 
TRP   CH2 HH2  sing N N 374 
TRP   OXT HXT  sing N N 375 
TYR   N   CA   sing N N 376 
TYR   N   H    sing N N 377 
TYR   N   H2   sing N N 378 
TYR   CA  C    sing N N 379 
TYR   CA  CB   sing N N 380 
TYR   CA  HA   sing N N 381 
TYR   C   O    doub N N 382 
TYR   C   OXT  sing N N 383 
TYR   CB  CG   sing N N 384 
TYR   CB  HB2  sing N N 385 
TYR   CB  HB3  sing N N 386 
TYR   CG  CD1  doub Y N 387 
TYR   CG  CD2  sing Y N 388 
TYR   CD1 CE1  sing Y N 389 
TYR   CD1 HD1  sing N N 390 
TYR   CD2 CE2  doub Y N 391 
TYR   CD2 HD2  sing N N 392 
TYR   CE1 CZ   doub Y N 393 
TYR   CE1 HE1  sing N N 394 
TYR   CE2 CZ   sing Y N 395 
TYR   CE2 HE2  sing N N 396 
TYR   CZ  OH   sing N N 397 
TYR   OH  HH   sing N N 398 
TYR   OXT HXT  sing N N 399 
VAL   N   CA   sing N N 400 
VAL   N   H    sing N N 401 
VAL   N   H2   sing N N 402 
VAL   CA  C    sing N N 403 
VAL   CA  CB   sing N N 404 
VAL   CA  HA   sing N N 405 
VAL   C   O    doub N N 406 
VAL   C   OXT  sing N N 407 
VAL   CB  CG1  sing N N 408 
VAL   CB  CG2  sing N N 409 
VAL   CB  HB   sing N N 410 
VAL   CG1 HG11 sing N N 411 
VAL   CG1 HG12 sing N N 412 
VAL   CG1 HG13 sing N N 413 
VAL   CG2 HG21 sing N N 414 
VAL   CG2 HG22 sing N N 415 
VAL   CG2 HG23 sing N N 416 
VAL   OXT HXT  sing N N 417 
# 
_pdbx_audit_support.funding_organization   
'National Institutes of Health/National Institute Of Allergy and Infectious Diseases (NIH/NIAID)' 
_pdbx_audit_support.country                'United States' 
_pdbx_audit_support.grant_number           U19AI171399 
_pdbx_audit_support.ordinal                1 
# 
_pdbx_deposit_group.group_id            G_1002288 
_pdbx_deposit_group.group_description   'Crystallographic fragment screening of Coxsackievirus A16 (G-10) 2A protease' 
_pdbx_deposit_group.group_title         
'Group deposition for crystallographic fragment screening of Coxsackievirus A16 (G-10) 2A protease' 
_pdbx_deposit_group.group_type          'changed state' 
# 
_atom_sites.entry_id                    7H45 
_atom_sites.fract_transf_matrix[1][1]   -0.00292744 
_atom_sites.fract_transf_matrix[1][2]   -0.00681746 
_atom_sites.fract_transf_matrix[1][3]   0.00890622 
_atom_sites.fract_transf_matrix[2][1]   -0.00757984 
_atom_sites.fract_transf_matrix[2][2]   -0.01135041 
_atom_sites.fract_transf_matrix[2][3]   -0.01117988 
_atom_sites.fract_transf_matrix[3][1]   0.02619759 
_atom_sites.fract_transf_matrix[3][2]   -0.01671328 
_atom_sites.fract_transf_matrix[3][3]   -0.00079345 
_atom_sites.fract_transf_vector[1]      0.184617 
_atom_sites.fract_transf_vector[2]      0.124589 
_atom_sites.fract_transf_vector[3]      0.448169 
# 
loop_
_atom_type.symbol 
C  
N  
O  
S  
ZN 
# 
loop_
_atom_site.group_PDB 
_atom_site.id 
_atom_site.type_symbol 
_atom_site.label_atom_id 
_atom_site.label_alt_id 
_atom_site.label_comp_id 
_atom_site.label_asym_id 
_atom_site.label_entity_id 
_atom_site.label_seq_id 
_atom_site.pdbx_PDB_ins_code 
_atom_site.Cartn_x 
_atom_site.Cartn_y 
_atom_site.Cartn_z 
_atom_site.occupancy 
_atom_site.B_iso_or_equiv 
_atom_site.pdbx_formal_charge 
_atom_site.auth_seq_id 
_atom_site.auth_comp_id 
_atom_site.auth_asym_id 
_atom_site.auth_atom_id 
_atom_site.pdbx_PDB_model_num 
ATOM   1    N  N   . SER   A 1 7   ? 7.663   -7.242  2.658   1.00 26.86  ? 7   SER   A N   1 
ATOM   2    C  CA  . SER   A 1 7   ? 6.521   -7.476  3.565   1.00 26.70  ? 7   SER   A CA  1 
ATOM   3    C  C   . SER   A 1 7   ? 6.149   -6.190  4.314   1.00 24.86  ? 7   SER   A C   1 
ATOM   4    O  O   . SER   A 1 7   ? 6.963   -5.225  4.348   1.00 28.05  ? 7   SER   A O   1 
ATOM   5    C  CB  . SER   A 1 7   ? 6.845   -8.575  4.534   1.00 28.75  ? 7   SER   A CB  1 
ATOM   6    O  OG  . SER   A 1 7   ? 7.979   -8.210  5.297   1.00 31.09  ? 7   SER   A OG  1 
ATOM   7    N  N   . GLY   A 1 8   ? 4.964   -6.190  4.914   1.00 22.60  ? 8   GLY   A N   1 
ATOM   8    C  CA  . GLY   A 1 8   ? 4.525   -5.116  5.810   1.00 23.13  ? 8   GLY   A CA  1 
ATOM   9    C  C   . GLY   A 1 8   ? 3.029   -4.940  5.781   1.00 20.72  ? 8   GLY   A C   1 
ATOM   10   O  O   . GLY   A 1 8   ? 2.369   -5.299  4.812   1.00 21.06  ? 8   GLY   A O   1 
ATOM   11   N  N   . ALA   A 1 9   ? 2.488   -4.401  6.852   1.00 19.13  ? 9   ALA   A N   1 
ATOM   12   C  CA  . ALA   A 1 9   ? 1.035   -4.149  6.967   1.00 16.85  ? 9   ALA   A CA  1 
ATOM   13   C  C   . ALA   A 1 9   ? 0.744   -2.801  7.608   1.00 16.50  ? 9   ALA   A C   1 
ATOM   14   O  O   . ALA   A 1 9   ? 1.604   -2.271  8.352   1.00 17.90  ? 9   ALA   A O   1 
ATOM   15   C  CB  . ALA   A 1 9   ? 0.362   -5.231  7.758   1.00 17.36  ? 9   ALA   A CB  1 
ATOM   16   N  N   . ILE   A 1 10  ? -0.482  -2.338  7.398   1.00 18.85  ? 10  ILE   A N   1 
ATOM   17   C  CA  . ILE   A 1 10  ? -1.071  -1.234  8.194   1.00 19.23  ? 10  ILE   A CA  1 
ATOM   18   C  C   . ILE   A 1 10  ? -2.016  -1.861  9.217   1.00 21.59  ? 10  ILE   A C   1 
ATOM   19   O  O   . ILE   A 1 10  ? -2.903  -2.643  8.798   1.00 22.99  ? 10  ILE   A O   1 
ATOM   20   C  CB  . ILE   A 1 10  ? -1.832  -0.224  7.314   1.00 18.40  ? 10  ILE   A CB  1 
ATOM   21   C  CG1 . ILE   A 1 10  ? -1.042  0.173   6.058   1.00 16.11  ? 10  ILE   A CG1 1 
ATOM   22   C  CG2 . ILE   A 1 10  ? -2.276  0.995   8.142   1.00 16.78  ? 10  ILE   A CG2 1 
ATOM   23   C  CD1 . ILE   A 1 10  ? -1.864  0.897   5.010   1.00 16.08  ? 10  ILE   A CD1 1 
ATOM   24   N  N   . TYR   A 1 11  ? -1.908  -1.406  10.467  1.00 23.96  ? 11  TYR   A N   1 
ATOM   25   C  CA  . TYR   A 1 11  ? -2.737  -1.837  11.622  1.00 24.68  ? 11  TYR   A CA  1 
ATOM   26   C  C   . TYR   A 1 11  ? -3.523  -0.626  12.108  1.00 25.91  ? 11  TYR   A C   1 
ATOM   27   O  O   . TYR   A 1 11  ? -2.924  0.234   12.805  1.00 28.51  ? 11  TYR   A O   1 
ATOM   28   C  CB  . TYR   A 1 11  ? -1.841  -2.443  12.704  1.00 24.90  ? 11  TYR   A CB  1 
ATOM   29   C  CG  . TYR   A 1 11  ? -1.175  -3.713  12.256  1.00 24.67  ? 11  TYR   A CG  1 
ATOM   30   C  CD1 . TYR   A 1 11  ? -1.895  -4.898  12.222  1.00 25.04  ? 11  TYR   A CD1 1 
ATOM   31   C  CD2 . TYR   A 1 11  ? 0.142   -3.741  11.854  1.00 24.82  ? 11  TYR   A CD2 1 
ATOM   32   C  CE1 . TYR   A 1 11  ? -1.312  -6.075  11.791  1.00 22.99  ? 11  TYR   A CE1 1 
ATOM   33   C  CE2 . TYR   A 1 11  ? 0.746   -4.915  11.421  1.00 25.67  ? 11  TYR   A CE2 1 
ATOM   34   C  CZ  . TYR   A 1 11  ? 0.002   -6.079  11.371  1.00 24.49  ? 11  TYR   A CZ  1 
ATOM   35   O  OH  . TYR   A 1 11  ? 0.549   -7.241  10.960  1.00 26.70  ? 11  TYR   A OH  1 
ATOM   36   N  N   . VAL   A 1 12  ? -4.767  -0.543  11.673  1.00 23.81  ? 12  VAL   A N   1 
ATOM   37   C  CA  . VAL   A 1 12  ? -5.696  0.584   11.965  1.00 26.76  ? 12  VAL   A CA  1 
ATOM   38   C  C   . VAL   A 1 12  ? -6.971  -0.003  12.575  1.00 29.62  ? 12  VAL   A C   1 
ATOM   39   O  O   . VAL   A 1 12  ? -7.601  -0.864  11.940  1.00 30.73  ? 12  VAL   A O   1 
ATOM   40   C  CB  . VAL   A 1 12  ? -5.989  1.438   10.718  1.00 24.15  ? 12  VAL   A CB  1 
ATOM   41   C  CG1 . VAL   A 1 12  ? -6.609  0.687   9.556   1.00 24.72  ? 12  VAL   A CG1 1 
ATOM   42   C  CG2 . VAL   A 1 12  ? -6.875  2.612   11.077  1.00 22.44  ? 12  VAL   A CG2 1 
ATOM   43   N  N   . GLY   A 1 13  ? -7.346  0.484   13.765  1.00 32.44  ? 13  GLY   A N   1 
ATOM   44   C  CA  . GLY   A 1 13  ? -8.377  -0.147  14.608  1.00 32.61  ? 13  GLY   A CA  1 
ATOM   45   C  C   . GLY   A 1 13  ? -8.166  -1.650  14.693  1.00 29.26  ? 13  GLY   A C   1 
ATOM   46   O  O   . GLY   A 1 13  ? -7.058  -2.065  15.101  1.00 29.91  ? 13  GLY   A O   1 
ATOM   47   N  N   . ASN   A 1 14  ? -9.184  -2.417  14.300  1.00 31.76  ? 14  ASN   A N   1 
ATOM   48   C  CA  . ASN   A 1 14  ? -9.192  -3.904  14.290  1.00 34.50  ? 14  ASN   A CA  1 
ATOM   49   C  C   . ASN   A 1 14  ? -9.089  -4.371  12.834  1.00 35.96  ? 14  ASN   A C   1 
ATOM   50   O  O   . ASN   A 1 14  ? -9.781  -5.347  12.423  1.00 29.22  ? 14  ASN   A O   1 
ATOM   51   C  CB  . ASN   A 1 14  ? -10.393 -4.443  15.067  1.00 38.48  ? 14  ASN   A CB  1 
ATOM   52   C  CG  . ASN   A 1 14  ? -10.179 -4.277  16.557  1.00 40.12  ? 14  ASN   A CG  1 
ATOM   53   O  OD1 . ASN   A 1 14  ? -9.518  -5.094  17.196  1.00 46.46  ? 14  ASN   A OD1 1 
ATOM   54   N  ND2 . ASN   A 1 14  ? -10.673 -3.180  17.099  1.00 38.60  ? 14  ASN   A ND2 1 
ATOM   55   N  N   . TYR   A 1 15  ? -8.225  -3.701  12.065  1.00 30.82  ? 15  TYR   A N   1 
ATOM   56   C  CA  . TYR   A 1 15  ? -8.006  -4.039  10.639  1.00 27.23  ? 15  TYR   A CA  1 
ATOM   57   C  C   . TYR   A 1 15  ? -6.520  -4.181  10.382  1.00 24.60  ? 15  TYR   A C   1 
ATOM   58   O  O   . TYR   A 1 15  ? -5.680  -3.467  10.943  1.00 23.39  ? 15  TYR   A O   1 
ATOM   59   C  CB  . TYR   A 1 15  ? -8.583  -3.012  9.664   1.00 29.32  ? 15  TYR   A CB  1 
ATOM   60   C  CG  . TYR   A 1 15  ? -10.066 -2.781  9.750   1.00 29.81  ? 15  TYR   A CG  1 
ATOM   61   C  CD1 . TYR   A 1 15  ? -10.967 -3.813  9.537   1.00 32.09  ? 15  TYR   A CD1 1 
ATOM   62   C  CD2 . TYR   A 1 15  ? -10.577 -1.514  10.002  1.00 32.90  ? 15  TYR   A CD2 1 
ATOM   63   C  CE1 . TYR   A 1 15  ? -12.333 -3.599  9.589   1.00 32.82  ? 15  TYR   A CE1 1 
ATOM   64   C  CE2 . TYR   A 1 15  ? -11.943 -1.285  10.050  1.00 34.85  ? 15  TYR   A CE2 1 
ATOM   65   C  CZ  . TYR   A 1 15  ? -12.824 -2.333  9.848   1.00 34.64  ? 15  TYR   A CZ  1 
ATOM   66   O  OH  . TYR   A 1 15  ? -14.172 -2.127  9.900   1.00 39.96  ? 15  TYR   A OH  1 
ATOM   67   N  N   . ARG   A 1 16  ? -6.231  -5.140  9.518   1.00 23.55  ? 16  ARG   A N   1 
ATOM   68   C  CA  . ARG   A 1 16  ? -4.870  -5.368  9.015   1.00 21.86  ? 16  ARG   A CA  1 
ATOM   69   C  C   . ARG   A 1 16  ? -4.930  -5.183  7.507   1.00 19.67  ? 16  ARG   A C   1 
ATOM   70   O  O   . ARG   A 1 16  ? -5.737  -5.850  6.841   1.00 19.88  ? 16  ARG   A O   1 
ATOM   71   C  CB  . ARG   A 1 16  ? -4.395  -6.753  9.432   1.00 21.89  ? 16  ARG   A CB  1 
ATOM   72   C  CG  . ARG   A 1 16  ? -3.132  -7.227  8.727   1.00 21.54  ? 16  ARG   A CG  1 
ATOM   73   C  CD  . ARG   A 1 16  ? -2.640  -8.541  9.311   1.00 22.86  ? 16  ARG   A CD  1 
ATOM   74   N  NE  . ARG   A 1 16  ? -2.130  -9.473  8.317   1.00 21.17  ? 16  ARG   A NE  1 
ATOM   75   C  CZ  . ARG   A 1 16  ? -0.888  -9.547  7.883   1.00 23.31  ? 16  ARG   A CZ  1 
ATOM   76   N  NH1 . ARG   A 1 16  ? 0.067   -8.739  8.332   1.00 24.67  ? 16  ARG   A NH1 1 
ATOM   77   N  NH2 . ARG   A 1 16  ? -0.618  -10.425 6.942   1.00 22.04  ? 16  ARG   A NH2 1 
ATOM   78   N  N   . VAL   A 1 17  ? -4.147  -4.229  6.996   1.00 18.75  ? 17  VAL   A N   1 
ATOM   79   C  CA  . VAL   A 1 17  ? -4.145  -3.921  5.544   1.00 15.79  ? 17  VAL   A CA  1 
ATOM   80   C  C   . VAL   A 1 17  ? -2.839  -4.441  4.970   1.00 15.50  ? 17  VAL   A C   1 
ATOM   81   O  O   . VAL   A 1 17  ? -1.792  -3.955  5.372   1.00 13.83  ? 17  VAL   A O   1 
ATOM   82   C  CB  . VAL   A 1 17  ? -4.292  -2.412  5.298   1.00 16.15  ? 17  VAL   A CB  1 
ATOM   83   C  CG1 . VAL   A 1 17  ? -4.385  -2.186  3.807   1.00 16.89  ? 17  VAL   A CG1 1 
ATOM   84   C  CG2 . VAL   A 1 17  ? -5.462  -1.831  6.071   1.00 15.98  ? 17  VAL   A CG2 1 
ATOM   85   N  N   . VAL   A 1 18  ? -2.944  -5.312  3.989   1.00 15.70  ? 18  VAL   A N   1 
ATOM   86   C  CA  . VAL   A 1 18  ? -1.765  -5.949  3.363   1.00 15.18  ? 18  VAL   A CA  1 
ATOM   87   C  C   . VAL   A 1 18  ? -1.927  -5.973  1.864   1.00 13.76  ? 18  VAL   A C   1 
ATOM   88   O  O   . VAL   A 1 18  ? -3.080  -5.797  1.331   1.00 16.64  ? 18  VAL   A O   1 
ATOM   89   C  CB  . VAL   A 1 18  ? -1.502  -7.379  3.849   1.00 15.02  ? 18  VAL   A CB  1 
ATOM   90   C  CG1 . VAL   A 1 18  ? -1.030  -7.377  5.287   1.00 15.73  ? 18  VAL   A CG1 1 
ATOM   91   C  CG2 . VAL   A 1 18  ? -2.707  -8.295  3.598   1.00 17.29  ? 18  VAL   A CG2 1 
ATOM   92   N  N   . ASN   A 1 19  ? -0.776  -6.188  1.217   1.00 14.36  ? 19  ASN   A N   1 
ATOM   93   C  CA  . ASN   A 1 19  ? -0.776  -6.453  -0.228  1.00 14.60  ? 19  ASN   A CA  1 
ATOM   94   C  C   . ASN   A 1 19  ? -1.586  -7.732  -0.443  1.00 16.02  ? 19  ASN   A C   1 
ATOM   95   O  O   . ASN   A 1 19  ? -1.250  -8.743  0.203   1.00 15.07  ? 19  ASN   A O   1 
ATOM   96   C  CB  . ASN   A 1 19  ? 0.637   -6.661  -0.759  1.00 15.07  ? 19  ASN   A CB  1 
ATOM   97   C  CG  . ASN   A 1 19  ? 1.469   -5.407  -0.614  1.00 15.16  ? 19  ASN   A CG  1 
ATOM   98   O  OD1 . ASN   A 1 19  ? 2.255   -5.287  0.340   1.00 13.79  ? 19  ASN   A OD1 1 
ATOM   99   N  ND2 . ASN   A 1 19  ? 1.361   -4.528  -1.586  1.00 14.98  ? 19  ASN   A ND2 1 
ATOM   100  N  N   . ARG   A 1 20  ? -2.582  -7.682  -1.319  1.00 16.48  ? 20  ARG   A N   1 
ATOM   101  C  CA  . ARG   A 1 20  ? -3.396  -8.889  -1.622  1.00 18.24  ? 20  ARG   A CA  1 
ATOM   102  C  C   . ARG   A 1 20  ? -2.464  -10.068 -1.945  1.00 18.75  ? 20  ARG   A C   1 
ATOM   103  O  O   . ARG   A 1 20  ? -2.711  -11.217 -1.450  1.00 18.38  ? 20  ARG   A O   1 
ATOM   104  C  CB  . ARG   A 1 20  ? -4.388  -8.619  -2.748  1.00 19.62  ? 20  ARG   A CB  1 
ATOM   105  C  CG  . ARG   A 1 20  ? -5.393  -9.752  -2.944  1.00 19.54  ? 20  ARG   A CG  1 
ATOM   106  C  CD  . ARG   A 1 20  ? -6.275  -9.489  -4.143  1.00 22.26  ? 20  ARG   A CD  1 
ATOM   107  N  NE  . ARG   A 1 20  ? -7.280  -10.528 -4.404  1.00 23.08  ? 20  ARG   A NE  1 
ATOM   108  C  CZ  . ARG   A 1 20  ? -7.082  -11.678 -5.055  1.00 24.06  ? 20  ARG   A CZ  1 
ATOM   109  N  NH1 . ARG   A 1 20  ? -5.894  -12.026 -5.516  1.00 24.44  ? 20  ARG   A NH1 1 
ATOM   110  N  NH2 . ARG   A 1 20  ? -8.111  -12.494 -5.250  1.00 26.19  ? 20  ARG   A NH2 1 
ATOM   111  N  N   . HIS   A 1 21  ? -1.347  -9.847  -2.658  1.00 18.55  ? 21  HIS   A N   1 
ATOM   112  C  CA  . HIS   A 1 21  ? -0.516  -10.983 -3.142  1.00 18.51  ? 21  HIS   A CA  1 
ATOM   113  C  C   . HIS   A 1 21  ? 0.302   -11.573 -2.002  1.00 18.81  ? 21  HIS   A C   1 
ATOM   114  O  O   . HIS   A 1 21  ? 0.896   -12.650 -2.225  1.00 19.54  ? 21  HIS   A O   1 
ATOM   115  C  CB  . HIS   A 1 21  ? 0.360   -10.613 -4.355  1.00 18.07  ? 21  HIS   A CB  1 
ATOM   116  C  CG  . HIS   A 1 21  ? 1.484   -9.694  -4.036  1.00 18.22  ? 21  HIS   A CG  1 
ATOM   117  N  ND1 . HIS   A 1 21  ? 1.333   -8.325  -4.102  1.00 21.37  ? 21  HIS   A ND1 1 
ATOM   118  C  CD2 . HIS   A 1 21  ? 2.774   -9.933  -3.705  1.00 19.53  ? 21  HIS   A CD2 1 
ATOM   119  C  CE1 . HIS   A 1 21  ? 2.484   -7.770  -3.805  1.00 18.55  ? 21  HIS   A CE1 1 
ATOM   120  N  NE2 . HIS   A 1 21  ? 3.378   -8.713  -3.575  1.00 19.58  ? 21  HIS   A NE2 1 
ATOM   121  N  N   . LEU   A 1 22  ? 0.351   -10.929 -0.830  1.00 14.89  ? 22  LEU   A N   1 
ATOM   122  C  CA  . LEU   A 1 22  ? 1.123   -11.381 0.359   1.00 17.19  ? 22  LEU   A CA  1 
ATOM   123  C  C   . LEU   A 1 22  ? 0.161   -11.844 1.466   1.00 17.96  ? 22  LEU   A C   1 
ATOM   124  O  O   . LEU   A 1 22  ? 0.655   -12.258 2.554   1.00 18.65  ? 22  LEU   A O   1 
ATOM   125  C  CB  . LEU   A 1 22  ? 2.044   -10.239 0.821   1.00 18.43  ? 22  LEU   A CB  1 
ATOM   126  C  CG  . LEU   A 1 22  ? 3.197   -9.898  -0.137  1.00 20.41  ? 22  LEU   A CG  1 
ATOM   127  C  CD1 . LEU   A 1 22  ? 4.091   -8.802  0.440   1.00 21.18  ? 22  LEU   A CD1 1 
ATOM   128  C  CD2 . LEU   A 1 22  ? 4.056   -11.132 -0.458  1.00 20.88  ? 22  LEU   A CD2 1 
ATOM   129  N  N   . ALA   A 1 23  ? -1.151  -11.776 1.217   1.00 17.76  ? 23  ALA   A N   1 
ATOM   130  C  CA  . ALA   A 1 23  ? -2.176  -12.171 2.211   1.00 18.53  ? 23  ALA   A CA  1 
ATOM   131  C  C   . ALA   A 1 23  ? -1.954  -13.642 2.595   1.00 17.26  ? 23  ALA   A C   1 
ATOM   132  O  O   . ALA   A 1 23  ? -1.639  -14.475 1.702   1.00 17.72  ? 23  ALA   A O   1 
ATOM   133  C  CB  . ALA   A 1 23  ? -3.582  -11.951 1.695   1.00 19.23  ? 23  ALA   A CB  1 
ATOM   134  N  N   . THR   A 1 24  ? -2.043  -13.922 3.884   1.00 17.65  ? 24  THR   A N   1 
ATOM   135  C  CA  . THR   A 1 24  ? -1.882  -15.283 4.449   1.00 20.11  ? 24  THR   A CA  1 
ATOM   136  C  C   . THR   A 1 24  ? -3.215  -16.037 4.420   1.00 20.51  ? 24  THR   A C   1 
ATOM   137  O  O   . THR   A 1 24  ? -4.289  -15.432 4.219   1.00 19.16  ? 24  THR   A O   1 
ATOM   138  C  CB  . THR   A 1 24  ? -1.339  -15.210 5.877   1.00 19.79  ? 24  THR   A CB  1 
ATOM   139  O  OG1 . THR   A 1 24  ? -2.337  -14.537 6.644   1.00 22.18  ? 24  THR   A OG1 1 
ATOM   140  C  CG2 . THR   A 1 24  ? -0.005  -14.497 5.990   1.00 20.34  ? 24  THR   A CG2 1 
ATOM   141  N  N   . HIS   A 1 25  ? -3.174  -17.344 4.659   1.00 21.33  ? 25  HIS   A N   1 
ATOM   142  C  CA  . HIS   A 1 25  ? -4.424  -18.111 4.904   1.00 24.51  ? 25  HIS   A CA  1 
ATOM   143  C  C   . HIS   A 1 25  ? -5.239  -17.428 6.017   1.00 22.04  ? 25  HIS   A C   1 
ATOM   144  O  O   . HIS   A 1 25  ? -6.458  -17.267 5.845   1.00 21.15  ? 25  HIS   A O   1 
ATOM   145  C  CB  . HIS   A 1 25  ? -4.168  -19.591 5.220   1.00 26.54  ? 25  HIS   A CB  1 
ATOM   146  C  CG  . HIS   A 1 25  ? -5.394  -20.246 5.775   1.00 29.94  ? 25  HIS   A CG  1 
ATOM   147  N  ND1 . HIS   A 1 25  ? -6.412  -20.707 4.967   1.00 32.85  ? 25  HIS   A ND1 1 
ATOM   148  C  CD2 . HIS   A 1 25  ? -5.825  -20.418 7.056   1.00 32.57  ? 25  HIS   A CD2 1 
ATOM   149  C  CE1 . HIS   A 1 25  ? -7.379  -21.211 5.709   1.00 33.12  ? 25  HIS   A CE1 1 
ATOM   150  N  NE2 . HIS   A 1 25  ? -7.057  -21.027 7.001   1.00 34.83  ? 25  HIS   A NE2 1 
ATOM   151  N  N   . ASN   A 1 26  ? -4.610  -17.043 7.129   1.00 23.38  ? 26  ASN   A N   1 
ATOM   152  C  CA  . ASN   A 1 26  ? -5.337  -16.412 8.258   1.00 22.47  ? 26  ASN   A CA  1 
ATOM   153  C  C   . ASN   A 1 26  ? -6.034  -15.128 7.759   1.00 20.80  ? 26  ASN   A C   1 
ATOM   154  O  O   . ASN   A 1 26  ? -7.212  -14.868 8.077   1.00 18.99  ? 26  ASN   A O   1 
ATOM   155  C  CB  . ASN   A 1 26  ? -4.433  -16.108 9.455   1.00 25.39  ? 26  ASN   A CB  1 
ATOM   156  C  CG  . ASN   A 1 26  ? -5.237  -15.531 10.607  1.00 29.40  ? 26  ASN   A CG  1 
ATOM   157  O  OD1 . ASN   A 1 26  ? -5.840  -16.275 11.387  1.00 32.41  ? 26  ASN   A OD1 1 
ATOM   158  N  ND2 . ASN   A 1 26  ? -5.313  -14.210 10.693  1.00 29.44  ? 26  ASN   A ND2 1 
ATOM   159  N  N   . ASP   A 1 27  ? -5.362  -14.341 6.915   1.00 19.48  ? 27  ASP   A N   1 
ATOM   160  C  CA  . ASP   A 1 27  ? -6.004  -13.120 6.374   1.00 17.87  ? 27  ASP   A CA  1 
ATOM   161  C  C   . ASP   A 1 27  ? -7.283  -13.483 5.617   1.00 18.33  ? 27  ASP   A C   1 
ATOM   162  O  O   . ASP   A 1 27  ? -8.299  -12.784 5.777   1.00 19.12  ? 27  ASP   A O   1 
ATOM   163  C  CB  . ASP   A 1 27  ? -5.058  -12.330 5.465   1.00 16.81  ? 27  ASP   A CB  1 
ATOM   164  C  CG  . ASP   A 1 27  ? -3.942  -11.621 6.192   1.00 19.47  ? 27  ASP   A CG  1 
ATOM   165  O  OD1 . ASP   A 1 27  ? -4.203  -11.054 7.259   1.00 20.01  ? 27  ASP   A OD1 1 
ATOM   166  O  OD2 . ASP   A 1 27  ? -2.815  -11.638 5.655   1.00 18.87  ? 27  ASP   A OD2 1 
ATOM   167  N  N   . TRP   A 1 28  ? -7.222  -14.479 4.725   1.00 18.39  ? 28  TRP   A N   1 
ATOM   168  C  CA  . TRP   A 1 28  ? -8.370  -14.915 3.892   1.00 17.48  ? 28  TRP   A CA  1 
ATOM   169  C  C   . TRP   A 1 28  ? -9.475  -15.514 4.764   1.00 17.12  ? 28  TRP   A C   1 
ATOM   170  O  O   . TRP   A 1 28  ? -10.635 -15.330 4.428   1.00 17.57  ? 28  TRP   A O   1 
ATOM   171  C  CB  . TRP   A 1 28  ? -7.908  -15.924 2.843   1.00 17.56  ? 28  TRP   A CB  1 
ATOM   172  C  CG  . TRP   A 1 28  ? -7.284  -15.285 1.641   1.00 17.68  ? 28  TRP   A CG  1 
ATOM   173  C  CD1 . TRP   A 1 28  ? -5.957  -15.238 1.340   1.00 17.99  ? 28  TRP   A CD1 1 
ATOM   174  C  CD2 . TRP   A 1 28  ? -7.956  -14.594 0.572   1.00 17.02  ? 28  TRP   A CD2 1 
ATOM   175  N  NE1 . TRP   A 1 28  ? -5.758  -14.620 0.138   1.00 18.38  ? 28  TRP   A NE1 1 
ATOM   176  C  CE2 . TRP   A 1 28  ? -6.969  -14.193 -0.354  1.00 17.44  ? 28  TRP   A CE2 1 
ATOM   177  C  CE3 . TRP   A 1 28  ? -9.285  -14.269 0.299   1.00 16.25  ? 28  TRP   A CE3 1 
ATOM   178  C  CZ2 . TRP   A 1 28  ? -7.282  -13.510 -1.524  1.00 18.18  ? 28  TRP   A CZ2 1 
ATOM   179  C  CZ3 . TRP   A 1 28  ? -9.592  -13.589 -0.854  1.00 18.04  ? 28  TRP   A CZ3 1 
ATOM   180  C  CH2 . TRP   A 1 28  ? -8.595  -13.210 -1.760  1.00 17.12  ? 28  TRP   A CH2 1 
ATOM   181  N  N   . ALA   A 1 29  ? -9.110  -16.172 5.859   1.00 17.27  ? 29  ALA   A N   1 
ATOM   182  C  CA  . ALA   A 1 29  ? -10.067 -16.802 6.796   1.00 20.24  ? 29  ALA   A CA  1 
ATOM   183  C  C   . ALA   A 1 29  ? -10.755 -15.716 7.622   1.00 22.30  ? 29  ALA   A C   1 
ATOM   184  O  O   . ALA   A 1 29  ? -11.776 -16.012 8.293   1.00 24.86  ? 29  ALA   A O   1 
ATOM   185  C  CB  . ALA   A 1 29  ? -9.344  -17.800 7.647   1.00 19.78  ? 29  ALA   A CB  1 
ATOM   186  N  N   . ASN   A 1 30  ? -10.199 -14.501 7.618   1.00 21.84  ? 30  ASN   A N   1 
ATOM   187  C  CA  . ASN   A 1 30  ? -10.710 -13.408 8.489   1.00 22.62  ? 30  ASN   A CA  1 
ATOM   188  C  C   . ASN   A 1 30  ? -10.897 -12.190 7.597   1.00 21.79  ? 30  ASN   A C   1 
ATOM   189  O  O   . ASN   A 1 30  ? -10.649 -11.053 8.067   1.00 24.47  ? 30  ASN   A O   1 
ATOM   190  C  CB  . ASN   A 1 30  ? -9.791  -13.165 9.685   1.00 22.48  ? 30  ASN   A CB  1 
ATOM   191  C  CG  . ASN   A 1 30  ? -9.779  -14.304 10.682  1.00 26.42  ? 30  ASN   A CG  1 
ATOM   192  O  OD1 . ASN   A 1 30  ? -10.691 -14.421 11.500  1.00 29.10  ? 30  ASN   A OD1 1 
ATOM   193  N  ND2 . ASN   A 1 30  ? -8.758  -15.141 10.626  1.00 25.72  ? 30  ASN   A ND2 1 
ATOM   194  N  N   . LEU   A 1 31  ? -11.275 -12.429 6.342   1.00 22.80  ? 31  LEU   A N   1 
ATOM   195  C  CA  . LEU   A 1 31  ? -11.380 -11.389 5.287   1.00 23.60  ? 31  LEU   A CA  1 
ATOM   196  C  C   . LEU   A 1 31  ? -12.428 -10.334 5.667   1.00 25.27  ? 31  LEU   A C   1 
ATOM   197  O  O   . LEU   A 1 31  ? -13.541 -10.705 6.099   1.00 24.94  ? 31  LEU   A O   1 
ATOM   198  C  CB  . LEU   A 1 31  ? -11.742 -12.064 3.962   1.00 21.56  ? 31  LEU   A CB  1 
ATOM   199  C  CG  . LEU   A 1 31  ? -11.864 -11.127 2.769   1.00 22.40  ? 31  LEU   A CG  1 
ATOM   200  C  CD1 . LEU   A 1 31  ? -10.540 -10.433 2.503   1.00 22.33  ? 31  LEU   A CD1 1 
ATOM   201  C  CD2 . LEU   A 1 31  ? -12.345 -11.847 1.542   1.00 24.13  ? 31  LEU   A CD2 1 
ATOM   202  N  N   . VAL   A 1 32  ? -12.100 -9.054  5.489   1.00 24.43  ? 32  VAL   A N   1 
ATOM   203  C  CA  . VAL   A 1 32  ? -13.067 -7.918  5.518   1.00 24.71  ? 32  VAL   A CA  1 
ATOM   204  C  C   . VAL   A 1 32  ? -13.357 -7.455  4.084   1.00 25.67  ? 32  VAL   A C   1 
ATOM   205  O  O   . VAL   A 1 32  ? -14.526 -7.251  3.720   1.00 27.37  ? 32  VAL   A O   1 
ATOM   206  C  CB  . VAL   A 1 32  ? -12.502 -6.802  6.411   1.00 27.27  ? 32  VAL   A CB  1 
ATOM   207  C  CG1 . VAL   A 1 32  ? -13.387 -5.568  6.428   1.00 29.62  ? 32  VAL   A CG1 1 
ATOM   208  C  CG2 . VAL   A 1 32  ? -12.210 -7.307  7.820   1.00 26.83  ? 32  VAL   A CG2 1 
ATOM   209  N  N   . TRP   A 1 33  ? -12.330 -7.256  3.258   1.00 23.65  ? 33  TRP   A N   1 
ATOM   210  C  CA  . TRP   A 1 33  ? -12.484 -6.666  1.905   1.00 25.35  ? 33  TRP   A CA  1 
ATOM   211  C  C   . TRP   A 1 33  ? -11.221 -6.993  1.114   1.00 22.53  ? 33  TRP   A C   1 
ATOM   212  O  O   . TRP   A 1 33  ? -10.156 -7.001  1.748   1.00 21.48  ? 33  TRP   A O   1 
ATOM   213  C  CB  . TRP   A 1 33  ? -12.751 -5.153  1.994   1.00 27.05  ? 33  TRP   A CB  1 
ATOM   214  C  CG  . TRP   A 1 33  ? -12.631 -4.422  0.692   1.00 28.46  ? 33  TRP   A CG  1 
ATOM   215  C  CD1 . TRP   A 1 33  ? -13.586 -4.289  -0.274  1.00 31.66  ? 33  TRP   A CD1 1 
ATOM   216  C  CD2 . TRP   A 1 33  ? -11.481 -3.693  0.206   1.00 30.33  ? 33  TRP   A CD2 1 
ATOM   217  N  NE1 . TRP   A 1 33  ? -13.110 -3.548  -1.326  1.00 33.38  ? 33  TRP   A NE1 1 
ATOM   218  C  CE2 . TRP   A 1 33  ? -11.821 -3.169  -1.061  1.00 31.23  ? 33  TRP   A CE2 1 
ATOM   219  C  CE3 . TRP   A 1 33  ? -10.200 -3.440  0.704   1.00 28.59  ? 33  TRP   A CE3 1 
ATOM   220  C  CZ2 . TRP   A 1 33  ? -10.940 -2.392  -1.816  1.00 30.98  ? 33  TRP   A CZ2 1 
ATOM   221  C  CZ3 . TRP   A 1 33  ? -9.324  -2.679  -0.042  1.00 28.39  ? 33  TRP   A CZ3 1 
ATOM   222  C  CH2 . TRP   A 1 33  ? -9.688  -2.164  -1.286  1.00 31.35  ? 33  TRP   A CH2 1 
ATOM   223  N  N   . GLU   A 1 34  ? -11.343 -7.275  -0.177  1.00 22.50  ? 34  GLU   A N   1 
ATOM   224  C  CA  . GLU   A 1 34  ? -10.168 -7.426  -1.072  1.00 23.89  ? 34  GLU   A CA  1 
ATOM   225  C  C   . GLU   A 1 34  ? -10.490 -6.947  -2.493  1.00 25.64  ? 34  GLU   A C   1 
ATOM   226  O  O   . GLU   A 1 34  ? -11.687 -6.968  -2.899  1.00 28.45  ? 34  GLU   A O   1 
ATOM   227  C  CB  . GLU   A 1 34  ? -9.625  -8.858  -1.037  1.00 24.51  ? 34  GLU   A CB  1 
ATOM   228  C  CG  . GLU   A 1 34  ? -10.626 -9.927  -1.470  1.00 25.68  ? 34  GLU   A CG  1 
ATOM   229  C  CD  . GLU   A 1 34  ? -10.938 -10.067 -2.955  1.00 25.84  ? 34  GLU   A CD  1 
ATOM   230  O  OE1 . GLU   A 1 34  ? -12.074 -10.493 -3.267  1.00 28.25  ? 34  GLU   A OE1 1 
ATOM   231  O  OE2 . GLU   A 1 34  ? -10.043 -9.816  -3.795  1.00 26.99  ? 34  GLU   A OE2 1 
ATOM   232  N  N   . ASP   A 1 35  ? -9.455  -6.479  -3.199  1.00 26.01  ? 35  ASP   A N   1 
ATOM   233  C  CA  . ASP   A 1 35  ? -9.535  -5.932  -4.579  1.00 25.56  ? 35  ASP   A CA  1 
ATOM   234  C  C   . ASP   A 1 35  ? -8.240  -6.261  -5.305  1.00 26.89  ? 35  ASP   A C   1 
ATOM   235  O  O   . ASP   A 1 35  ? -7.197  -5.656  -4.928  1.00 23.82  ? 35  ASP   A O   1 
ATOM   236  C  CB  . ASP   A 1 35  ? -9.762  -4.429  -4.496  1.00 29.52  ? 35  ASP   A CB  1 
ATOM   237  C  CG  . ASP   A 1 35  ? -10.035 -3.765  -5.824  1.00 28.93  ? 35  ASP   A CG  1 
ATOM   238  O  OD1 . ASP   A 1 35  ? -9.319  -4.081  -6.816  1.00 30.88  ? 35  ASP   A OD1 1 
ATOM   239  O  OD2 . ASP   A 1 35  ? -10.947 -2.911  -5.831  1.00 33.92  ? 35  ASP   A OD2 1 
ATOM   240  N  N   A SER   A 1 36  ? -8.274  -7.210  -6.242  0.13 26.04  ? 36  SER   A N   1 
ATOM   241  N  N   B SER   A 1 36  ? -8.274  -7.210  -6.242  0.13 26.04  ? 36  SER   A N   1 
ATOM   242  C  CA  A SER   A 1 36  ? -7.089  -7.642  -7.028  0.13 27.61  ? 36  SER   A CA  1 
ATOM   243  C  CA  B SER   A 1 36  ? -7.083  -7.641  -7.019  0.13 28.33  ? 36  SER   A CA  1 
ATOM   244  C  C   A SER   A 1 36  ? -6.523  -6.460  -7.822  0.13 28.35  ? 36  SER   A C   1 
ATOM   245  C  C   B SER   A 1 36  ? -6.523  -6.460  -7.822  0.13 28.35  ? 36  SER   A C   1 
ATOM   246  O  O   A SER   A 1 36  ? -5.289  -6.369  -7.932  0.13 29.35  ? 36  SER   A O   1 
ATOM   247  O  O   B SER   A 1 36  ? -5.289  -6.369  -7.932  0.13 29.35  ? 36  SER   A O   1 
ATOM   248  C  CB  A SER   A 1 36  ? -7.412  -8.795  -7.949  0.13 27.26  ? 36  SER   A CB  1 
ATOM   249  C  CB  B SER   A 1 36  ? -7.393  -8.811  -7.918  0.13 28.81  ? 36  SER   A CB  1 
ATOM   250  O  OG  A SER   A 1 36  ? -6.335  -9.051  -8.839  0.13 28.73  ? 36  SER   A OG  1 
ATOM   251  O  OG  B SER   A 1 36  ? -8.707  -8.714  -8.441  0.13 32.55  ? 36  SER   A OG  1 
ATOM   252  N  N   . SER   A 1 37  ? -7.404  -5.623  -8.371  1.00 29.34  ? 37  SER   A N   1 
ATOM   253  C  CA  . SER   A 1 37  ? -7.007  -4.487  -9.239  1.00 31.26  ? 37  SER   A CA  1 
ATOM   254  C  C   . SER   A 1 37  ? -6.163  -3.519  -8.412  1.00 31.78  ? 37  SER   A C   1 
ATOM   255  O  O   . SER   A 1 37  ? -5.250  -2.942  -9.008  1.00 29.38  ? 37  SER   A O   1 
ATOM   256  C  CB  . SER   A 1 37  ? -8.178  -3.799  -9.894  1.00 29.80  ? 37  SER   A CB  1 
ATOM   257  O  OG  . SER   A 1 37  ? -9.019  -3.164  -8.950  1.00 34.01  ? 37  SER   A OG  1 
ATOM   258  N  N   . ARG   A 1 38  ? -6.391  -3.421  -7.093  1.00 28.60  ? 38  ARG   A N   1 
ATOM   259  C  CA  . ARG   A 1 38  ? -5.616  -2.488  -6.213  1.00 26.67  ? 38  ARG   A CA  1 
ATOM   260  C  C   . ARG   A 1 38  ? -4.514  -3.208  -5.437  1.00 24.51  ? 38  ARG   A C   1 
ATOM   261  O  O   . ARG   A 1 38  ? -3.812  -2.517  -4.661  1.00 25.33  ? 38  ARG   A O   1 
ATOM   262  C  CB  . ARG   A 1 38  ? -6.525  -1.827  -5.185  1.00 27.65  ? 38  ARG   A CB  1 
ATOM   263  C  CG  . ARG   A 1 38  ? -7.647  -1.007  -5.789  1.00 29.51  ? 38  ARG   A CG  1 
ATOM   264  C  CD  . ARG   A 1 38  ? -8.548  -0.499  -4.687  1.00 30.01  ? 38  ARG   A CD  1 
ATOM   265  N  NE  . ARG   A 1 38  ? -7.923  0.478   -3.793  1.00 28.06  ? 38  ARG   A NE  1 
ATOM   266  C  CZ  . ARG   A 1 38  ? -8.563  1.520   -3.256  1.00 28.06  ? 38  ARG   A CZ  1 
ATOM   267  N  NH1 . ARG   A 1 38  ? -9.857  1.685   -3.470  1.00 27.84  ? 38  ARG   A NH1 1 
ATOM   268  N  NH2 . ARG   A 1 38  ? -7.929  2.381   -2.471  1.00 29.05  ? 38  ARG   A NH2 1 
ATOM   269  N  N   . ASP   A 1 39  ? -4.403  -4.532  -5.585  1.00 21.48  ? 39  ASP   A N   1 
ATOM   270  C  CA  . ASP   A 1 39  ? -3.436  -5.336  -4.808  1.00 20.29  ? 39  ASP   A CA  1 
ATOM   271  C  C   . ASP   A 1 39  ? -3.650  -5.086  -3.318  1.00 19.16  ? 39  ASP   A C   1 
ATOM   272  O  O   . ASP   A 1 39  ? -2.632  -5.062  -2.614  1.00 18.22  ? 39  ASP   A O   1 
ATOM   273  C  CB  . ASP   A 1 39  ? -1.999  -4.978  -5.181  1.00 20.33  ? 39  ASP   A CB  1 
ATOM   274  C  CG  . ASP   A 1 39  ? -0.969  -5.878  -4.548  1.00 21.96  ? 39  ASP   A CG  1 
ATOM   275  O  OD1 . ASP   A 1 39  ? -1.276  -7.084  -4.309  1.00 21.28  ? 39  ASP   A OD1 1 
ATOM   276  O  OD2 . ASP   A 1 39  ? 0.095   -5.353  -4.196  1.00 21.99  ? 39  ASP   A OD2 1 
ATOM   277  N  N   . LEU   A 1 40  ? -4.897  -4.971  -2.835  1.00 19.92  ? 40  LEU   A N   1 
ATOM   278  C  CA  . LEU   A 1 40  ? -5.183  -4.731  -1.393  1.00 19.20  ? 40  LEU   A CA  1 
ATOM   279  C  C   . LEU   A 1 40  ? -6.094  -5.821  -0.823  1.00 18.69  ? 40  LEU   A C   1 
ATOM   280  O  O   . LEU   A 1 40  ? -7.069  -6.197  -1.471  1.00 18.75  ? 40  LEU   A O   1 
ATOM   281  C  CB  . LEU   A 1 40  ? -5.818  -3.360  -1.153  1.00 20.11  ? 40  LEU   A CB  1 
ATOM   282  C  CG  . LEU   A 1 40  ? -4.887  -2.159  -1.292  1.00 21.34  ? 40  LEU   A CG  1 
ATOM   283  C  CD1 . LEU   A 1 40  ? -5.639  -0.876  -0.965  1.00 22.13  ? 40  LEU   A CD1 1 
ATOM   284  C  CD2 . LEU   A 1 40  ? -3.637  -2.312  -0.405  1.00 19.99  ? 40  LEU   A CD2 1 
ATOM   285  N  N   . LEU   A 1 41  ? -5.786  -6.191  0.412   1.00 17.57  ? 41  LEU   A N   1 
ATOM   286  C  CA  . LEU   A 1 41  ? -6.639  -7.066  1.225   1.00 16.80  ? 41  LEU   A CA  1 
ATOM   287  C  C   . LEU   A 1 41  ? -6.624  -6.535  2.641   1.00 16.51  ? 41  LEU   A C   1 
ATOM   288  O  O   . LEU   A 1 41  ? -5.568  -6.131  3.182   1.00 17.46  ? 41  LEU   A O   1 
ATOM   289  C  CB  . LEU   A 1 41  ? -6.167  -8.520  1.129   1.00 16.32  ? 41  LEU   A CB  1 
ATOM   290  C  CG  . LEU   A 1 41  ? -7.045  -9.549  1.842   1.00 16.30  ? 41  LEU   A CG  1 
ATOM   291  C  CD1 . LEU   A 1 41  ? -7.065  -10.880 1.142   1.00 15.54  ? 41  LEU   A CD1 1 
ATOM   292  C  CD2 . LEU   A 1 41  ? -6.611  -9.750  3.283   1.00 15.42  ? 41  LEU   A CD2 1 
ATOM   293  N  N   . VAL   A 1 42  ? -7.798  -6.579  3.234   1.00 17.00  ? 42  VAL   A N   1 
ATOM   294  C  CA  . VAL   A 1 42  ? -7.967  -6.207  4.649   1.00 16.85  ? 42  VAL   A CA  1 
ATOM   295  C  C   . VAL   A 1 42  ? -8.598  -7.392  5.370   1.00 18.13  ? 42  VAL   A C   1 
ATOM   296  O  O   . VAL   A 1 42  ? -9.665  -7.897  4.868   1.00 19.41  ? 42  VAL   A O   1 
ATOM   297  C  CB  . VAL   A 1 42  ? -8.828  -4.944  4.799   1.00 18.05  ? 42  VAL   A CB  1 
ATOM   298  C  CG1 . VAL   A 1 42  ? -8.954  -4.556  6.264   1.00 18.92  ? 42  VAL   A CG1 1 
ATOM   299  C  CG2 . VAL   A 1 42  ? -8.311  -3.779  3.960   1.00 18.33  ? 42  VAL   A CG2 1 
ATOM   300  N  N   . SER   A 1 43  ? -7.992  -7.755  6.493   1.00 18.33  ? 43  SER   A N   1 
ATOM   301  C  CA  . SER   A 1 43  ? -8.473  -8.789  7.452   1.00 21.61  ? 43  SER   A CA  1 
ATOM   302  C  C   . SER   A 1 43  ? -8.718  -8.169  8.840   1.00 24.92  ? 43  SER   A C   1 
ATOM   303  O  O   . SER   A 1 43  ? -8.253  -7.026  9.123   1.00 22.23  ? 43  SER   A O   1 
ATOM   304  C  CB  . SER   A 1 43  ? -7.508  -9.960  7.489   1.00 19.36  ? 43  SER   A CB  1 
ATOM   305  O  OG  . SER   A 1 43  ? -6.229  -9.588  8.011   1.00 21.51  ? 43  SER   A OG  1 
ATOM   306  N  N   . SER   A 1 44  ? -9.459  -8.896  9.680   1.00 25.83  ? 44  SER   A N   1 
ATOM   307  C  CA  . SER   A 1 44  ? -9.800  -8.514  11.076  1.00 29.15  ? 44  SER   A CA  1 
ATOM   308  C  C   . SER   A 1 44  ? -8.671  -8.901  12.027  1.00 28.90  ? 44  SER   A C   1 
ATOM   309  O  O   . SER   A 1 44  ? -8.001  -9.930  11.787  1.00 31.20  ? 44  SER   A O   1 
ATOM   310  C  CB  . SER   A 1 44  ? -11.083 -9.147  11.507  1.00 29.15  ? 44  SER   A CB  1 
ATOM   311  O  OG  . SER   A 1 44  ? -10.933 -10.558 11.544  1.00 31.69  ? 44  SER   A OG  1 
ATOM   312  N  N   . THR   A 1 45  ? -8.499  -8.122  13.100  1.00 31.31  ? 45  THR   A N   1 
ATOM   313  C  CA  . THR   A 1 45  ? -7.487  -8.339  14.155  1.00 33.52  ? 45  THR   A CA  1 
ATOM   314  C  C   . THR   A 1 45  ? -8.189  -8.428  15.514  1.00 36.49  ? 45  THR   A C   1 
ATOM   315  O  O   . THR   A 1 45  ? -9.302  -7.878  15.664  1.00 34.06  ? 45  THR   A O   1 
ATOM   316  C  CB  . THR   A 1 45  ? -6.454  -7.213  14.149  1.00 36.42  ? 45  THR   A CB  1 
ATOM   317  O  OG1 . THR   A 1 45  ? -7.180  -6.040  14.496  1.00 37.77  ? 45  THR   A OG1 1 
ATOM   318  C  CG2 . THR   A 1 45  ? -5.771  -7.029  12.810  1.00 36.70  ? 45  THR   A CG2 1 
ATOM   319  N  N   . THR   A 1 46  ? -7.544  -9.071  16.480  1.00 39.78  ? 46  THR   A N   1 
ATOM   320  C  CA  . THR   A 1 46  ? -8.067  -9.137  17.863  1.00 43.65  ? 46  THR   A CA  1 
ATOM   321  C  C   . THR   A 1 46  ? -7.635  -7.831  18.549  1.00 45.62  ? 46  THR   A C   1 
ATOM   322  O  O   . THR   A 1 46  ? -8.531  -7.058  18.947  1.00 43.87  ? 46  THR   A O   1 
ATOM   323  C  CB  . THR   A 1 46  ? -7.723  -10.496 18.492  1.00 42.03  ? 46  THR   A CB  1 
ATOM   324  O  OG1 . THR   A 1 46  ? -6.319  -10.745 18.483  1.00 46.68  ? 46  THR   A OG1 1 
ATOM   325  C  CG2 . THR   A 1 46  ? -8.384  -11.635 17.752  1.00 41.24  ? 46  THR   A CG2 1 
ATOM   326  N  N   . ALA   A 1 47  ? -6.330  -7.545  18.578  1.00 43.41  ? 47  ALA   A N   1 
ATOM   327  C  CA  . ALA   A 1 47  ? -5.741  -6.331  19.195  1.00 44.86  ? 47  ALA   A CA  1 
ATOM   328  C  C   . ALA   A 1 47  ? -5.919  -5.118  18.268  1.00 44.55  ? 47  ALA   A C   1 
ATOM   329  O  O   . ALA   A 1 47  ? -5.807  -5.296  17.025  1.00 42.52  ? 47  ALA   A O   1 
ATOM   330  C  CB  . ALA   A 1 47  ? -4.285  -6.570  19.498  1.00 45.61  ? 47  ALA   A CB  1 
ATOM   331  N  N   . GLN   A 1 48  ? -6.168  -3.934  18.852  1.00 41.34  ? 48  GLN   A N   1 
ATOM   332  C  CA  . GLN   A 1 48  ? -6.240  -2.629  18.132  1.00 41.26  ? 48  GLN   A CA  1 
ATOM   333  C  C   . GLN   A 1 48  ? -4.841  -2.213  17.659  1.00 37.74  ? 48  GLN   A C   1 
ATOM   334  O  O   . GLN   A 1 48  ? -3.851  -2.570  18.330  1.00 40.44  ? 48  GLN   A O   1 
ATOM   335  C  CB  . GLN   A 1 48  ? -6.866  -1.552  19.022  1.00 42.96  ? 48  GLN   A CB  1 
ATOM   336  C  CG  . GLN   A 1 48  ? -8.376  -1.681  19.122  1.00 46.37  ? 48  GLN   A CG  1 
ATOM   337  C  CD  . GLN   A 1 48  ? -9.061  -0.352  19.320  1.00 53.15  ? 48  GLN   A CD  1 
ATOM   338  O  OE1 . GLN   A 1 48  ? -9.139  0.158   20.432  1.00 56.34  ? 48  GLN   A OE1 1 
ATOM   339  N  NE2 . GLN   A 1 48  ? -9.582  0.217   18.243  1.00 55.56  ? 48  GLN   A NE2 1 
ATOM   340  N  N   . GLY   A 1 49  ? -4.763  -1.471  16.548  1.00 36.42  ? 49  GLY   A N   1 
ATOM   341  C  CA  . GLY   A 1 49  ? -3.496  -1.181  15.843  1.00 36.61  ? 49  GLY   A CA  1 
ATOM   342  C  C   . GLY   A 1 49  ? -2.975  0.223   16.114  1.00 34.08  ? 49  GLY   A C   1 
ATOM   343  O  O   . GLY   A 1 49  ? -3.806  1.082   16.446  1.00 32.12  ? 49  GLY   A O   1 
ATOM   344  N  N   . CYS   A 1 50  ? -1.668  0.459   15.918  1.00 33.02  ? 50  CYS   A N   1 
ATOM   345  C  CA  . CYS   A 1 50  ? -0.983  1.736   16.261  1.00 33.35  ? 50  CYS   A CA  1 
ATOM   346  C  C   . CYS   A 1 50  ? -1.091  2.780   15.131  1.00 34.47  ? 50  CYS   A C   1 
ATOM   347  O  O   . CYS   A 1 50  ? -0.739  3.940   15.406  1.00 33.32  ? 50  CYS   A O   1 
ATOM   348  C  CB  . CYS   A 1 50  ? 0.498   1.532   16.596  1.00 37.12  ? 50  CYS   A CB  1 
ATOM   349  S  SG  . CYS   A 1 50  ? 0.841   0.917   18.271  1.00 47.88  ? 50  CYS   A SG  1 
ATOM   350  N  N   . ASP   A 1 51  ? -1.524  2.435   13.913  1.00 30.53  ? 51  ASP   A N   1 
ATOM   351  C  CA  . ASP   A 1 51  ? -1.429  3.371   12.748  1.00 30.32  ? 51  ASP   A CA  1 
ATOM   352  C  C   . ASP   A 1 51  ? -2.702  4.203   12.575  1.00 27.84  ? 51  ASP   A C   1 
ATOM   353  O  O   . ASP   A 1 51  ? -3.781  3.710   12.874  1.00 28.84  ? 51  ASP   A O   1 
ATOM   354  C  CB  . ASP   A 1 51  ? -1.105  2.647   11.440  1.00 27.83  ? 51  ASP   A CB  1 
ATOM   355  C  CG  . ASP   A 1 51  ? 0.148   1.809   11.495  1.00 28.76  ? 51  ASP   A CG  1 
ATOM   356  O  OD1 . ASP   A 1 51  ? 1.194   2.295   11.995  1.00 34.34  ? 51  ASP   A OD1 1 
ATOM   357  O  OD2 . ASP   A 1 51  ? 0.080   0.679   11.000  1.00 30.39  ? 51  ASP   A OD2 1 
ATOM   358  N  N   . THR   A 1 52  ? -2.534  5.435   12.075  1.00 27.16  ? 52  THR   A N   1 
ATOM   359  C  CA  . THR   A 1 52  ? -3.566  6.413   11.654  1.00 27.24  ? 52  THR   A CA  1 
ATOM   360  C  C   . THR   A 1 52  ? -3.512  6.579   10.130  1.00 22.74  ? 52  THR   A C   1 
ATOM   361  O  O   . THR   A 1 52  ? -2.405  6.696   9.579   1.00 24.82  ? 52  THR   A O   1 
ATOM   362  C  CB  . THR   A 1 52  ? -3.322  7.779   12.314  1.00 29.78  ? 52  THR   A CB  1 
ATOM   363  O  OG1 . THR   A 1 52  ? -3.408  7.590   13.728  1.00 33.72  ? 52  THR   A OG1 1 
ATOM   364  C  CG2 . THR   A 1 52  ? -4.302  8.836   11.849  1.00 32.49  ? 52  THR   A CG2 1 
ATOM   365  N  N   . ILE   A 1 53  ? -4.656  6.610   9.471   1.00 21.53  ? 53  ILE   A N   1 
ATOM   366  C  CA  . ILE   A 1 53  ? -4.743  6.740   7.996   1.00 20.56  ? 53  ILE   A CA  1 
ATOM   367  C  C   . ILE   A 1 53  ? -4.824  8.225   7.657   1.00 24.00  ? 53  ILE   A C   1 
ATOM   368  O  O   . ILE   A 1 53  ? -5.578  8.958   8.309   1.00 23.29  ? 53  ILE   A O   1 
ATOM   369  C  CB  . ILE   A 1 53  ? -5.939  5.963   7.419   1.00 20.65  ? 53  ILE   A CB  1 
ATOM   370  C  CG1 . ILE   A 1 53  ? -5.923  4.487   7.848   1.00 20.98  ? 53  ILE   A CG1 1 
ATOM   371  C  CG2 . ILE   A 1 53  ? -6.007  6.121   5.919   1.00 21.16  ? 53  ILE   A CG2 1 
ATOM   372  C  CD1 . ILE   A 1 53  ? -4.637  3.736   7.556   1.00 21.38  ? 53  ILE   A CD1 1 
ATOM   373  N  N   . ALA   A 1 54  ? -4.003  8.666   6.716   1.00 21.34  ? 54  ALA   A N   1 
ATOM   374  C  CA  . ALA   A 1 54  ? -4.103  10.025  6.152   1.00 22.09  ? 54  ALA   A CA  1 
ATOM   375  C  C   . ALA   A 1 54  ? -5.459  10.215  5.466   1.00 18.06  ? 54  ALA   A C   1 
ATOM   376  O  O   . ALA   A 1 54  ? -5.918  9.328   4.740   1.00 19.35  ? 54  ALA   A O   1 
ATOM   377  C  CB  . ALA   A 1 54  ? -2.979  10.222  5.171   1.00 19.50  ? 54  ALA   A CB  1 
ATOM   378  N  N   . ARG   A 1 55  ? -6.054  11.406  5.616   1.00 19.55  ? 55  ARG   A N   1 
ATOM   379  C  CA  . ARG   A 1 55  ? -7.254  11.803  4.829   1.00 19.38  ? 55  ARG   A CA  1 
ATOM   380  C  C   . ARG   A 1 55  ? -6.932  13.152  4.201   1.00 19.97  ? 55  ARG   A C   1 
ATOM   381  O  O   . ARG   A 1 55  ? -7.012  14.157  4.891   1.00 21.58  ? 55  ARG   A O   1 
ATOM   382  C  CB  . ARG   A 1 55  ? -8.524  11.820  5.698   1.00 23.30  ? 55  ARG   A CB  1 
ATOM   383  C  CG  . ARG   A 1 55  ? -8.833  10.491  6.396   1.00 22.17  ? 55  ARG   A CG  1 
ATOM   384  C  CD  . ARG   A 1 55  ? -9.202  9.353   5.478   1.00 22.21  ? 55  ARG   A CD  1 
ATOM   385  N  NE  . ARG   A 1 55  ? -9.308  8.114   6.239   1.00 25.57  ? 55  ARG   A NE  1 
ATOM   386  C  CZ  . ARG   A 1 55  ? -9.311  6.901   5.697   1.00 24.00  ? 55  ARG   A CZ  1 
ATOM   387  N  NH1 . ARG   A 1 55  ? -9.237  6.759   4.389   1.00 23.38  ? 55  ARG   A NH1 1 
ATOM   388  N  NH2 . ARG   A 1 55  ? -9.413  5.823   6.460   1.00 27.97  ? 55  ARG   A NH2 1 
ATOM   389  N  N   . CYS   A 1 56  ? -6.498  13.129  2.943   1.00 20.39  ? 56  CYS   A N   1 
ATOM   390  C  CA  . CYS   A 1 56  ? -5.749  14.259  2.333   1.00 19.60  ? 56  CYS   A CA  1 
ATOM   391  C  C   . CYS   A 1 56  ? -5.462  14.000  0.863   1.00 20.65  ? 56  CYS   A C   1 
ATOM   392  O  O   . CYS   A 1 56  ? -5.688  12.845  0.375   1.00 19.21  ? 56  CYS   A O   1 
ATOM   393  C  CB  . CYS   A 1 56  ? -4.455  14.479  3.091   1.00 19.32  ? 56  CYS   A CB  1 
ATOM   394  S  SG  . CYS   A 1 56  ? -3.202  13.219  2.689   1.00 20.83  ? 56  CYS   A SG  1 
ATOM   395  N  N   A ASP   A 1 57  ? -4.994  15.014  0.131   0.25 22.17  ? 57  ASP   A N   1 
ATOM   396  N  N   B ASP   A 1 57  ? -4.912  15.053  0.233   0.25 22.10  ? 57  ASP   A N   1 
ATOM   397  C  CA  A ASP   A 1 57  ? -4.452  14.826  -1.243  0.25 22.45  ? 57  ASP   A CA  1 
ATOM   398  C  CA  B ASP   A 1 57  ? -4.508  15.173  -1.194  0.25 22.33  ? 57  ASP   A CA  1 
ATOM   399  C  C   A ASP   A 1 57  ? -2.999  15.312  -1.285  0.25 22.88  ? 57  ASP   A C   1 
ATOM   400  C  C   B ASP   A 1 57  ? -2.978  15.250  -1.335  0.25 22.52  ? 57  ASP   A C   1 
ATOM   401  O  O   A ASP   A 1 57  ? -2.637  16.012  -2.231  0.25 25.54  ? 57  ASP   A O   1 
ATOM   402  O  O   B ASP   A 1 57  ? -2.525  15.578  -2.442  0.25 24.26  ? 57  ASP   A O   1 
ATOM   403  C  CB  A ASP   A 1 57  ? -5.295  15.529  -2.307  0.25 23.63  ? 57  ASP   A CB  1 
ATOM   404  C  CB  B ASP   A 1 57  ? -5.103  16.450  -1.803  0.25 22.71  ? 57  ASP   A CB  1 
ATOM   405  C  CG  A ASP   A 1 57  ? -5.261  17.039  -2.203  0.25 24.44  ? 57  ASP   A CG  1 
ATOM   406  C  CG  B ASP   A 1 57  ? -5.354  16.398  -3.301  0.25 23.58  ? 57  ASP   A CG  1 
ATOM   407  O  OD1 A ASP   A 1 57  ? -4.605  17.552  -1.279  0.25 24.69  ? 57  ASP   A OD1 1 
ATOM   408  O  OD1 B ASP   A 1 57  ? -5.514  15.281  -3.833  0.25 24.12  ? 57  ASP   A OD1 1 
ATOM   409  O  OD2 A ASP   A 1 57  ? -5.898  17.681  -3.042  0.25 28.12  ? 57  ASP   A OD2 1 
ATOM   410  O  OD2 B ASP   A 1 57  ? -5.397  17.481  -3.928  0.25 23.63  ? 57  ASP   A OD2 1 
ATOM   411  N  N   . CYS   A 1 58  ? -2.204  14.911  -0.292  1.00 22.00  ? 58  CYS   A N   1 
ATOM   412  C  CA  . CYS   A 1 58  ? -0.727  15.098  -0.283  1.00 20.29  ? 58  CYS   A CA  1 
ATOM   413  C  C   . CYS   A 1 58  ? -0.102  14.342  -1.438  1.00 20.07  ? 58  CYS   A C   1 
ATOM   414  O  O   . CYS   A 1 58  ? -0.562  13.209  -1.797  1.00 18.20  ? 58  CYS   A O   1 
ATOM   415  C  CB  . CYS   A 1 58  ? -0.046  14.622  0.987   1.00 21.31  ? 58  CYS   A CB  1 
ATOM   416  S  SG  . CYS   A 1 58  ? -0.291  15.680  2.439   1.00 19.90  ? 58  CYS   A SG  1 
ATOM   417  N  N   . GLN   A 1 59  ? 0.938   14.978  -1.961  1.00 18.33  ? 59  GLN   A N   1 
ATOM   418  C  CA  . GLN   A 1 59  ? 1.790   14.421  -3.024  1.00 17.86  ? 59  GLN   A CA  1 
ATOM   419  C  C   . GLN   A 1 59  ? 3.244   14.454  -2.537  1.00 15.32  ? 59  GLN   A C   1 
ATOM   420  O  O   . GLN   A 1 59  ? 4.126   14.189  -3.366  1.00 18.33  ? 59  GLN   A O   1 
ATOM   421  C  CB  . GLN   A 1 59  ? 1.600   15.141  -4.364  1.00 20.15  ? 59  GLN   A CB  1 
ATOM   422  C  CG  . GLN   A 1 59  ? 0.388   14.665  -5.125  1.00 21.11  ? 59  GLN   A CG  1 
ATOM   423  C  CD  . GLN   A 1 59  ? 0.327   15.266  -6.509  1.00 20.79  ? 59  GLN   A CD  1 
ATOM   424  O  OE1 . GLN   A 1 59  ? -0.372  16.262  -6.722  1.00 25.14  ? 59  GLN   A OE1 1 
ATOM   425  N  NE2 . GLN   A 1 59  ? 1.052   14.681  -7.455  1.00 24.58  ? 59  GLN   A NE2 1 
ATOM   426  N  N   . THR   A 1 60  ? 3.468   14.674  -1.246  1.00 16.05  ? 60  THR   A N   1 
ATOM   427  C  CA  . THR   A 1 60  ? 4.815   14.447  -0.671  1.00 17.40  ? 60  THR   A CA  1 
ATOM   428  C  C   . THR   A 1 60  ? 4.730   13.606  0.594   1.00 17.06  ? 60  THR   A C   1 
ATOM   429  O  O   . THR   A 1 60  ? 3.762   13.685  1.347   1.00 15.88  ? 60  THR   A O   1 
ATOM   430  C  CB  . THR   A 1 60  ? 5.585   15.744  -0.460  1.00 19.20  ? 60  THR   A CB  1 
ATOM   431  O  OG1 . THR   A 1 60  ? 4.832   16.417  0.534   1.00 23.73  ? 60  THR   A OG1 1 
ATOM   432  C  CG2 . THR   A 1 60  ? 5.733   16.561  -1.718  1.00 19.37  ? 60  THR   A CG2 1 
ATOM   433  N  N   . GLY   A 1 61  ? 5.723   12.774  0.798   1.00 15.63  ? 61  GLY   A N   1 
ATOM   434  C  CA  . GLY   A 1 61  ? 5.771   12.000  2.026   1.00 15.16  ? 61  GLY   A CA  1 
ATOM   435  C  C   . GLY   A 1 61  ? 7.056   11.238  2.115   1.00 14.13  ? 61  GLY   A C   1 
ATOM   436  O  O   . GLY   A 1 61  ? 8.006   11.625  1.445   1.00 13.94  ? 61  GLY   A O   1 
ATOM   437  N  N   . VAL   A 1 62  ? 7.071   10.216  2.948   1.00 10.87  ? 62  VAL   A N   1 
ATOM   438  C  CA  . VAL   A 1 62  ? 8.274   9.366   3.184   1.00 11.45  ? 62  VAL   A CA  1 
ATOM   439  C  C   . VAL   A 1 62  ? 7.828   7.912   3.106   1.00 12.08  ? 62  VAL   A C   1 
ATOM   440  O  O   . VAL   A 1 62  ? 6.845   7.544   3.735   1.00 13.36  ? 62  VAL   A O   1 
ATOM   441  C  CB  . VAL   A 1 62  ? 8.914   9.712   4.547   1.00 13.06  ? 62  VAL   A CB  1 
ATOM   442  C  CG1 . VAL   A 1 62  ? 10.054  8.799   4.909   1.00 14.73  ? 62  VAL   A CG1 1 
ATOM   443  C  CG2 . VAL   A 1 62  ? 9.308   11.195  4.634   1.00 12.62  ? 62  VAL   A CG2 1 
ATOM   444  N  N   . TYR   A 1 63  ? 8.609   7.063   2.443   1.00 12.85  ? 63  TYR   A N   1 
ATOM   445  C  CA  . TYR   A 1 63  ? 8.314   5.618   2.417   1.00 12.12  ? 63  TYR   A CA  1 
ATOM   446  C  C   . TYR   A 1 63  ? 9.474   4.810   2.973   1.00 13.77  ? 63  TYR   A C   1 
ATOM   447  O  O   . TYR   A 1 63  ? 10.629  5.247   2.855   1.00 13.93  ? 63  TYR   A O   1 
ATOM   448  C  CB  . TYR   A 1 63  ? 7.907   5.131   1.028   1.00 13.03  ? 63  TYR   A CB  1 
ATOM   449  C  CG  . TYR   A 1 63  ? 9.022   4.859   0.050   1.00 12.32  ? 63  TYR   A CG  1 
ATOM   450  C  CD1 . TYR   A 1 63  ? 9.728   5.886   -0.544  1.00 12.67  ? 63  TYR   A CD1 1 
ATOM   451  C  CD2 . TYR   A 1 63  ? 9.428   3.551   -0.209  1.00 12.94  ? 63  TYR   A CD2 1 
ATOM   452  C  CE1 . TYR   A 1 63  ? 10.704  5.628   -1.494  1.00 13.89  ? 63  TYR   A CE1 1 
ATOM   453  C  CE2 . TYR   A 1 63  ? 10.438  3.277   -1.112  1.00 15.04  ? 63  TYR   A CE2 1 
ATOM   454  C  CZ  . TYR   A 1 63  ? 11.095  4.314   -1.739  1.00 14.65  ? 63  TYR   A CZ  1 
ATOM   455  O  OH  . TYR   A 1 63  ? 12.117  4.019   -2.608  1.00 17.16  ? 63  TYR   A OH  1 
ATOM   456  N  N   . TYR   A 1 64  ? 9.119   3.670   3.534   1.00 14.20  ? 64  TYR   A N   1 
ATOM   457  C  CA  . TYR   A 1 64  ? 10.111  2.717   4.051   1.00 14.80  ? 64  TYR   A CA  1 
ATOM   458  C  C   . TYR   A 1 64  ? 10.459  1.712   2.955   1.00 15.63  ? 64  TYR   A C   1 
ATOM   459  O  O   . TYR   A 1 64  ? 9.593   1.048   2.366   1.00 14.81  ? 64  TYR   A O   1 
ATOM   460  C  CB  . TYR   A 1 64  ? 9.595   1.973   5.274   1.00 16.71  ? 64  TYR   A CB  1 
ATOM   461  C  CG  . TYR   A 1 64  ? 10.662  1.048   5.780   1.00 18.13  ? 64  TYR   A CG  1 
ATOM   462  C  CD1 . TYR   A 1 64  ? 11.879  1.572   6.210   1.00 19.47  ? 64  TYR   A CD1 1 
ATOM   463  C  CD2 . TYR   A 1 64  ? 10.489  -0.326  5.760   1.00 20.87  ? 64  TYR   A CD2 1 
ATOM   464  C  CE1 . TYR   A 1 64  ? 12.892  0.734   6.664   1.00 21.61  ? 64  TYR   A CE1 1 
ATOM   465  C  CE2 . TYR   A 1 64  ? 11.488  -1.174  6.210   1.00 23.08  ? 64  TYR   A CE2 1 
ATOM   466  C  CZ  . TYR   A 1 64  ? 12.684  -0.637  6.658   1.00 23.01  ? 64  TYR   A CZ  1 
ATOM   467  O  OH  . TYR   A 1 64  ? 13.672  -1.487  7.061   1.00 27.25  ? 64  TYR   A OH  1 
ATOM   468  N  N   . CYS   A 1 65  ? 11.758  1.593   2.688   1.00 16.41  ? 65  CYS   A N   1 
ATOM   469  C  CA  . CYS   A 1 65  ? 12.336  0.707   1.662   1.00 16.99  ? 65  CYS   A CA  1 
ATOM   470  C  C   . CYS   A 1 65  ? 13.168  -0.375  2.370   1.00 18.21  ? 65  CYS   A C   1 
ATOM   471  O  O   . CYS   A 1 65  ? 14.328  -0.084  2.801   1.00 17.52  ? 65  CYS   A O   1 
ATOM   472  C  CB  . CYS   A 1 65  ? 13.196  1.516   0.701   1.00 18.39  ? 65  CYS   A CB  1 
ATOM   473  S  SG  . CYS   A 1 65  ? 14.044  0.504   -0.532  1.00 19.36  ? 65  CYS   A SG  1 
ATOM   474  N  N   . SER   A 1 66  ? 12.596  -1.568  2.553   1.00 18.40  ? 66  SER   A N   1 
ATOM   475  C  CA  . SER   A 1 66  ? 13.268  -2.653  3.302   1.00 21.43  ? 66  SER   A CA  1 
ATOM   476  C  C   . SER   A 1 66  ? 14.568  -3.049  2.594   1.00 19.60  ? 66  SER   A C   1 
ATOM   477  O  O   . SER   A 1 66  ? 15.501  -3.361  3.320   1.00 24.39  ? 66  SER   A O   1 
ATOM   478  C  CB  . SER   A 1 66  ? 12.359  -3.853  3.520   1.00 21.16  ? 66  SER   A CB  1 
ATOM   479  O  OG  . SER   A 1 66  ? 12.070  -4.527  2.297   1.00 24.38  ? 66  SER   A OG  1 
ATOM   480  N  N   . SER   A 1 67  ? 14.632  -3.032  1.263   1.00 20.48  ? 67  SER   A N   1 
ATOM   481  C  CA  . SER   A 1 67  ? 15.831  -3.455  0.475   1.00 22.24  ? 67  SER   A CA  1 
ATOM   482  C  C   . SER   A 1 67  ? 16.980  -2.442  0.619   1.00 24.42  ? 67  SER   A C   1 
ATOM   483  O  O   . SER   A 1 67  ? 18.049  -2.711  -0.016  1.00 24.46  ? 67  SER   A O   1 
ATOM   484  C  CB  . SER   A 1 67  ? 15.502  -3.713  -0.963  1.00 23.41  ? 67  SER   A CB  1 
ATOM   485  O  OG  . SER   A 1 67  ? 15.172  -2.528  -1.664  1.00 22.18  ? 67  SER   A OG  1 
ATOM   486  N  N   . ARG   A 1 68  ? 16.803  -1.355  1.407   1.00 22.92  ? 68  ARG   A N   1 
ATOM   487  C  CA  . ARG   A 1 68  ? 17.856  -0.330  1.691   1.00 21.89  ? 68  ARG   A CA  1 
ATOM   488  C  C   . ARG   A 1 68  ? 17.930  -0.039  3.187   1.00 21.15  ? 68  ARG   A C   1 
ATOM   489  O  O   . ARG   A 1 68  ? 18.811  0.715   3.576   1.00 23.38  ? 68  ARG   A O   1 
ATOM   490  C  CB  . ARG   A 1 68  ? 17.589  0.975   0.936   1.00 20.39  ? 68  ARG   A CB  1 
ATOM   491  C  CG  . ARG   A 1 68  ? 17.699  0.846   -0.572  1.00 20.70  ? 68  ARG   A CG  1 
ATOM   492  C  CD  . ARG   A 1 68  ? 19.149  0.823   -1.034  1.00 20.02  ? 68  ARG   A CD  1 
ATOM   493  N  NE  . ARG   A 1 68  ? 19.213  0.665   -2.465  1.00 20.55  ? 68  ARG   A NE  1 
ATOM   494  C  CZ  . ARG   A 1 68  ? 19.149  -0.490  -3.131  1.00 21.87  ? 68  ARG   A CZ  1 
ATOM   495  N  NH1 . ARG   A 1 68  ? 19.062  -1.647  -2.486  1.00 23.44  ? 68  ARG   A NH1 1 
ATOM   496  N  NH2 . ARG   A 1 68  ? 19.205  -0.481  -4.452  1.00 21.95  ? 68  ARG   A NH2 1 
ATOM   497  N  N   . ARG   A 1 69  ? 17.013  -0.606  3.987   1.00 21.50  ? 69  ARG   A N   1 
ATOM   498  C  CA  . ARG   A 1 69  ? 16.842  -0.285  5.420   1.00 21.69  ? 69  ARG   A CA  1 
ATOM   499  C  C   . ARG   A 1 69  ? 16.769  1.236   5.601   1.00 22.23  ? 69  ARG   A C   1 
ATOM   500  O  O   . ARG   A 1 69  ? 17.387  1.759   6.538   1.00 23.62  ? 69  ARG   A O   1 
ATOM   501  C  CB  . ARG   A 1 69  ? 17.976  -0.914  6.238   1.00 24.97  ? 69  ARG   A CB  1 
ATOM   502  C  CG  . ARG   A 1 69  ? 17.963  -2.433  6.228   1.00 25.43  ? 69  ARG   A CG  1 
ATOM   503  C  CD  . ARG   A 1 69  ? 19.027  -2.998  7.154   1.00 25.79  ? 69  ARG   A CD  1 
ATOM   504  N  NE  . ARG   A 1 69  ? 19.029  -4.471  7.181   1.00 29.69  ? 69  ARG   A NE  1 
ATOM   505  C  CZ  . ARG   A 1 69  ? 20.030  -5.261  6.772   1.00 30.68  ? 69  ARG   A CZ  1 
ATOM   506  N  NH1 . ARG   A 1 69  ? 21.137  -4.752  6.235   1.00 29.58  ? 69  ARG   A NH1 1 
ATOM   507  N  NH2 . ARG   A 1 69  ? 19.889  -6.582  6.845   1.00 30.11  ? 69  ARG   A NH2 1 
ATOM   508  N  N   . LYS   A 1 70  ? 16.004  1.929   4.751   1.00 23.44  ? 70  LYS   A N   1 
ATOM   509  C  CA  . LYS   A 1 70  ? 15.989  3.420   4.711   1.00 22.29  ? 70  LYS   A CA  1 
ATOM   510  C  C   . LYS   A 1 70  ? 14.559  3.905   4.481   1.00 19.15  ? 70  LYS   A C   1 
ATOM   511  O  O   . LYS   A 1 70  ? 13.788  3.228   3.753   1.00 18.58  ? 70  LYS   A O   1 
ATOM   512  C  CB  . LYS   A 1 70  ? 16.909  3.961   3.601   1.00 24.76  ? 70  LYS   A CB  1 
ATOM   513  C  CG  . LYS   A 1 70  ? 18.397  3.947   3.954   1.00 32.01  ? 70  LYS   A CG  1 
ATOM   514  C  CD  . LYS   A 1 70  ? 19.209  5.082   3.360   1.00 36.16  ? 70  LYS   A CD  1 
ATOM   515  C  CE  . LYS   A 1 70  ? 20.659  5.071   3.804   1.00 43.03  ? 70  LYS   A CE  1 
ATOM   516  N  NZ  . LYS   A 1 70  ? 21.354  3.812   3.445   1.00 46.93  ? 70  LYS   A NZ  1 
ATOM   517  N  N   . HIS   A 1 71  ? 14.258  5.057   5.070   1.00 19.15  ? 71  HIS   A N   1 
ATOM   518  C  CA  . HIS   A 1 71  ? 13.049  5.847   4.748   1.00 18.61  ? 71  HIS   A CA  1 
ATOM   519  C  C   . HIS   A 1 71  ? 13.494  6.947   3.805   1.00 20.26  ? 71  HIS   A C   1 
ATOM   520  O  O   . HIS   A 1 71  ? 14.442  7.648   4.146   1.00 20.30  ? 71  HIS   A O   1 
ATOM   521  C  CB  . HIS   A 1 71  ? 12.390  6.414   6.003   1.00 18.54  ? 71  HIS   A CB  1 
ATOM   522  C  CG  . HIS   A 1 71  ? 11.922  5.387   6.965   1.00 19.02  ? 71  HIS   A CG  1 
ATOM   523  N  ND1 . HIS   A 1 71  ? 10.586  5.088   7.151   1.00 19.09  ? 71  HIS   A ND1 1 
ATOM   524  C  CD2 . HIS   A 1 71  ? 12.602  4.573   7.795   1.00 19.90  ? 71  HIS   A CD2 1 
ATOM   525  C  CE1 . HIS   A 1 71  ? 10.464  4.141   8.037   1.00 16.45  ? 71  HIS   A CE1 1 
ATOM   526  N  NE2 . HIS   A 1 71  ? 11.684  3.833   8.481   1.00 22.81  ? 71  HIS   A NE2 1 
ATOM   527  N  N   . TYR   A 1 72  ? 12.796  7.100   2.685   1.00 18.06  ? 72  TYR   A N   1 
ATOM   528  C  CA  . TYR   A 1 72  ? 13.125  8.091   1.641   1.00 16.63  ? 72  TYR   A CA  1 
ATOM   529  C  C   . TYR   A 1 72  ? 11.983  9.078   1.498   1.00 15.82  ? 72  TYR   A C   1 
ATOM   530  O  O   . TYR   A 1 72  ? 10.820  8.676   1.386   1.00 16.57  ? 72  TYR   A O   1 
ATOM   531  C  CB  . TYR   A 1 72  ? 13.325  7.445   0.274   1.00 16.83  ? 72  TYR   A CB  1 
ATOM   532  C  CG  . TYR   A 1 72  ? 14.535  6.543   0.172   1.00 17.37  ? 72  TYR   A CG  1 
ATOM   533  C  CD1 . TYR   A 1 72  ? 15.810  7.078   0.051   1.00 18.90  ? 72  TYR   A CD1 1 
ATOM   534  C  CD2 . TYR   A 1 72  ? 14.429  5.157   0.132   1.00 18.30  ? 72  TYR   A CD2 1 
ATOM   535  C  CE1 . TYR   A 1 72  ? 16.940  6.274   -0.076  1.00 18.70  ? 72  TYR   A CE1 1 
ATOM   536  C  CE2 . TYR   A 1 72  ? 15.546  4.336   -0.010  1.00 17.98  ? 72  TYR   A CE2 1 
ATOM   537  C  CZ  . TYR   A 1 72  ? 16.814  4.896   -0.097  1.00 19.05  ? 72  TYR   A CZ  1 
ATOM   538  O  OH  . TYR   A 1 72  ? 17.917  4.086   -0.253  1.00 21.07  ? 72  TYR   A OH  1 
ATOM   539  N  N   . PRO   A 1 73  ? 12.288  10.388  1.474   1.00 16.18  ? 73  PRO   A N   1 
ATOM   540  C  CA  . PRO   A 1 73  ? 11.261  11.365  1.147   1.00 17.32  ? 73  PRO   A CA  1 
ATOM   541  C  C   . PRO   A 1 73  ? 11.078  11.374  -0.370  1.00 17.65  ? 73  PRO   A C   1 
ATOM   542  O  O   . PRO   A 1 73  ? 12.069  11.332  -1.094  1.00 16.69  ? 73  PRO   A O   1 
ATOM   543  C  CB  . PRO   A 1 73  ? 11.822  12.712  1.644   1.00 17.51  ? 73  PRO   A CB  1 
ATOM   544  C  CG  . PRO   A 1 73  ? 13.334  12.497  1.644   1.00 18.93  ? 73  PRO   A CG  1 
ATOM   545  C  CD  . PRO   A 1 73  ? 13.588  11.003  1.797   1.00 16.71  ? 73  PRO   A CD  1 
ATOM   546  N  N   . VAL   A 1 74  ? 9.813   11.426  -0.797  1.00 14.70  ? 74  VAL   A N   1 
ATOM   547  C  CA  . VAL   A 1 74  ? 9.416   11.359  -2.221  1.00 15.21  ? 74  VAL   A CA  1 
ATOM   548  C  C   . VAL   A 1 74  ? 8.235   12.289  -2.496  1.00 16.40  ? 74  VAL   A C   1 
ATOM   549  O  O   . VAL   A 1 74  ? 7.432   12.549  -1.580  1.00 16.39  ? 74  VAL   A O   1 
ATOM   550  C  CB  . VAL   A 1 74  ? 9.081   9.920   -2.649  1.00 17.86  ? 74  VAL   A CB  1 
ATOM   551  C  CG1 . VAL   A 1 74  ? 10.331  9.069   -2.715  1.00 18.79  ? 74  VAL   A CG1 1 
ATOM   552  C  CG2 . VAL   A 1 74  ? 7.999   9.320   -1.770  1.00 18.70  ? 74  VAL   A CG2 1 
ATOM   553  N  N   . SER   A 1 75  ? 8.192   12.776  -3.739  1.00 16.77  ? 75  SER   A N   1 
ATOM   554  C  CA  . SER   A 1 75  ? 6.981   13.293  -4.424  1.00 17.08  ? 75  SER   A CA  1 
ATOM   555  C  C   . SER   A 1 75  ? 6.325   12.136  -5.157  1.00 16.36  ? 75  SER   A C   1 
ATOM   556  O  O   . SER   A 1 75  ? 7.063   11.295  -5.711  1.00 15.45  ? 75  SER   A O   1 
ATOM   557  C  CB  . SER   A 1 75  ? 7.316   14.377  -5.401  1.00 20.33  ? 75  SER   A CB  1 
ATOM   558  O  OG  . SER   A 1 75  ? 7.992   15.414  -4.735  1.00 25.13  ? 75  SER   A OG  1 
ATOM   559  N  N   . PHE   A 1 76  ? 4.989   12.074  -5.139  1.00 17.49  ? 76  PHE   A N   1 
ATOM   560  C  CA  . PHE   A 1 76  ? 4.265   10.967  -5.793  1.00 16.16  ? 76  PHE   A CA  1 
ATOM   561  C  C   . PHE   A 1 76  ? 3.018   11.524  -6.479  1.00 16.50  ? 76  PHE   A C   1 
ATOM   562  O  O   . PHE   A 1 76  ? 2.446   12.572  -6.075  1.00 19.69  ? 76  PHE   A O   1 
ATOM   563  C  CB  . PHE   A 1 76  ? 3.976   9.811   -4.823  1.00 17.75  ? 76  PHE   A CB  1 
ATOM   564  C  CG  . PHE   A 1 76  ? 3.223   10.247  -3.593  1.00 16.11  ? 76  PHE   A CG  1 
ATOM   565  C  CD1 . PHE   A 1 76  ? 3.882   10.608  -2.438  1.00 16.39  ? 76  PHE   A CD1 1 
ATOM   566  C  CD2 . PHE   A 1 76  ? 1.835   10.306  -3.602  1.00 17.13  ? 76  PHE   A CD2 1 
ATOM   567  C  CE1 . PHE   A 1 76  ? 3.204   11.002  -1.297  1.00 16.14  ? 76  PHE   A CE1 1 
ATOM   568  C  CE2 . PHE   A 1 76  ? 1.162   10.680  -2.459  1.00 15.40  ? 76  PHE   A CE2 1 
ATOM   569  C  CZ  . PHE   A 1 76  ? 1.828   11.041  -1.314  1.00 16.79  ? 76  PHE   A CZ  1 
ATOM   570  N  N   . SER   A 1 77  ? 2.667   10.857  -7.566  1.00 18.62  ? 77  SER   A N   1 
ATOM   571  C  CA  . SER   A 1 77  ? 1.458   11.161  -8.373  1.00 20.04  ? 77  SER   A CA  1 
ATOM   572  C  C   . SER   A 1 77  ? 0.172   10.851  -7.575  1.00 21.25  ? 77  SER   A C   1 
ATOM   573  O  O   . SER   A 1 77  ? 0.186   10.028  -6.692  1.00 19.94  ? 77  SER   A O   1 
ATOM   574  C  CB  . SER   A 1 77  ? 1.530   10.428  -9.646  1.00 19.82  ? 77  SER   A CB  1 
ATOM   575  O  OG  . SER   A 1 77  ? 1.412   9.029   -9.463  1.00 20.32  ? 77  SER   A OG  1 
ATOM   576  N  N   . LYS   A 1 78  ? -0.952  11.491  -7.914  1.00 22.13  ? 78  LYS   A N   1 
ATOM   577  C  CA  . LYS   A 1 78  ? -2.282  11.122  -7.350  1.00 24.62  ? 78  LYS   A CA  1 
ATOM   578  C  C   . LYS   A 1 78  ? -2.664  9.719   -7.825  1.00 25.02  ? 78  LYS   A C   1 
ATOM   579  O  O   . LYS   A 1 78  ? -2.241  9.233   -8.876  1.00 23.79  ? 78  LYS   A O   1 
ATOM   580  C  CB  . LYS   A 1 78  ? -3.304  12.201  -7.712  1.00 25.88  ? 78  LYS   A CB  1 
ATOM   581  C  CG  . LYS   A 1 78  ? -2.979  13.572  -7.142  1.00 27.80  ? 78  LYS   A CG  1 
ATOM   582  C  CD  . LYS   A 1 78  ? -3.970  14.665  -7.462  1.00 31.66  ? 78  LYS   A CD  1 
ATOM   583  C  CE  . LYS   A 1 78  ? -3.765  15.889  -6.593  1.00 34.92  ? 78  LYS   A CE  1 
ATOM   584  N  NZ  . LYS   A 1 78  ? -4.846  16.891  -6.769  1.00 40.22  ? 78  LYS   A NZ  1 
ATOM   585  N  N   . PRO   A 1 79  ? -3.421  8.976   -6.982  1.00 25.81  ? 79  PRO   A N   1 
ATOM   586  C  CA  . PRO   A 1 79  ? -3.793  7.594   -7.282  1.00 26.25  ? 79  PRO   A CA  1 
ATOM   587  C  C   . PRO   A 1 79  ? -4.543  7.515   -8.625  1.00 26.62  ? 79  PRO   A C   1 
ATOM   588  O  O   . PRO   A 1 79  ? -5.477  8.261   -8.806  1.00 29.34  ? 79  PRO   A O   1 
ATOM   589  C  CB  . PRO   A 1 79  ? -4.764  7.184   -6.160  1.00 26.51  ? 79  PRO   A CB  1 
ATOM   590  C  CG  . PRO   A 1 79  ? -4.694  8.265   -5.122  1.00 25.84  ? 79  PRO   A CG  1 
ATOM   591  C  CD  . PRO   A 1 79  ? -3.989  9.456   -5.728  1.00 25.40  ? 79  PRO   A CD  1 
ATOM   592  N  N   A SER   A 1 80  ? -4.093  6.637   -9.527  0.25 29.76  ? 80  SER   A N   1 
ATOM   593  N  N   B SER   A 1 80  ? -4.161  6.578   -9.487  0.25 30.42  ? 80  SER   A N   1 
ATOM   594  C  CA  A SER   A 1 80  ? -4.600  6.492   -10.921 0.25 31.00  ? 80  SER   A CA  1 
ATOM   595  C  CA  B SER   A 1 80  ? -4.717  6.444   -10.858 0.25 31.78  ? 80  SER   A CA  1 
ATOM   596  C  C   A SER   A 1 80  ? -4.631  5.022   -11.355 0.25 31.96  ? 80  SER   A C   1 
ATOM   597  C  C   B SER   A 1 80  ? -4.616  5.006   -11.365 0.25 32.49  ? 80  SER   A C   1 
ATOM   598  O  O   A SER   A 1 80  ? -4.135  4.156   -10.598 0.25 30.44  ? 80  SER   A O   1 
ATOM   599  O  O   B SER   A 1 80  ? -4.032  4.149   -10.662 0.25 30.58  ? 80  SER   A O   1 
ATOM   600  C  CB  A SER   A 1 80  ? -3.755  7.283   -11.904 0.25 30.74  ? 80  SER   A CB  1 
ATOM   601  C  CB  B SER   A 1 80  ? -4.011  7.396   -11.789 0.25 32.87  ? 80  SER   A CB  1 
ATOM   602  O  OG  A SER   A 1 80  ? -3.085  8.365   -11.277 0.25 32.46  ? 80  SER   A OG  1 
ATOM   603  O  OG  B SER   A 1 80  ? -4.110  8.714   -11.278 0.25 35.01  ? 80  SER   A OG  1 
ATOM   604  N  N   . LEU   A 1 81  ? -5.159  4.771   -12.563 1.00 30.65  ? 81  LEU   A N   1 
ATOM   605  C  CA  . LEU   A 1 81  ? -5.135  3.457   -13.241 1.00 32.29  ? 81  LEU   A CA  1 
ATOM   606  C  C   . LEU   A 1 81  ? -3.906  3.435   -14.147 1.00 33.44  ? 81  LEU   A C   1 
ATOM   607  O  O   . LEU   A 1 81  ? -3.848  4.263   -15.066 1.00 32.38  ? 81  LEU   A O   1 
ATOM   608  C  CB  . LEU   A 1 81  ? -6.439  3.291   -14.033 1.00 36.57  ? 81  LEU   A CB  1 
ATOM   609  C  CG  . LEU   A 1 81  ? -6.554  2.001   -14.843 1.00 40.00  ? 81  LEU   A CG  1 
ATOM   610  C  CD1 . LEU   A 1 81  ? -6.423  0.777   -13.947 1.00 39.82  ? 81  LEU   A CD1 1 
ATOM   611  C  CD2 . LEU   A 1 81  ? -7.879  1.967   -15.603 1.00 42.62  ? 81  LEU   A CD2 1 
ATOM   612  N  N   . ILE   A 1 82  ? -2.984  2.504   -13.915 1.00 30.46  ? 82  ILE   A N   1 
ATOM   613  C  CA  . ILE   A 1 82  ? -1.632  2.513   -14.528 1.00 31.93  ? 82  ILE   A CA  1 
ATOM   614  C  C   . ILE   A 1 82  ? -1.320  1.118   -15.018 1.00 31.91  ? 82  ILE   A C   1 
ATOM   615  O  O   . ILE   A 1 82  ? -1.537  0.179   -14.250 1.00 32.51  ? 82  ILE   A O   1 
ATOM   616  C  CB  . ILE   A 1 82  ? -0.565  2.949   -13.509 1.00 33.03  ? 82  ILE   A CB  1 
ATOM   617  C  CG1 . ILE   A 1 82  ? -0.938  4.282   -12.850 1.00 34.09  ? 82  ILE   A CG1 1 
ATOM   618  C  CG2 . ILE   A 1 82  ? 0.804   2.972   -14.160 1.00 32.18  ? 82  ILE   A CG2 1 
ATOM   619  C  CD1 . ILE   A 1 82  ? -0.977  5.452   -13.801 1.00 38.14  ? 82  ILE   A CD1 1 
ATOM   620  N  N   . PHE   A 1 83  ? -0.766  1.021   -16.212 1.00 28.90  ? 83  PHE   A N   1 
ATOM   621  C  CA  . PHE   A 1 83  ? -0.177  -0.238  -16.711 1.00 31.27  ? 83  PHE   A CA  1 
ATOM   622  C  C   . PHE   A 1 83  ? 1.087   -0.504  -15.903 1.00 33.41  ? 83  PHE   A C   1 
ATOM   623  O  O   . PHE   A 1 83  ? 1.953   0.410   -15.787 1.00 31.96  ? 83  PHE   A O   1 
ATOM   624  C  CB  . PHE   A 1 83  ? 0.096   -0.203  -18.217 1.00 31.12  ? 83  PHE   A CB  1 
ATOM   625  C  CG  . PHE   A 1 83  ? 0.432   -1.569  -18.750 1.00 30.91  ? 83  PHE   A CG  1 
ATOM   626  C  CD1 . PHE   A 1 83  ? -0.581  -2.493  -18.958 1.00 32.84  ? 83  PHE   A CD1 1 
ATOM   627  C  CD2 . PHE   A 1 83  ? 1.746   -1.955  -18.971 1.00 29.85  ? 83  PHE   A CD2 1 
ATOM   628  C  CE1 . PHE   A 1 83  ? -0.292  -3.770  -19.413 1.00 31.92  ? 83  PHE   A CE1 1 
ATOM   629  C  CE2 . PHE   A 1 83  ? 2.035   -3.236  -19.424 1.00 32.11  ? 83  PHE   A CE2 1 
ATOM   630  C  CZ  . PHE   A 1 83  ? 1.016   -4.144  -19.631 1.00 31.57  ? 83  PHE   A CZ  1 
ATOM   631  N  N   . VAL   A 1 84  ? 1.169   -1.712  -15.368 0.26 31.92  ? 84  VAL   A N   1 
ATOM   632  C  CA  . VAL   A 1 84  ? 2.368   -2.133  -14.613 0.26 31.01  ? 84  VAL   A CA  1 
ATOM   633  C  C   . VAL   A 1 84  ? 2.998   -3.285  -15.385 0.26 31.31  ? 84  VAL   A C   1 
ATOM   634  O  O   . VAL   A 1 84  ? 2.333   -4.224  -15.694 0.26 34.93  ? 84  VAL   A O   1 
ATOM   635  C  CB  . VAL   A 1 84  ? 2.004   -2.563  -13.175 0.26 30.21  ? 84  VAL   A CB  1 
ATOM   636  C  CG1 . VAL   A 1 84  ? 3.233   -2.963  -12.399 0.26 31.86  ? 84  VAL   A CG1 1 
ATOM   637  C  CG2 . VAL   A 1 84  ? 1.210   -1.520  -12.431 0.26 30.33  ? 84  VAL   A CG2 1 
ATOM   638  N  N   . GLU   A 1 85  ? 4.297   -3.274  -15.560 0.26 33.85  ? 85  GLU   A N   1 
ATOM   639  C  CA  . GLU   A 1 85  ? 4.931   -4.410  -16.260 0.26 35.99  ? 85  GLU   A CA  1 
ATOM   640  C  C   . GLU   A 1 85  ? 4.984   -5.638  -15.343 0.26 39.10  ? 85  GLU   A C   1 
ATOM   641  O  O   . GLU   A 1 85  ? 4.831   -5.533  -14.107 0.26 34.15  ? 85  GLU   A O   1 
ATOM   642  C  CB  . GLU   A 1 85  ? 6.295   -4.005  -16.799 0.26 42.09  ? 85  GLU   A CB  1 
ATOM   643  C  CG  . GLU   A 1 85  ? 6.223   -2.815  -17.737 0.26 41.74  ? 85  GLU   A CG  1 
ATOM   644  C  CD  . GLU   A 1 85  ? 5.472   -3.047  -19.043 0.26 43.93  ? 85  GLU   A CD  1 
ATOM   645  O  OE1 . GLU   A 1 85  ? 5.417   -4.191  -19.485 0.26 41.86  ? 85  GLU   A OE1 1 
ATOM   646  O  OE2 . GLU   A 1 85  ? 4.950   -2.084  -19.582 0.26 43.75  ? 85  GLU   A OE2 1 
ATOM   647  N  N   . ALA   A 1 86  ? 5.235   -6.780  -15.957 0.26 38.47  ? 86  ALA   A N   1 
ATOM   648  C  CA  . ALA   A 1 86  ? 5.251   -8.072  -15.251 0.26 39.57  ? 86  ALA   A CA  1 
ATOM   649  C  C   . ALA   A 1 86  ? 6.177   -8.025  -14.053 0.26 38.88  ? 86  ALA   A C   1 
ATOM   650  O  O   . ALA   A 1 86  ? 7.296   -7.538  -14.170 0.26 35.59  ? 86  ALA   A O   1 
ATOM   651  C  CB  . ALA   A 1 86  ? 5.671   -9.165  -16.203 0.26 40.37  ? 86  ALA   A CB  1 
ATOM   652  N  N   . SER   A 1 87  ? 5.717   -8.610  -12.957 0.26 38.85  ? 87  SER   A N   1 
ATOM   653  C  CA  . SER   A 1 87  ? 6.538   -8.636  -11.726 0.26 38.59  ? 87  SER   A CA  1 
ATOM   654  C  C   . SER   A 1 87  ? 6.739   -10.084 -11.296 0.26 40.84  ? 87  SER   A C   1 
ATOM   655  O  O   . SER   A 1 87  ? 6.083   -10.967 -11.839 0.26 42.56  ? 87  SER   A O   1 
ATOM   656  C  CB  . SER   A 1 87  ? 5.855   -7.817  -10.641 0.26 40.05  ? 87  SER   A CB  1 
ATOM   657  O  OG  . SER   A 1 87  ? 4.571   -8.331  -10.328 0.26 34.88  ? 87  SER   A OG  1 
ATOM   658  N  N   . GLU   A 1 88  ? 7.503   -10.323 -10.246 0.26 39.08  ? 88  GLU   A N   1 
ATOM   659  C  CA  . GLU   A 1 88  ? 7.644   -11.735 -9.811  0.26 39.92  ? 88  GLU   A CA  1 
ATOM   660  C  C   . GLU   A 1 88  ? 6.327   -12.297 -9.251  0.26 37.70  ? 88  GLU   A C   1 
ATOM   661  O  O   . GLU   A 1 88  ? 6.173   -13.480 -9.340  0.26 36.12  ? 88  GLU   A O   1 
ATOM   662  C  CB  . GLU   A 1 88  ? 8.892   -11.937 -8.949  0.26 40.99  ? 88  GLU   A CB  1 
ATOM   663  C  CG  . GLU   A 1 88  ? 8.711   -11.632 -7.492  0.26 43.34  ? 88  GLU   A CG  1 
ATOM   664  C  CD  . GLU   A 1 88  ? 9.950   -11.832 -6.639  0.26 44.09  ? 88  GLU   A CD  1 
ATOM   665  O  OE1 . GLU   A 1 88  ? 11.029  -11.794 -7.186  0.26 43.95  ? 88  GLU   A OE1 1 
ATOM   666  O  OE2 . GLU   A 1 88  ? 9.794   -12.012 -5.434  0.26 43.49  ? 88  GLU   A OE2 1 
ATOM   667  N  N   . TYR   A 1 89  ? 5.415   -11.460 -8.752  0.26 33.49  ? 89  TYR   A N   1 
ATOM   668  C  CA  . TYR   A 1 89  ? 4.140   -11.878 -8.134  0.26 31.10  ? 89  TYR   A CA  1 
ATOM   669  C  C   . TYR   A 1 89  ? 2.917   -11.504 -8.982  0.26 31.51  ? 89  TYR   A C   1 
ATOM   670  O  O   . TYR   A 1 89  ? 1.791   -11.893 -8.613  0.26 33.02  ? 89  TYR   A O   1 
ATOM   671  C  CB  . TYR   A 1 89  ? 4.097   -11.260 -6.741  0.26 30.23  ? 89  TYR   A CB  1 
ATOM   672  C  CG  . TYR   A 1 89  ? 4.379   -9.780  -6.716  0.26 26.75  ? 89  TYR   A CG  1 
ATOM   673  C  CD1 . TYR   A 1 89  ? 5.646   -9.294  -6.462  0.26 26.23  ? 89  TYR   A CD1 1 
ATOM   674  C  CD2 . TYR   A 1 89  ? 3.380   -8.863  -6.969  0.26 26.08  ? 89  TYR   A CD2 1 
ATOM   675  C  CE1 . TYR   A 1 89  ? 5.901   -7.937  -6.439  0.26 24.73  ? 89  TYR   A CE1 1 
ATOM   676  C  CE2 . TYR   A 1 89  ? 3.617   -7.500  -6.950  0.26 25.34  ? 89  TYR   A CE2 1 
ATOM   677  C  CZ  . TYR   A 1 89  ? 4.881   -7.039  -6.672  0.26 24.10  ? 89  TYR   A CZ  1 
ATOM   678  O  OH  . TYR   A 1 89  ? 5.116   -5.711  -6.622  0.26 23.08  ? 89  TYR   A OH  1 
ATOM   679  N  N   . TYR   A 1 90  ? 3.106   -10.827 -10.110 0.26 31.72  ? 90  TYR   A N   1 
ATOM   680  C  CA  . TYR   A 1 90  ? 1.935   -10.454 -10.944 0.26 31.43  ? 90  TYR   A CA  1 
ATOM   681  C  C   . TYR   A 1 90  ? 2.297   -10.355 -12.433 0.26 32.42  ? 90  TYR   A C   1 
ATOM   682  O  O   . TYR   A 1 90  ? 3.392   -10.033 -12.786 0.26 29.66  ? 90  TYR   A O   1 
ATOM   683  C  CB  . TYR   A 1 90  ? 1.419   -9.059  -10.591 0.26 34.08  ? 90  TYR   A CB  1 
ATOM   684  C  CG  . TYR   A 1 90  ? 0.418   -8.966  -9.470  0.26 35.09  ? 90  TYR   A CG  1 
ATOM   685  C  CD1 . TYR   A 1 90  ? -0.611  -9.877  -9.317  0.26 36.32  ? 90  TYR   A CD1 1 
ATOM   686  C  CD2 . TYR   A 1 90  ? 0.492   -7.936  -8.550  0.26 34.05  ? 90  TYR   A CD2 1 
ATOM   687  C  CE1 . TYR   A 1 90  ? -1.538  -9.754  -8.295  0.26 36.41  ? 90  TYR   A CE1 1 
ATOM   688  C  CE2 . TYR   A 1 90  ? -0.426  -7.808  -7.525  0.26 33.57  ? 90  TYR   A CE2 1 
ATOM   689  C  CZ  . TYR   A 1 90  ? -1.435  -8.724  -7.377  0.26 35.15  ? 90  TYR   A CZ  1 
ATOM   690  O  OH  . TYR   A 1 90  ? -2.310  -8.577  -6.343  0.26 33.14  ? 90  TYR   A OH  1 
ATOM   691  N  N   . PRO   A 1 91  ? 1.341   -10.562 -13.359 0.26 36.57  ? 91  PRO   A N   1 
ATOM   692  C  CA  . PRO   A 1 91  ? 1.662   -10.408 -14.769 0.26 38.79  ? 91  PRO   A CA  1 
ATOM   693  C  C   . PRO   A 1 91  ? 1.537   -8.926  -15.154 0.26 41.68  ? 91  PRO   A C   1 
ATOM   694  O  O   . PRO   A 1 91  ? 0.948   -8.172  -14.404 0.26 36.54  ? 91  PRO   A O   1 
ATOM   695  C  CB  . PRO   A 1 91  ? 0.509   -11.146 -15.457 0.26 36.31  ? 91  PRO   A CB  1 
ATOM   696  C  CG  . PRO   A 1 91  ? -0.653  -10.955 -14.528 0.26 36.70  ? 91  PRO   A CG  1 
ATOM   697  C  CD  . PRO   A 1 91  ? -0.052  -10.903 -13.136 0.26 35.70  ? 91  PRO   A CD  1 
ATOM   698  N  N   . ALA   A 1 92  ? 2.194   -8.541  -16.256 1.00 42.28  ? 92  ALA   A N   1 
ATOM   699  C  CA  . ALA   A 1 92  ? 1.929   -7.209  -16.834 1.00 41.84  ? 92  ALA   A CA  1 
ATOM   700  C  C   . ALA   A 1 92  ? 0.404   -6.999  -16.812 1.00 40.87  ? 92  ALA   A C   1 
ATOM   701  O  O   . ALA   A 1 92  ? -0.337  -7.876  -17.297 1.00 41.48  ? 92  ALA   A O   1 
ATOM   702  C  CB  . ALA   A 1 92  ? 2.509   -7.119  -18.224 1.00 41.86  ? 92  ALA   A CB  1 
ATOM   703  N  N   . ARG   A 1 93  ? -0.077  -5.922  -16.196 1.00 36.94  ? 93  ARG   A N   1 
ATOM   704  C  CA  . ARG   A 1 93  ? -1.536  -5.670  -16.058 1.00 38.26  ? 93  ARG   A CA  1 
ATOM   705  C  C   . ARG   A 1 93  ? -1.765  -4.213  -15.654 1.00 37.57  ? 93  ARG   A C   1 
ATOM   706  O  O   . ARG   A 1 93  ? -0.765  -3.519  -15.304 1.00 34.35  ? 93  ARG   A O   1 
ATOM   707  C  CB  . ARG   A 1 93  ? -2.103  -6.631  -15.009 1.00 39.30  ? 93  ARG   A CB  1 
ATOM   708  C  CG  . ARG   A 1 93  ? -1.614  -6.327  -13.599 1.00 40.93  ? 93  ARG   A CG  1 
ATOM   709  C  CD  . ARG   A 1 93  ? -2.124  -7.240  -12.497 1.00 42.58  ? 93  ARG   A CD  1 
ATOM   710  N  NE  . ARG   A 1 93  ? -2.081  -6.493  -11.241 1.00 39.80  ? 93  ARG   A NE  1 
ATOM   711  C  CZ  . ARG   A 1 93  ? -2.959  -6.580  -10.242 1.00 40.86  ? 93  ARG   A CZ  1 
ATOM   712  N  NH1 . ARG   A 1 93  ? -3.969  -7.438  -10.283 1.00 39.04  ? 93  ARG   A NH1 1 
ATOM   713  N  NH2 . ARG   A 1 93  ? -2.809  -5.794  -9.188  1.00 39.97  ? 93  ARG   A NH2 1 
ATOM   714  N  N   . TYR   A 1 94  ? -3.024  -3.777  -15.683 1.00 36.16  ? 94  TYR   A N   1 
ATOM   715  C  CA  . TYR   A 1 94  ? -3.474  -2.477  -15.135 1.00 35.39  ? 94  TYR   A CA  1 
ATOM   716  C  C   . TYR   A 1 94  ? -3.771  -2.653  -13.645 1.00 38.16  ? 94  TYR   A C   1 
ATOM   717  O  O   . TYR   A 1 94  ? -4.454  -3.632  -13.281 1.00 33.00  ? 94  TYR   A O   1 
ATOM   718  C  CB  . TYR   A 1 94  ? -4.674  -1.941  -15.910 1.00 41.88  ? 94  TYR   A CB  1 
ATOM   719  C  CG  . TYR   A 1 94  ? -4.269  -1.284  -17.205 1.00 48.05  ? 94  TYR   A CG  1 
ATOM   720  C  CD1 . TYR   A 1 94  ? -3.969  0.070   -17.255 1.00 50.23  ? 94  TYR   A CD1 1 
ATOM   721  C  CD2 . TYR   A 1 94  ? -4.128  -2.025  -18.371 1.00 52.94  ? 94  TYR   A CD2 1 
ATOM   722  C  CE1 . TYR   A 1 94  ? -3.579  0.682   -18.437 1.00 53.99  ? 94  TYR   A CE1 1 
ATOM   723  C  CE2 . TYR   A 1 94  ? -3.741  -1.427  -19.563 1.00 54.98  ? 94  TYR   A CE2 1 
ATOM   724  C  CZ  . TYR   A 1 94  ? -3.469  -0.068  -19.597 1.00 55.74  ? 94  TYR   A CZ  1 
ATOM   725  O  OH  . TYR   A 1 94  ? -3.087  0.522   -20.768 1.00 60.61  ? 94  TYR   A OH  1 
ATOM   726  N  N   . GLN   A 1 95  ? -3.204  -1.773  -12.811 1.00 31.86  ? 95  GLN   A N   1 
ATOM   727  C  CA  . GLN   A 1 95  ? -3.483  -1.680  -11.354 1.00 28.66  ? 95  GLN   A CA  1 
ATOM   728  C  C   . GLN   A 1 95  ? -4.107  -0.315  -11.097 1.00 27.34  ? 95  GLN   A C   1 
ATOM   729  O  O   . GLN   A 1 95  ? -3.546  0.683   -11.645 1.00 30.46  ? 95  GLN   A O   1 
ATOM   730  C  CB  . GLN   A 1 95  ? -2.204  -1.849  -10.545 1.00 27.83  ? 95  GLN   A CB  1 
ATOM   731  C  CG  . GLN   A 1 95  ? -2.418  -1.774  -9.043  1.00 27.48  ? 95  GLN   A CG  1 
ATOM   732  C  CD  . GLN   A 1 95  ? -1.317  -2.465  -8.284  1.00 25.86  ? 95  GLN   A CD  1 
ATOM   733  O  OE1 . GLN   A 1 95  ? -0.731  -3.428  -8.751  1.00 24.96  ? 95  GLN   A OE1 1 
ATOM   734  N  NE2 . GLN   A 1 95  ? -1.024  -1.961  -7.100  1.00 26.91  ? 95  GLN   A NE2 1 
ATOM   735  N  N   . SER   A 1 96  ? -5.194  -0.270  -10.324 1.00 26.23  ? 96  SER   A N   1 
ATOM   736  C  CA  . SER   A 1 96  ? -5.968  0.946   -9.961  1.00 26.21  ? 96  SER   A CA  1 
ATOM   737  C  C   . SER   A 1 96  ? -5.506  1.548   -8.626  1.00 27.57  ? 96  SER   A C   1 
ATOM   738  O  O   . SER   A 1 96  ? -4.859  0.852   -7.837  1.00 25.21  ? 96  SER   A O   1 
ATOM   739  C  CB  . SER   A 1 96  ? -7.416  0.608   -9.880  1.00 27.61  ? 96  SER   A CB  1 
ATOM   740  O  OG  . SER   A 1 96  ? -7.605  -0.485  -8.996  1.00 28.27  ? 96  SER   A OG  1 
ATOM   741  N  N   . HIS   A 1 97  ? -5.905  2.793   -8.365  1.00 26.15  ? 97  HIS   A N   1 
ATOM   742  C  CA  . HIS   A 1 97  ? -5.540  3.551   -7.139  1.00 27.57  ? 97  HIS   A CA  1 
ATOM   743  C  C   . HIS   A 1 97  ? -4.024  3.476   -6.873  1.00 25.26  ? 97  HIS   A C   1 
ATOM   744  O  O   . HIS   A 1 97  ? -3.641  3.358   -5.666  1.00 23.02  ? 97  HIS   A O   1 
ATOM   745  C  CB  . HIS   A 1 97  ? -6.357  2.996   -5.978  1.00 28.75  ? 97  HIS   A CB  1 
ATOM   746  C  CG  . HIS   A 1 97  ? -7.821  3.054   -6.219  1.00 28.31  ? 97  HIS   A CG  1 
ATOM   747  N  ND1 . HIS   A 1 97  ? -8.604  4.033   -5.660  1.00 26.18  ? 97  HIS   A ND1 1 
ATOM   748  C  CD2 . HIS   A 1 97  ? -8.640  2.261   -6.955  1.00 29.09  ? 97  HIS   A CD2 1 
ATOM   749  C  CE1 . HIS   A 1 97  ? -9.864  3.832   -6.018  1.00 27.59  ? 97  HIS   A CE1 1 
ATOM   750  N  NE2 . HIS   A 1 97  ? -9.908  2.764   -6.817  1.00 28.08  ? 97  HIS   A NE2 1 
ATOM   751  N  N   . LEU   A 1 98  ? -3.200  3.526   -7.921  1.00 24.99  ? 98  LEU   A N   1 
ATOM   752  C  CA  . LEU   A 1 98  ? -1.724  3.408   -7.821  1.00 21.72  ? 98  LEU   A CA  1 
ATOM   753  C  C   . LEU   A 1 98  ? -1.068  4.803   -7.875  1.00 23.63  ? 98  LEU   A C   1 
ATOM   754  O  O   . LEU   A 1 98  ? -1.416  5.596   -8.757  1.00 22.67  ? 98  LEU   A O   1 
ATOM   755  C  CB  . LEU   A 1 98  ? -1.161  2.520   -8.930  1.00 23.69  ? 98  LEU   A CB  1 
ATOM   756  C  CG  . LEU   A 1 98  ? 0.325   2.198   -8.782  1.00 23.94  ? 98  LEU   A CG  1 
ATOM   757  C  CD1 . LEU   A 1 98  ? 0.562   1.438   -7.499  1.00 21.98  ? 98  LEU   A CD1 1 
ATOM   758  C  CD2 . LEU   A 1 98  ? 0.876   1.434   -9.979  1.00 24.99  ? 98  LEU   A CD2 1 
ATOM   759  N  N   . MET   A 1 99  ? -0.120  5.062   -6.966  1.00 20.31  ? 99  MET   A N   1 
ATOM   760  C  CA  . MET   A 1 99  ? 0.675   6.328   -6.898  1.00 19.01  ? 99  MET   A CA  1 
ATOM   761  C  C   . MET   A 1 99  ? 2.115   5.996   -7.248  1.00 20.19  ? 99  MET   A C   1 
ATOM   762  O  O   . MET   A 1 99  ? 2.628   4.944   -6.797  1.00 20.16  ? 99  MET   A O   1 
ATOM   763  C  CB  . MET   A 1 99  ? 0.610   6.961   -5.502  1.00 17.12  ? 99  MET   A CB  1 
ATOM   764  C  CG  . MET   A 1 99  ? -0.801  7.354   -5.116  1.00 17.76  ? 99  MET   A CG  1 
ATOM   765  S  SD  . MET   A 1 99  ? -0.947  7.757   -3.408  1.00 20.49  ? 99  MET   A SD  1 
ATOM   766  C  CE  . MET   A 1 99  ? -0.660  6.187   -2.589  1.00 19.85  ? 99  MET   A CE  1 
ATOM   767  N  N   . LEU   A 1 100 ? 2.772   6.816   -8.072  1.00 18.50  ? 100 LEU   A N   1 
ATOM   768  C  CA  . LEU   A 1 100 ? 4.158   6.493   -8.471  1.00 16.93  ? 100 LEU   A CA  1 
ATOM   769  C  C   . LEU   A 1 100 ? 5.069   7.616   -7.970  1.00 15.70  ? 100 LEU   A C   1 
ATOM   770  O  O   . LEU   A 1 100 ? 4.630   8.800   -7.951  1.00 17.87  ? 100 LEU   A O   1 
ATOM   771  C  CB  . LEU   A 1 100 ? 4.244   6.393   -9.994  1.00 20.59  ? 100 LEU   A CB  1 
ATOM   772  C  CG  . LEU   A 1 100 ? 3.495   5.210   -10.590 1.00 21.42  ? 100 LEU   A CG  1 
ATOM   773  C  CD1 . LEU   A 1 100 ? 3.364   5.396   -12.088 1.00 22.58  ? 100 LEU   A CD1 1 
ATOM   774  C  CD2 . LEU   A 1 100 ? 4.204   3.916   -10.224 1.00 22.98  ? 100 LEU   A CD2 1 
ATOM   775  N  N   . ALA   A 1 101 ? 6.261   7.203   -7.572  1.00 14.39  ? 101 ALA   A N   1 
ATOM   776  C  CA  . ALA   A 1 101 ? 7.382   8.090   -7.208  1.00 15.06  ? 101 ALA   A CA  1 
ATOM   777  C  C   . ALA   A 1 101 ? 8.658   7.573   -7.849  1.00 15.99  ? 101 ALA   A C   1 
ATOM   778  O  O   . ALA   A 1 101 ? 8.809   6.347   -8.119  1.00 16.62  ? 101 ALA   A O   1 
ATOM   779  C  CB  . ALA   A 1 101 ? 7.578   8.190   -5.718  1.00 15.85  ? 101 ALA   A CB  1 
ATOM   780  N  N   . VAL   A 1 102 ? 9.600   8.488   -8.014  1.00 15.08  ? 102 VAL   A N   1 
ATOM   781  C  CA  . VAL   A 1 102 ? 10.969  8.105   -8.423  1.00 16.01  ? 102 VAL   A CA  1 
ATOM   782  C  C   . VAL   A 1 102 ? 11.680  7.564   -7.194  1.00 14.84  ? 102 VAL   A C   1 
ATOM   783  O  O   . VAL   A 1 102 ? 11.909  8.290   -6.208  1.00 15.22  ? 102 VAL   A O   1 
ATOM   784  C  CB  . VAL   A 1 102 ? 11.732  9.259   -9.084  1.00 16.42  ? 102 VAL   A CB  1 
ATOM   785  C  CG1 . VAL   A 1 102 ? 13.150  8.852   -9.447  1.00 17.39  ? 102 VAL   A CG1 1 
ATOM   786  C  CG2 . VAL   A 1 102 ? 10.963  9.768   -10.286 1.00 17.06  ? 102 VAL   A CG2 1 
ATOM   787  N  N   . GLY   A 1 103 ? 12.018  6.278   -7.232  1.00 15.42  ? 103 GLY   A N   1 
ATOM   788  C  CA  . GLY   A 1 103 ? 12.783  5.709   -6.119  1.00 14.65  ? 103 GLY   A CA  1 
ATOM   789  C  C   . GLY   A 1 103 ? 12.982  4.227   -6.289  1.00 17.26  ? 103 GLY   A C   1 
ATOM   790  O  O   . GLY   A 1 103 ? 12.545  3.687   -7.295  1.00 19.23  ? 103 GLY   A O   1 
ATOM   791  N  N   . HIS   A 1 104 ? 13.703  3.639   -5.346  1.00 19.40  ? 104 HIS   A N   1 
ATOM   792  C  CA  . HIS   A 1 104 ? 14.064  2.209   -5.365  1.00 20.63  ? 104 HIS   A CA  1 
ATOM   793  C  C   . HIS   A 1 104 ? 12.947  1.365   -4.742  1.00 21.54  ? 104 HIS   A C   1 
ATOM   794  O  O   . HIS   A 1 104 ? 12.501  1.659   -3.598  1.00 20.51  ? 104 HIS   A O   1 
ATOM   795  C  CB  . HIS   A 1 104 ? 15.392  1.971   -4.645  1.00 19.85  ? 104 HIS   A CB  1 
ATOM   796  C  CG  . HIS   A 1 104 ? 15.802  0.550   -4.772  1.00 21.50  ? 104 HIS   A CG  1 
ATOM   797  N  ND1 . HIS   A 1 104 ? 16.127  0.010   -5.985  1.00 20.52  ? 104 HIS   A ND1 1 
ATOM   798  C  CD2 . HIS   A 1 104 ? 15.768  -0.471  -3.888  1.00 21.11  ? 104 HIS   A CD2 1 
ATOM   799  C  CE1 . HIS   A 1 104 ? 16.360  -1.283  -5.826  1.00 21.61  ? 104 HIS   A CE1 1 
ATOM   800  N  NE2 . HIS   A 1 104 ? 16.192  -1.590  -4.553  1.00 20.71  ? 104 HIS   A NE2 1 
ATOM   801  N  N   . SER   A 1 105 ? 12.607  0.276   -5.436  1.00 23.40  ? 105 SER   A N   1 
ATOM   802  C  CA  . SER   A 1 105 ? 11.554  -0.715  -5.093  1.00 24.65  ? 105 SER   A CA  1 
ATOM   803  C  C   . SER   A 1 105 ? 12.044  -2.047  -5.644  1.00 26.80  ? 105 SER   A C   1 
ATOM   804  O  O   . SER   A 1 105 ? 12.424  -2.080  -6.840  1.00 30.18  ? 105 SER   A O   1 
ATOM   805  C  CB  . SER   A 1 105 ? 10.218  -0.376  -5.697  1.00 25.77  ? 105 SER   A CB  1 
ATOM   806  O  OG  . SER   A 1 105 ? 9.190   -1.194  -5.150  1.00 36.85  ? 105 SER   A OG  1 
ATOM   807  N  N   . GLU   A 1 106 ? 12.095  -3.051  -4.787  1.00 25.21  ? 106 GLU   A N   1 
ATOM   808  C  CA  . GLU   A 1 106 ? 12.190  -4.483  -5.165  1.00 27.82  ? 106 GLU   A CA  1 
ATOM   809  C  C   . GLU   A 1 106 ? 10.919  -5.181  -4.686  1.00 28.17  ? 106 GLU   A C   1 
ATOM   810  O  O   . GLU   A 1 106 ? 10.247  -4.692  -3.769  1.00 24.64  ? 106 GLU   A O   1 
ATOM   811  C  CB  . GLU   A 1 106 ? 13.448  -5.069  -4.542  1.00 28.64  ? 106 GLU   A CB  1 
ATOM   812  C  CG  . GLU   A 1 106 ? 14.694  -4.492  -5.190  1.00 29.15  ? 106 GLU   A CG  1 
ATOM   813  C  CD  . GLU   A 1 106 ? 16.004  -4.988  -4.613  1.00 28.90  ? 106 GLU   A CD  1 
ATOM   814  O  OE1 . GLU   A 1 106 ? 16.108  -6.165  -4.347  1.00 32.18  ? 106 GLU   A OE1 1 
ATOM   815  O  OE2 . GLU   A 1 106 ? 16.910  -4.191  -4.461  1.00 30.66  ? 106 GLU   A OE2 1 
ATOM   816  N  N   . PRO   A 1 107 ? 10.580  -6.370  -5.232  1.00 27.72  ? 107 PRO   A N   1 
ATOM   817  C  CA  . PRO   A 1 107 ? 9.351   -7.053  -4.825  1.00 27.24  ? 107 PRO   A CA  1 
ATOM   818  C  C   . PRO   A 1 107 ? 9.155   -7.185  -3.303  1.00 26.07  ? 107 PRO   A C   1 
ATOM   819  O  O   . PRO   A 1 107 ? 8.053   -6.921  -2.852  1.00 28.09  ? 107 PRO   A O   1 
ATOM   820  C  CB  . PRO   A 1 107 ? 9.512   -8.419  -5.513  1.00 28.24  ? 107 PRO   A CB  1 
ATOM   821  C  CG  . PRO   A 1 107 ? 10.251  -8.068  -6.779  1.00 28.80  ? 107 PRO   A CG  1 
ATOM   822  C  CD  . PRO   A 1 107 ? 11.319  -7.107  -6.284  1.00 28.79  ? 107 PRO   A CD  1 
ATOM   823  N  N   . GLY   A 1 108 ? 10.179  -7.567  -2.543  1.00 24.95  ? 108 GLY   A N   1 
ATOM   824  C  CA  . GLY   A 1 108 ? 10.084  -7.777  -1.089  1.00 24.34  ? 108 GLY   A CA  1 
ATOM   825  C  C   . GLY   A 1 108 ? 9.863   -6.484  -0.312  1.00 22.46  ? 108 GLY   A C   1 
ATOM   826  O  O   . GLY   A 1 108 ? 9.623   -6.557  0.916   1.00 20.01  ? 108 GLY   A O   1 
ATOM   827  N  N   . ASP   A 1 109 ? 9.977   -5.337  -0.983  1.00 21.36  ? 109 ASP   A N   1 
ATOM   828  C  CA  . ASP   A 1 109 ? 9.677   -4.027  -0.366  1.00 20.44  ? 109 ASP   A CA  1 
ATOM   829  C  C   . ASP   A 1 109 ? 8.172   -3.814  -0.249  1.00 19.85  ? 109 ASP   A C   1 
ATOM   830  O  O   . ASP   A 1 109 ? 7.801   -2.880  0.481   1.00 16.88  ? 109 ASP   A O   1 
ATOM   831  C  CB  . ASP   A 1 109 ? 10.278  -2.887  -1.185  1.00 21.34  ? 109 ASP   A CB  1 
ATOM   832  C  CG  . ASP   A 1 109 ? 11.781  -2.850  -1.020  1.00 19.86  ? 109 ASP   A CG  1 
ATOM   833  O  OD1 . ASP   A 1 109 ? 12.256  -3.168  0.103   1.00 19.69  ? 109 ASP   A OD1 1 
ATOM   834  O  OD2 . ASP   A 1 109 ? 12.472  -2.504  -2.024  1.00 22.92  ? 109 ASP   A OD2 1 
ATOM   835  N  N   . CYS   A 1 110 ? 7.348   -4.587  -0.956  1.00 18.72  ? 110 CYS   A N   1 
ATOM   836  C  CA  . CYS   A 1 110 ? 5.876   -4.461  -0.866  1.00 18.10  ? 110 CYS   A CA  1 
ATOM   837  C  C   . CYS   A 1 110 ? 5.465   -4.497  0.609   1.00 16.51  ? 110 CYS   A C   1 
ATOM   838  O  O   . CYS   A 1 110 ? 6.008   -5.334  1.343   1.00 18.52  ? 110 CYS   A O   1 
ATOM   839  C  CB  . CYS   A 1 110 ? 5.188   -5.573  -1.650  1.00 20.07  ? 110 CYS   A CB  1 
ATOM   840  S  SG  . CYS   A 1 110 ? 5.169   -5.261  -3.433  1.00 20.77  ? 110 CYS   A SG  1 
ATOM   841  N  N   . GLY   A 1 111 ? 4.550   -3.594  0.999   1.00 14.48  ? 111 GLY   A N   1 
ATOM   842  C  CA  . GLY   A 1 111 ? 4.049   -3.466  2.375   1.00 15.81  ? 111 GLY   A CA  1 
ATOM   843  C  C   . GLY   A 1 111 ? 4.727   -2.349  3.139   1.00 14.21  ? 111 GLY   A C   1 
ATOM   844  O  O   . GLY   A 1 111 ? 4.296   -2.062  4.220   1.00 16.20  ? 111 GLY   A O   1 
ATOM   845  N  N   . GLY   A 1 112 ? 5.877   -1.859  2.677   1.00 16.21  ? 112 GLY   A N   1 
ATOM   846  C  CA  . GLY   A 1 112 ? 6.489   -0.657  3.253   1.00 15.83  ? 112 GLY   A CA  1 
ATOM   847  C  C   . GLY   A 1 112 ? 5.489   0.476   3.294   1.00 13.81  ? 112 GLY   A C   1 
ATOM   848  O  O   . GLY   A 1 112 ? 4.812   0.737   2.274   1.00 13.23  ? 112 GLY   A O   1 
ATOM   849  N  N   . ILE   A 1 113 ? 5.473   1.163   4.397   1.00 14.74  ? 113 ILE   A N   1 
ATOM   850  C  CA  . ILE   A 1 113 ? 4.529   2.299   4.499   1.00 13.73  ? 113 ILE   A CA  1 
ATOM   851  C  C   . ILE   A 1 113 ? 5.045   3.544   3.793   1.00 12.98  ? 113 ILE   A C   1 
ATOM   852  O  O   . ILE   A 1 113 ? 6.207   3.911   3.972   1.00 13.81  ? 113 ILE   A O   1 
ATOM   853  C  CB  . ILE   A 1 113 ? 4.208   2.563   5.967   1.00 16.16  ? 113 ILE   A CB  1 
ATOM   854  C  CG1 . ILE   A 1 113 ? 3.244   1.474   6.454   1.00 16.71  ? 113 ILE   A CG1 1 
ATOM   855  C  CG2 . ILE   A 1 113 ? 3.658   3.967   6.189   1.00 15.51  ? 113 ILE   A CG2 1 
ATOM   856  C  CD1 . ILE   A 1 113 ? 3.129   1.430   7.937   1.00 19.90  ? 113 ILE   A CD1 1 
ATOM   857  N  N   . LEU   A 1 114 ? 4.105   4.248   3.144   1.00 12.78  ? 114 LEU   A N   1 
ATOM   858  C  CA  . LEU   A 1 114 ? 4.245   5.660   2.709   1.00 12.09  ? 114 LEU   A CA  1 
ATOM   859  C  C   . LEU   A 1 114 ? 3.392   6.501   3.658   1.00 12.99  ? 114 LEU   A C   1 
ATOM   860  O  O   . LEU   A 1 114 ? 2.190   6.140   3.839   1.00 14.03  ? 114 LEU   A O   1 
ATOM   861  C  CB  . LEU   A 1 114 ? 3.766   5.800   1.261   1.00 12.45  ? 114 LEU   A CB  1 
ATOM   862  C  CG  . LEU   A 1 114 ? 3.631   7.232   0.731   1.00 13.05  ? 114 LEU   A CG  1 
ATOM   863  C  CD1 . LEU   A 1 114 ? 5.022   7.827   0.557   1.00 14.37  ? 114 LEU   A CD1 1 
ATOM   864  C  CD2 . LEU   A 1 114 ? 2.910   7.225   -0.611  1.00 13.61  ? 114 LEU   A CD2 1 
ATOM   865  N  N   . ARG   A 1 115 ? 3.985   7.560   4.194   1.00 13.75  ? 115 ARG   A N   1 
ATOM   866  C  CA  . ARG   A 1 115 ? 3.328   8.410   5.231   1.00 14.56  ? 115 ARG   A CA  1 
ATOM   867  C  C   . ARG   A 1 115 ? 3.548   9.886   4.910   1.00 15.53  ? 115 ARG   A C   1 
ATOM   868  O  O   . ARG   A 1 115 ? 4.607   10.258  4.321   1.00 15.33  ? 115 ARG   A O   1 
ATOM   869  C  CB  . ARG   A 1 115 ? 3.785   8.086   6.648   1.00 15.75  ? 115 ARG   A CB  1 
ATOM   870  C  CG  . ARG   A 1 115 ? 5.253   8.401   6.885   1.00 17.31  ? 115 ARG   A CG  1 
ATOM   871  C  CD  . ARG   A 1 115 ? 5.655   8.047   8.301   1.00 21.09  ? 115 ARG   A CD  1 
ATOM   872  N  NE  . ARG   A 1 115 ? 5.819   6.614   8.475   1.00 23.97  ? 115 ARG   A NE  1 
ATOM   873  C  CZ  . ARG   A 1 115 ? 5.170   5.801   9.329   1.00 25.23  ? 115 ARG   A CZ  1 
ATOM   874  N  NH1 . ARG   A 1 115 ? 4.246   6.240   10.175  1.00 27.86  ? 115 ARG   A NH1 1 
ATOM   875  N  NH2 . ARG   A 1 115 ? 5.481   4.511   9.331   1.00 26.08  ? 115 ARG   A NH2 1 
ATOM   876  N  N   . CYS   A 1 116 ? 2.540   10.693  5.221   1.00 14.81  ? 116 CYS   A N   1 
ATOM   877  C  CA  . CYS   A 1 116 ? 2.611   12.172  5.107   1.00 15.94  ? 116 CYS   A CA  1 
ATOM   878  C  C   . CYS   A 1 116 ? 2.347   12.749  6.493   1.00 19.13  ? 116 CYS   A C   1 
ATOM   879  O  O   . CYS   A 1 116 ? 2.257   11.993  7.470   1.00 21.96  ? 116 CYS   A O   1 
ATOM   880  C  CB  . CYS   A 1 116 ? 1.628   12.673  4.056   1.00 15.30  ? 116 CYS   A CB  1 
ATOM   881  S  SG  . CYS   A 1 116 ? -0.092  12.407  4.571   1.00 17.46  ? 116 CYS   A SG  1 
ATOM   882  N  N   . GLN   A 1 117 ? 2.182   14.066  6.561   1.00 20.71  ? 117 GLN   A N   1 
ATOM   883  C  CA  . GLN   A 1 117 ? 1.870   14.754  7.830   1.00 22.75  ? 117 GLN   A CA  1 
ATOM   884  C  C   . GLN   A 1 117 ? 0.534   14.238  8.380   1.00 22.82  ? 117 GLN   A C   1 
ATOM   885  O  O   . GLN   A 1 117 ? 0.329   14.330  9.587   1.00 28.87  ? 117 GLN   A O   1 
ATOM   886  C  CB  . GLN   A 1 117 ? 1.870   16.259  7.594   1.00 24.58  ? 117 GLN   A CB  1 
ATOM   887  C  CG  . GLN   A 1 117 ? 0.685   16.734  6.773   1.00 25.35  ? 117 GLN   A CG  1 
ATOM   888  C  CD  . GLN   A 1 117 ? 0.790   18.206  6.486   1.00 29.94  ? 117 GLN   A CD  1 
ATOM   889  O  OE1 . GLN   A 1 117 ? 1.393   18.608  5.498   1.00 35.06  ? 117 GLN   A OE1 1 
ATOM   890  N  NE2 . GLN   A 1 117 ? 0.243   19.012  7.389   1.00 33.19  ? 117 GLN   A NE2 1 
ATOM   891  N  N   . HIS   A 1 118 ? -0.346  13.687  7.553   1.00 20.59  ? 118 HIS   A N   1 
ATOM   892  C  CA  . HIS   A 1 118 ? -1.699  13.291  8.020   1.00 22.05  ? 118 HIS   A CA  1 
ATOM   893  C  C   . HIS   A 1 118 ? -1.719  11.824  8.499   1.00 23.29  ? 118 HIS   A C   1 
ATOM   894  O  O   . HIS   A 1 118 ? -2.786  11.403  8.989   1.00 26.56  ? 118 HIS   A O   1 
ATOM   895  C  CB  . HIS   A 1 118 ? -2.722  13.581  6.923   1.00 21.65  ? 118 HIS   A CB  1 
ATOM   896  C  CG  . HIS   A 1 118 ? -2.748  15.007  6.472   1.00 22.71  ? 118 HIS   A CG  1 
ATOM   897  N  ND1 . HIS   A 1 118 ? -2.099  15.438  5.329   1.00 22.50  ? 118 HIS   A ND1 1 
ATOM   898  C  CD2 . HIS   A 1 118 ? -3.322  16.100  7.003   1.00 24.28  ? 118 HIS   A CD2 1 
ATOM   899  C  CE1 . HIS   A 1 118 ? -2.261  16.737  5.198   1.00 24.62  ? 118 HIS   A CE1 1 
ATOM   900  N  NE2 . HIS   A 1 118 ? -3.015  17.152  6.198   1.00 23.76  ? 118 HIS   A NE2 1 
ATOM   901  N  N   . GLY   A 1 119 ? -0.606  11.074  8.387   1.00 23.31  ? 119 GLY   A N   1 
ATOM   902  C  CA  . GLY   A 1 119 ? -0.562  9.633   8.723   1.00 21.23  ? 119 GLY   A CA  1 
ATOM   903  C  C   . GLY   A 1 119 ? -0.242  8.726   7.543   1.00 20.07  ? 119 GLY   A C   1 
ATOM   904  O  O   . GLY   A 1 119 ? 0.512   9.133   6.645   1.00 18.14  ? 119 GLY   A O   1 
ATOM   905  N  N   . VAL   A 1 120 ? -0.802  7.516   7.529   1.00 17.35  ? 120 VAL   A N   1 
ATOM   906  C  CA  . VAL   A 1 120 ? -0.391  6.483   6.543   1.00 17.05  ? 120 VAL   A CA  1 
ATOM   907  C  C   . VAL   A 1 120 ? -1.156  6.749   5.243   1.00 16.08  ? 120 VAL   A C   1 
ATOM   908  O  O   . VAL   A 1 120 ? -2.403  6.836   5.251   1.00 18.03  ? 120 VAL   A O   1 
ATOM   909  C  CB  . VAL   A 1 120 ? -0.608  5.050   7.070   1.00 15.25  ? 120 VAL   A CB  1 
ATOM   910  C  CG1 . VAL   A 1 120 ? -0.401  4.011   5.978   1.00 15.62  ? 120 VAL   A CG1 1 
ATOM   911  C  CG2 . VAL   A 1 120 ? 0.293   4.729   8.245   1.00 16.89  ? 120 VAL   A CG2 1 
ATOM   912  N  N   . VAL   A 1 121 ? -0.431  6.912   4.147   1.00 16.10  ? 121 VAL   A N   1 
ATOM   913  C  CA  . VAL   A 1 121 ? -0.994  7.173   2.796   1.00 16.40  ? 121 VAL   A CA  1 
ATOM   914  C  C   . VAL   A 1 121 ? -1.273  5.858   2.047   1.00 16.14  ? 121 VAL   A C   1 
ATOM   915  O  O   . VAL   A 1 121 ? -2.282  5.755   1.290   1.00 16.84  ? 121 VAL   A O   1 
ATOM   916  C  CB  . VAL   A 1 121 ? -0.004  8.053   1.996   1.00 16.60  ? 121 VAL   A CB  1 
ATOM   917  C  CG1 . VAL   A 1 121 ? -0.480  8.258   0.567   1.00 16.61  ? 121 VAL   A CG1 1 
ATOM   918  C  CG2 . VAL   A 1 121 ? 0.177   9.382   2.697   1.00 17.14  ? 121 VAL   A CG2 1 
ATOM   919  N  N   . GLY   A 1 122 ? -0.378  4.901   2.171   1.00 14.21  ? 122 GLY   A N   1 
ATOM   920  C  CA  . GLY   A 1 122 ? -0.371  3.732   1.298   1.00 14.54  ? 122 GLY   A CA  1 
ATOM   921  C  C   . GLY   A 1 122 ? 0.762   2.787   1.623   1.00 12.60  ? 122 GLY   A C   1 
ATOM   922  O  O   . GLY   A 1 122 ? 1.527   3.050   2.564   1.00 13.24  ? 122 GLY   A O   1 
ATOM   923  N  N   . ILE   A 1 123 ? 0.832   1.700   0.844   1.00 13.02  ? 123 ILE   A N   1 
ATOM   924  C  CA  . ILE   A 1 123 ? 1.887   0.676   1.004   1.00 12.47  ? 123 ILE   A CA  1 
ATOM   925  C  C   . ILE   A 1 123 ? 2.488   0.394   -0.365  1.00 13.73  ? 123 ILE   A C   1 
ATOM   926  O  O   . ILE   A 1 123 ? 1.829   0.482   -1.395  1.00 12.69  ? 123 ILE   A O   1 
ATOM   927  C  CB  . ILE   A 1 123 ? 1.392   -0.608  1.687   1.00 14.15  ? 123 ILE   A CB  1 
ATOM   928  C  CG1 . ILE   A 1 123 ? 0.150   -1.220  1.018   1.00 14.25  ? 123 ILE   A CG1 1 
ATOM   929  C  CG2 . ILE   A 1 123 ? 1.232   -0.348  3.164   1.00 14.79  ? 123 ILE   A CG2 1 
ATOM   930  C  CD1 . ILE   A 1 123 ? -0.246  -2.571  1.553   1.00 16.49  ? 123 ILE   A CD1 1 
ATOM   931  N  N   . VAL   A 1 124 ? 3.780   0.164   -0.354  1.00 14.21  ? 124 VAL   A N   1 
ATOM   932  C  CA  . VAL   A 1 124 ? 4.568   -0.246  -1.551  1.00 15.93  ? 124 VAL   A CA  1 
ATOM   933  C  C   . VAL   A 1 124 ? 3.849   -1.432  -2.201  1.00 16.77  ? 124 VAL   A C   1 
ATOM   934  O  O   . VAL   A 1 124 ? 3.490   -2.413  -1.482  1.00 14.95  ? 124 VAL   A O   1 
ATOM   935  C  CB  . VAL   A 1 124 ? 6.023   -0.560  -1.199  1.00 14.97  ? 124 VAL   A CB  1 
ATOM   936  C  CG1 . VAL   A 1 124 ? 6.740   -1.099  -2.403  1.00 15.94  ? 124 VAL   A CG1 1 
ATOM   937  C  CG2 . VAL   A 1 124 ? 6.689   0.689   -0.662  1.00 14.88  ? 124 VAL   A CG2 1 
ATOM   938  N  N   . SER   A 1 125 ? 3.530   -1.301  -3.491  1.00 17.27  ? 125 SER   A N   1 
ATOM   939  C  CA  . SER   A 1 125 ? 2.848   -2.352  -4.292  1.00 18.52  ? 125 SER   A CA  1 
ATOM   940  C  C   . SER   A 1 125 ? 3.600   -2.680  -5.590  1.00 20.18  ? 125 SER   A C   1 
ATOM   941  O  O   . SER   A 1 125 ? 3.490   -3.832  -6.029  1.00 23.25  ? 125 SER   A O   1 
ATOM   942  C  CB  . SER   A 1 125 ? 1.448   -1.954  -4.599  1.00 20.12  ? 125 SER   A CB  1 
ATOM   943  O  OG  . SER   A 1 125 ? 0.764   -2.989  -5.304  1.00 21.30  ? 125 SER   A OG  1 
ATOM   944  N  N   . THR   A 1 126 ? 4.316   -1.726  -6.212  1.00 19.67  ? 126 THR   A N   1 
ATOM   945  C  CA  . THR   A 1 126 ? 4.972   -1.964  -7.529  1.00 20.47  ? 126 THR   A CA  1 
ATOM   946  C  C   . THR   A 1 126 ? 6.409   -1.431  -7.528  1.00 21.28  ? 126 THR   A C   1 
ATOM   947  O  O   . THR   A 1 126 ? 6.778   -0.640  -6.648  1.00 19.84  ? 126 THR   A O   1 
ATOM   948  C  CB  . THR   A 1 126 ? 4.144   -1.425  -8.706  1.00 20.24  ? 126 THR   A CB  1 
ATOM   949  O  OG1 . THR   A 1 126 ? 4.275   -0.008  -8.784  1.00 21.96  ? 126 THR   A OG1 1 
ATOM   950  C  CG2 . THR   A 1 126 ? 2.667   -1.765  -8.662  1.00 20.30  ? 126 THR   A CG2 1 
ATOM   951  N  N   . GLY   A 1 127 ? 7.186   -1.826  -8.536  1.00 23.27  ? 127 GLY   A N   1 
ATOM   952  C  CA  . GLY   A 1 127 ? 8.579   -1.375  -8.679  1.00 24.84  ? 127 GLY   A CA  1 
ATOM   953  C  C   . GLY   A 1 127 ? 9.081   -1.638  -10.087 1.00 26.52  ? 127 GLY   A C   1 
ATOM   954  O  O   . GLY   A 1 127 ? 8.268   -2.073  -10.928 1.00 28.26  ? 127 GLY   A O   1 
ATOM   955  N  N   . GLY   A 1 128 ? 10.369  -1.412  -10.303 1.00 29.29  ? 128 GLY   A N   1 
ATOM   956  C  CA  . GLY   A 1 128 ? 11.019  -1.551  -11.626 1.00 31.06  ? 128 GLY   A CA  1 
ATOM   957  C  C   . GLY   A 1 128 ? 11.173  -0.215  -12.330 1.00 33.07  ? 128 GLY   A C   1 
ATOM   958  O  O   . GLY   A 1 128 ? 10.269  0.657   -12.191 1.00 34.37  ? 128 GLY   A O   1 
ATOM   959  N  N   . ASN   A 1 129 ? 12.248  -0.088  -13.109 1.00 35.40  ? 129 ASN   A N   1 
ATOM   960  C  CA  . ASN   A 1 129 ? 12.531  1.075   -13.996 1.00 35.04  ? 129 ASN   A CA  1 
ATOM   961  C  C   . ASN   A 1 129 ? 12.573  2.350   -13.155 1.00 30.76  ? 129 ASN   A C   1 
ATOM   962  O  O   . ASN   A 1 129 ? 12.040  3.398   -13.624 1.00 32.30  ? 129 ASN   A O   1 
ATOM   963  C  CB  . ASN   A 1 129 ? 11.500  1.248   -15.108 1.00 36.69  ? 129 ASN   A CB  1 
ATOM   964  C  CG  . ASN   A 1 129 ? 11.572  0.139   -16.133 1.00 42.83  ? 129 ASN   A CG  1 
ATOM   965  O  OD1 . ASN   A 1 129 ? 12.622  -0.488  -16.304 1.00 41.35  ? 129 ASN   A OD1 1 
ATOM   966  N  ND2 . ASN   A 1 129 ? 10.460  -0.102  -16.811 1.00 43.00  ? 129 ASN   A ND2 1 
ATOM   967  N  N   . GLY   A 1 130 ? 13.170  2.247   -11.969 1.00 26.65  ? 130 GLY   A N   1 
ATOM   968  C  CA  . GLY   A 1 130 ? 13.483  3.407   -11.122 1.00 25.54  ? 130 GLY   A CA  1 
ATOM   969  C  C   . GLY   A 1 130 ? 12.251  4.029   -10.497 1.00 23.69  ? 130 GLY   A C   1 
ATOM   970  O  O   . GLY   A 1 130 ? 12.363  5.156   -10.041 1.00 21.86  ? 130 GLY   A O   1 
ATOM   971  N  N   . LEU   A 1 131 ? 11.077  3.395   -10.553 1.00 21.76  ? 131 LEU   A N   1 
ATOM   972  C  CA  . LEU   A 1 131 ? 9.876   3.945   -9.907  1.00 20.36  ? 131 LEU   A CA  1 
ATOM   973  C  C   . LEU   A 1 131 ? 9.475   3.019   -8.761  1.00 22.32  ? 131 LEU   A C   1 
ATOM   974  O  O   . LEU   A 1 131 ? 9.752   1.796   -8.794  1.00 22.01  ? 131 LEU   A O   1 
ATOM   975  C  CB  . LEU   A 1 131 ? 8.721   4.086   -10.895 1.00 24.21  ? 131 LEU   A CB  1 
ATOM   976  C  CG  . LEU   A 1 131 ? 8.982   4.913   -12.148 1.00 23.59  ? 131 LEU   A CG  1 
ATOM   977  C  CD1 . LEU   A 1 131 ? 7.680   5.133   -12.888 1.00 25.86  ? 131 LEU   A CD1 1 
ATOM   978  C  CD2 . LEU   A 1 131 ? 9.623   6.236   -11.784 1.00 22.96  ? 131 LEU   A CD2 1 
ATOM   979  N  N   . VAL   A 1 132 ? 8.764   3.593   -7.804  1.00 18.58  ? 132 VAL   A N   1 
ATOM   980  C  CA  . VAL   A 1 132 ? 8.088   2.811   -6.741  1.00 17.33  ? 132 VAL   A CA  1 
ATOM   981  C  C   . VAL   A 1 132 ? 6.612   3.199   -6.778  1.00 17.47  ? 132 VAL   A C   1 
ATOM   982  O  O   . VAL   A 1 132 ? 6.249   4.418   -6.844  1.00 19.75  ? 132 VAL   A O   1 
ATOM   983  C  CB  . VAL   A 1 132 ? 8.769   3.013   -5.375  1.00 17.92  ? 132 VAL   A CB  1 
ATOM   984  C  CG1 . VAL   A 1 132 ? 8.865   4.461   -4.963  1.00 19.40  ? 132 VAL   A CG1 1 
ATOM   985  C  CG2 . VAL   A 1 132 ? 8.081   2.172   -4.295  1.00 18.58  ? 132 VAL   A CG2 1 
ATOM   986  N  N   . GLY   A 1 133 ? 5.759   2.184   -6.808  1.00 17.79  ? 133 GLY   A N   1 
ATOM   987  C  CA  . GLY   A 1 133 ? 4.310   2.354   -6.821  1.00 17.65  ? 133 GLY   A CA  1 
ATOM   988  C  C   . GLY   A 1 133 ? 3.737   2.019   -5.461  1.00 16.58  ? 133 GLY   A C   1 
ATOM   989  O  O   . GLY   A 1 133 ? 4.171   0.996   -4.883  1.00 18.41  ? 133 GLY   A O   1 
ATOM   990  N  N   . PHE   A 1 134 ? 2.784   2.835   -5.022  1.00 15.75  ? 134 PHE   A N   1 
ATOM   991  C  CA  . PHE   A 1 134 ? 2.099   2.659   -3.726  1.00 15.42  ? 134 PHE   A CA  1 
ATOM   992  C  C   . PHE   A 1 134 ? 0.604   2.510   -3.952  1.00 16.68  ? 134 PHE   A C   1 
ATOM   993  O  O   . PHE   A 1 134 ? 0.040   3.283   -4.719  1.00 20.65  ? 134 PHE   A O   1 
ATOM   994  C  CB  . PHE   A 1 134 ? 2.337   3.879   -2.837  1.00 15.50  ? 134 PHE   A CB  1 
ATOM   995  C  CG  . PHE   A 1 134 ? 3.778   4.275   -2.714  1.00 15.33  ? 134 PHE   A CG  1 
ATOM   996  C  CD1 . PHE   A 1 134 ? 4.581   3.741   -1.718  1.00 14.10  ? 134 PHE   A CD1 1 
ATOM   997  C  CD2 . PHE   A 1 134 ? 4.336   5.202   -3.585  1.00 15.69  ? 134 PHE   A CD2 1 
ATOM   998  C  CE1 . PHE   A 1 134 ? 5.902   4.133   -1.576  1.00 16.27  ? 134 PHE   A CE1 1 
ATOM   999  C  CE2 . PHE   A 1 134 ? 5.666   5.578   -3.443  1.00 17.19  ? 134 PHE   A CE2 1 
ATOM   1000 C  CZ  . PHE   A 1 134 ? 6.442   5.046   -2.439  1.00 17.59  ? 134 PHE   A CZ  1 
ATOM   1001 N  N   . ALA   A 1 135 ? 0.011   1.512   -3.304  1.00 15.82  ? 135 ALA   A N   1 
ATOM   1002 C  CA  . ALA   A 1 135 ? -1.445  1.283   -3.271  1.00 16.80  ? 135 ALA   A CA  1 
ATOM   1003 C  C   . ALA   A 1 135 ? -1.996  2.263   -2.255  1.00 15.43  ? 135 ALA   A C   1 
ATOM   1004 O  O   . ALA   A 1 135 ? -1.682  2.218   -1.048  1.00 15.71  ? 135 ALA   A O   1 
ATOM   1005 C  CB  . ALA   A 1 135 ? -1.783  -0.153  -2.946  1.00 15.63  ? 135 ALA   A CB  1 
ATOM   1006 N  N   . ASP   A 1 136 ? -2.822  3.183   -2.716  1.00 16.61  ? 136 ASP   A N   1 
ATOM   1007 C  CA  . ASP   A 1 136 ? -3.416  4.224   -1.870  1.00 16.98  ? 136 ASP   A CA  1 
ATOM   1008 C  C   . ASP   A 1 136 ? -4.426  3.582   -0.903  1.00 16.17  ? 136 ASP   A C   1 
ATOM   1009 O  O   . ASP   A 1 136 ? -5.092  2.586   -1.294  1.00 19.34  ? 136 ASP   A O   1 
ATOM   1010 C  CB  . ASP   A 1 136 ? -4.054  5.304   -2.731  1.00 18.16  ? 136 ASP   A CB  1 
ATOM   1011 C  CG  . ASP   A 1 136 ? -4.707  6.380   -1.913  1.00 20.31  ? 136 ASP   A CG  1 
ATOM   1012 O  OD1 . ASP   A 1 136 ? -4.062  6.943   -1.007  1.00 20.74  ? 136 ASP   A OD1 1 
ATOM   1013 O  OD2 . ASP   A 1 136 ? -5.913  6.584   -2.131  1.00 23.51  ? 136 ASP   A OD2 1 
ATOM   1014 N  N   . VAL   A 1 137 ? -4.509  4.064   0.325   1.00 16.63  ? 137 VAL   A N   1 
ATOM   1015 C  CA  . VAL   A 1 137 ? -5.630  3.644   1.232   1.00 16.94  ? 137 VAL   A CA  1 
ATOM   1016 C  C   . VAL   A 1 137 ? -6.478  4.835   1.686   1.00 19.02  ? 137 VAL   A C   1 
ATOM   1017 O  O   . VAL   A 1 137 ? -7.436  4.604   2.445   1.00 19.56  ? 137 VAL   A O   1 
ATOM   1018 C  CB  . VAL   A 1 137 ? -5.082  2.856   2.433   1.00 14.80  ? 137 VAL   A CB  1 
ATOM   1019 C  CG1 . VAL   A 1 137 ? -4.399  1.568   1.965   1.00 15.14  ? 137 VAL   A CG1 1 
ATOM   1020 C  CG2 . VAL   A 1 137 ? -4.178  3.689   3.307   1.00 15.54  ? 137 VAL   A CG2 1 
ATOM   1021 N  N   . ARG   A 1 138 ? -6.125  6.067   1.283   1.00 18.65  ? 138 ARG   A N   1 
ATOM   1022 C  CA  . ARG   A 1 138 ? -6.742  7.287   1.845   1.00 17.45  ? 138 ARG   A CA  1 
ATOM   1023 C  C   . ARG   A 1 138 ? -8.227  7.371   1.438   1.00 19.70  ? 138 ARG   A C   1 
ATOM   1024 O  O   . ARG   A 1 138 ? -8.936  8.091   2.131   1.00 22.01  ? 138 ARG   A O   1 
ATOM   1025 C  CB  . ARG   A 1 138 ? -5.979  8.534   1.392   1.00 17.84  ? 138 ARG   A CB  1 
ATOM   1026 C  CG  . ARG   A 1 138 ? -4.552  8.606   1.929   1.00 18.17  ? 138 ARG   A CG  1 
ATOM   1027 C  CD  . ARG   A 1 138 ? -3.834  9.842   1.391   1.00 17.87  ? 138 ARG   A CD  1 
ATOM   1028 N  NE  . ARG   A 1 138 ? -3.611  9.644   -0.019  1.00 19.54  ? 138 ARG   A NE  1 
ATOM   1029 C  CZ  . ARG   A 1 138 ? -3.038  10.504  -0.844  1.00 17.32  ? 138 ARG   A CZ  1 
ATOM   1030 N  NH1 . ARG   A 1 138 ? -2.741  11.730  -0.443  1.00 18.99  ? 138 ARG   A NH1 1 
ATOM   1031 N  NH2 . ARG   A 1 138 ? -2.883  10.149  -2.096  1.00 17.58  ? 138 ARG   A NH2 1 
ATOM   1032 N  N   . ASP   A 1 139 ? -8.640  6.747   0.331   1.00 22.60  ? 139 ASP   A N   1 
ATOM   1033 C  CA  . ASP   A 1 139 ? -10.066 6.729   -0.111  1.00 24.92  ? 139 ASP   A CA  1 
ATOM   1034 C  C   . ASP   A 1 139 ? -10.860 5.695   0.701   1.00 26.26  ? 139 ASP   A C   1 
ATOM   1035 O  O   . ASP   A 1 139 ? -12.081 5.688   0.533   1.00 24.39  ? 139 ASP   A O   1 
ATOM   1036 C  CB  . ASP   A 1 139 ? -10.223 6.408   -1.593  1.00 26.53  ? 139 ASP   A CB  1 
ATOM   1037 C  CG  . ASP   A 1 139 ? -9.709  5.044   -2.033  1.00 30.30  ? 139 ASP   A CG  1 
ATOM   1038 O  OD1 . ASP   A 1 139 ? -8.632  4.624   -1.553  1.00 26.48  ? 139 ASP   A OD1 1 
ATOM   1039 O  OD2 . ASP   A 1 139 ? -10.376 4.414   -2.857  1.00 30.05  ? 139 ASP   A OD2 1 
ATOM   1040 N  N   . LEU   A 1 140 ? -10.213 4.866   1.541   1.00 22.66  ? 140 LEU   A N   1 
ATOM   1041 C  CA  . LEU   A 1 140 ? -10.898 3.782   2.304   1.00 24.98  ? 140 LEU   A CA  1 
ATOM   1042 C  C   . LEU   A 1 140 ? -11.361 4.353   3.652   1.00 22.38  ? 140 LEU   A C   1 
ATOM   1043 O  O   . LEU   A 1 140 ? -10.751 4.079   4.708   1.00 26.59  ? 140 LEU   A O   1 
ATOM   1044 C  CB  . LEU   A 1 140 ? -9.960  2.564   2.415   1.00 22.10  ? 140 LEU   A CB  1 
ATOM   1045 C  CG  . LEU   A 1 140 ? -9.510  1.957   1.085   1.00 24.82  ? 140 LEU   A CG  1 
ATOM   1046 C  CD1 . LEU   A 1 140 ? -8.606  0.738   1.292   1.00 23.55  ? 140 LEU   A CD1 1 
ATOM   1047 C  CD2 . LEU   A 1 140 ? -10.699 1.578   0.222   1.00 25.65  ? 140 LEU   A CD2 1 
ATOM   1048 N  N   . LEU   A 1 141 ? -12.426 5.175   3.631   1.00 26.41  ? 141 LEU   A N   1 
ATOM   1049 C  CA  . LEU   A 1 141 ? -12.891 5.938   4.810   1.00 28.71  ? 141 LEU   A CA  1 
ATOM   1050 C  C   . LEU   A 1 141 ? -13.352 4.969   5.912   1.00 28.49  ? 141 LEU   A C   1 
ATOM   1051 O  O   . LEU   A 1 141 ? -13.121 5.226   7.108   1.00 28.42  ? 141 LEU   A O   1 
ATOM   1052 C  CB  . LEU   A 1 141 ? -14.029 6.883   4.400   1.00 31.34  ? 141 LEU   A CB  1 
ATOM   1053 C  CG  . LEU   A 1 141 ? -13.766 7.850   3.246   1.00 32.30  ? 141 LEU   A CG  1 
ATOM   1054 C  CD1 . LEU   A 1 141 ? -14.782 8.969   3.312   1.00 35.86  ? 141 LEU   A CD1 1 
ATOM   1055 C  CD2 . LEU   A 1 141 ? -12.346 8.416   3.261   1.00 33.25  ? 141 LEU   A CD2 1 
ATOM   1056 N  N   . TRP   A 1 142 ? -13.931 3.836   5.504   1.00 29.28  ? 142 TRP   A N   1 
ATOM   1057 C  CA  . TRP   A 1 142 ? -14.461 2.803   6.428   1.00 27.45  ? 142 TRP   A CA  1 
ATOM   1058 C  C   . TRP   A 1 142 ? -13.371 2.193   7.324   1.00 24.50  ? 142 TRP   A C   1 
ATOM   1059 O  O   . TRP   A 1 142 ? -13.748 1.609   8.348   1.00 25.76  ? 142 TRP   A O   1 
ATOM   1060 C  CB  . TRP   A 1 142 ? -15.219 1.735   5.633   1.00 28.26  ? 142 TRP   A CB  1 
ATOM   1061 C  CG  . TRP   A 1 142 ? -14.421 1.020   4.590   1.00 27.67  ? 142 TRP   A CG  1 
ATOM   1062 C  CD1 . TRP   A 1 142 ? -14.430 1.257   3.247   1.00 27.05  ? 142 TRP   A CD1 1 
ATOM   1063 C  CD2 . TRP   A 1 142 ? -13.517 -0.078  4.809   1.00 26.61  ? 142 TRP   A CD2 1 
ATOM   1064 N  NE1 . TRP   A 1 142 ? -13.601 0.376   2.610   1.00 28.49  ? 142 TRP   A NE1 1 
ATOM   1065 C  CE2 . TRP   A 1 142 ? -13.040 -0.457  3.542   1.00 26.96  ? 142 TRP   A CE2 1 
ATOM   1066 C  CE3 . TRP   A 1 142 ? -13.100 -0.790  5.942   1.00 28.40  ? 142 TRP   A CE3 1 
ATOM   1067 C  CZ2 . TRP   A 1 142 ? -12.147 -1.510  3.385   1.00 25.65  ? 142 TRP   A CZ2 1 
ATOM   1068 C  CZ3 . TRP   A 1 142 ? -12.222 -1.844  5.778   1.00 27.92  ? 142 TRP   A CZ3 1 
ATOM   1069 C  CH2 . TRP   A 1 142 ? -11.720 -2.160  4.522   1.00 24.41  ? 142 TRP   A CH2 1 
ATOM   1070 N  N   . LEU   A 1 143 ? -12.074 2.289   6.979   1.00 25.46  ? 143 LEU   A N   1 
ATOM   1071 C  CA  . LEU   A 1 143 ? -10.970 1.810   7.851   1.00 27.17  ? 143 LEU   A CA  1 
ATOM   1072 C  C   . LEU   A 1 143 ? -10.998 2.536   9.201   1.00 32.83  ? 143 LEU   A C   1 
ATOM   1073 O  O   . LEU   A 1 143 ? -10.417 1.989   10.142  1.00 32.10  ? 143 LEU   A O   1 
ATOM   1074 C  CB  . LEU   A 1 143 ? -9.605  2.035   7.194   1.00 24.40  ? 143 LEU   A CB  1 
ATOM   1075 C  CG  . LEU   A 1 143 ? -9.198  1.098   6.066   1.00 23.18  ? 143 LEU   A CG  1 
ATOM   1076 C  CD1 . LEU   A 1 143 ? -7.944  1.629   5.387   1.00 23.29  ? 143 LEU   A CD1 1 
ATOM   1077 C  CD2 . LEU   A 1 143 ? -8.981  -0.328  6.569   1.00 25.57  ? 143 LEU   A CD2 1 
ATOM   1078 N  N   . ASP   A 1 144 ? -11.597 3.737   9.268   1.00 40.89  ? 144 ASP   A N   1 
ATOM   1079 C  CA  . ASP   A 1 144 ? -11.566 4.636   10.457  1.00 46.79  ? 144 ASP   A CA  1 
ATOM   1080 C  C   . ASP   A 1 144 ? -12.625 4.255   11.499  1.00 55.37  ? 144 ASP   A C   1 
ATOM   1081 O  O   . ASP   A 1 144 ? -12.567 4.835   12.599  1.00 61.89  ? 144 ASP   A O   1 
ATOM   1082 C  CB  . ASP   A 1 144 ? -11.792 6.097   10.058  1.00 48.33  ? 144 ASP   A CB  1 
ATOM   1083 C  CG  . ASP   A 1 144 ? -10.586 6.751   9.408   1.00 47.97  ? 144 ASP   A CG  1 
ATOM   1084 O  OD1 . ASP   A 1 144 ? -9.479  6.209   9.570   1.00 51.45  ? 144 ASP   A OD1 1 
ATOM   1085 O  OD2 . ASP   A 1 144 ? -10.775 7.786   8.725   1.00 50.18  ? 144 ASP   A OD2 1 
ATOM   1086 N  N   . GLU   A 1 145 ? -13.546 3.331   11.190  1.00 66.19  ? 145 GLU   A N   1 
ATOM   1087 C  CA  . GLU   A 1 145 ? -14.742 3.043   12.034  1.00 70.88  ? 145 GLU   A CA  1 
ATOM   1088 C  C   . GLU   A 1 145 ? -15.156 1.565   11.959  1.00 74.02  ? 145 GLU   A C   1 
ATOM   1089 O  O   . GLU   A 1 145 ? -14.828 0.896   10.953  1.00 66.09  ? 145 GLU   A O   1 
ATOM   1090 C  CB  . GLU   A 1 145 ? -15.912 3.914   11.573  1.00 72.87  ? 145 GLU   A CB  1 
ATOM   1091 C  CG  . GLU   A 1 145 ? -16.411 3.561   10.179  1.00 73.61  ? 145 GLU   A CG  1 
ATOM   1092 C  CD  . GLU   A 1 145 ? -16.896 4.737   9.347   1.00 76.52  ? 145 GLU   A CD  1 
ATOM   1093 O  OE1 . GLU   A 1 145 ? -17.484 4.502   8.270   1.00 78.81  ? 145 GLU   A OE1 1 
ATOM   1094 O  OE2 . GLU   A 1 145 ? -16.670 5.887   9.766   1.00 77.02  ? 145 GLU   A OE2 1 
ATOM   1095 N  N   . GLU   A 1 146 ? -15.890 1.100   12.978  1.00 78.36  ? 146 GLU   A N   1 
ATOM   1096 C  CA  . GLU   A 1 146 ? -16.597 -0.210  12.991  1.00 78.92  ? 146 GLU   A CA  1 
ATOM   1097 C  C   . GLU   A 1 146 ? -15.563 -1.335  12.840  1.00 81.35  ? 146 GLU   A C   1 
ATOM   1098 O  O   . GLU   A 1 146 ? -15.255 -2.041  13.801  1.00 80.92  ? 146 GLU   A O   1 
ATOM   1099 C  CB  . GLU   A 1 146 ? -17.680 -0.204  11.904  1.00 77.34  ? 146 GLU   A CB  1 
ATOM   1100 C  CG  . GLU   A 1 146 ? -17.752 -1.465  11.056  1.00 80.77  ? 146 GLU   A CG  1 
ATOM   1101 C  CD  . GLU   A 1 146 ? -18.492 -2.640  11.676  1.00 84.03  ? 146 GLU   A CD  1 
ATOM   1102 O  OE1 . GLU   A 1 146 ? -19.231 -3.328  10.936  1.00 85.77  ? 146 GLU   A OE1 1 
ATOM   1103 O  OE2 . GLU   A 1 146 ? -18.321 -2.877  12.894  1.00 86.97  ? 146 GLU   A OE2 1 
HETATM 1104 N  N1  . A1ANA B 2 .   ? 8.726   -5.459  -9.761  0.50 20.00  ? 201 A1ANA A N1  1 
HETATM 1105 N  N3  . A1ANA B 2 .   ? 12.196  -3.883  -8.674  0.50 20.00  ? 201 A1ANA A N3  1 
HETATM 1106 C  C4  . A1ANA B 2 .   ? 10.999  -4.106  -9.216  0.50 20.00  ? 201 A1ANA A C4  1 
HETATM 1107 C  C5  . A1ANA B 2 .   ? 13.348  -3.562  -9.511  0.50 20.00  ? 201 A1ANA A C5  1 
HETATM 1108 C  C6  . A1ANA B 2 .   ? 14.586  -3.272  -8.854  0.50 20.00  ? 201 A1ANA A C6  1 
HETATM 1109 C  C7  . A1ANA B 2 .   ? 14.895  -2.367  -10.026 0.50 20.00  ? 201 A1ANA A C7  1 
HETATM 1110 C  C8  . A1ANA B 2 .   ? 13.397  -2.136  -10.147 0.50 20.00  ? 201 A1ANA A C8  1 
HETATM 1111 N  N   . A1ANA B 2 .   ? 8.575   -3.867  -6.686  0.50 20.00  ? 201 A1ANA A N   1 
HETATM 1112 C  C   . A1ANA B 2 .   ? 8.125   -3.456  -5.366  0.50 20.00  ? 201 A1ANA A C   1 
HETATM 1113 O  O   . A1ANA B 2 .   ? 10.836  -4.362  -10.374 0.50 20.00  ? 201 A1ANA A O   1 
HETATM 1114 C  C1  . A1ANA B 2 .   ? 7.917   -4.600  -7.588  0.50 20.00  ? 201 A1ANA A C1  1 
HETATM 1115 C  C2  . A1ANA B 2 .   ? 8.785   -4.769  -8.618  0.50 20.00  ? 201 A1ANA A C2  1 
HETATM 1116 C  C3  . A1ANA B 2 .   ? 9.871   -4.140  -8.297  0.50 20.00  ? 201 A1ANA A C3  1 
HETATM 1117 N  N2  . A1ANA B 2 .   ? 9.817   -3.558  -7.091  0.50 20.00  ? 201 A1ANA A N2  1 
HETATM 1118 ZN ZN  . ZN    C 3 .   ? -1.337  14.156  3.842   1.00 19.97  ? 202 ZN    A ZN  1 
HETATM 1119 S  S   . DMS   D 4 .   ? 0.117   10.288  12.278  1.00 62.26  ? 203 DMS   A S   1 
HETATM 1120 O  O   . DMS   D 4 .   ? 0.282   10.551  13.750  1.00 71.50  ? 203 DMS   A O   1 
HETATM 1121 C  C1  . DMS   D 4 .   ? 0.983   11.612  11.461  1.00 62.65  ? 203 DMS   A C1  1 
HETATM 1122 C  C2  . DMS   D 4 .   ? 1.257   8.980   11.929  1.00 57.72  ? 203 DMS   A C2  1 
HETATM 1123 S  S   . DMS   E 4 .   ? -11.094 -6.116  -8.415  1.00 44.80  ? 204 DMS   A S   1 
HETATM 1124 O  O   . DMS   E 4 .   ? -9.777  -6.612  -8.943  1.00 45.88  ? 204 DMS   A O   1 
HETATM 1125 C  C1  . DMS   E 4 .   ? -11.698 -5.004  -9.671  1.00 46.70  ? 204 DMS   A C1  1 
HETATM 1126 C  C2  . DMS   E 4 .   ? -12.264 -7.442  -8.669  1.00 44.85  ? 204 DMS   A C2  1 
HETATM 1127 S  S   . DMS   F 4 .   ? 10.453  -1.194  10.113  1.00 97.59  ? 205 DMS   A S   1 
HETATM 1128 O  O   . DMS   F 4 .   ? 11.917  -0.973  10.377  1.00 87.26  ? 205 DMS   A O   1 
HETATM 1129 C  C1  . DMS   F 4 .   ? 9.625   -0.940  11.665  1.00 96.06  ? 205 DMS   A C1  1 
HETATM 1130 C  C2  . DMS   F 4 .   ? 9.875   0.264   9.286   1.00 90.81  ? 205 DMS   A C2  1 
HETATM 1131 S  S   . DMS   G 4 .   ? 15.842  8.726   -6.714  1.00 65.10  ? 206 DMS   A S   1 
HETATM 1132 O  O   . DMS   G 4 .   ? 15.961  7.331   -7.250  1.00 64.93  ? 206 DMS   A O   1 
HETATM 1133 C  C1  . DMS   G 4 .   ? 16.457  8.663   -5.048  1.00 63.04  ? 206 DMS   A C1  1 
HETATM 1134 C  C2  . DMS   G 4 .   ? 17.170  9.653   -7.452  1.00 62.45  ? 206 DMS   A C2  1 
HETATM 1135 S  S   . DMS   H 4 .   ? 2.490   -14.180 -11.036 1.00 55.72  ? 207 DMS   A S   1 
HETATM 1136 O  O   . DMS   H 4 .   ? 1.095   -14.587 -11.459 1.00 69.04  ? 207 DMS   A O   1 
HETATM 1137 C  C1  . DMS   H 4 .   ? 3.347   -15.682 -10.616 1.00 59.95  ? 207 DMS   A C1  1 
HETATM 1138 C  C2  . DMS   H 4 .   ? 3.373   -13.815 -12.533 1.00 59.35  ? 207 DMS   A C2  1 
HETATM 1139 S  S   . SO4   I 5 .   ? -1.814  -2.310  -23.085 1.00 64.32  ? 208 SO4   A S   1 
HETATM 1140 O  O1  . SO4   I 5 .   ? -3.178  -2.110  -23.497 1.00 63.10  ? 208 SO4   A O1  1 
HETATM 1141 O  O2  . SO4   I 5 .   ? -1.451  -1.308  -22.119 1.00 67.05  ? 208 SO4   A O2  1 
HETATM 1142 O  O3  . SO4   I 5 .   ? -0.949  -2.209  -24.228 1.00 64.12  ? 208 SO4   A O3  1 
HETATM 1143 O  O4  . SO4   I 5 .   ? -1.674  -3.613  -22.494 1.00 64.02  ? 208 SO4   A O4  1 
HETATM 1144 O  O   . HOH   J 6 .   ? -6.066  10.301  -8.427  1.00 49.22  ? 301 HOH   A O   1 
HETATM 1145 O  O   . HOH   J 6 .   ? -11.086 -1.433  13.779  1.00 33.16  ? 302 HOH   A O   1 
HETATM 1146 O  O   . HOH   J 6 .   ? -11.818 -6.207  12.805  1.00 36.67  ? 303 HOH   A O   1 
HETATM 1147 O  O   . HOH   J 6 .   ? 15.252  -0.877  8.585   1.00 56.04  ? 304 HOH   A O   1 
HETATM 1148 O  O   . HOH   J 6 .   ? -10.645 -1.752  -8.109  1.00 70.15  ? 305 HOH   A O   1 
HETATM 1149 O  O   . HOH   J 6 .   ? -10.571 -8.169  19.408  1.00 58.09  ? 306 HOH   A O   1 
HETATM 1150 O  O   . HOH   J 6 .   ? -15.816 -2.210  8.169   1.00 50.88  ? 307 HOH   A O   1 
HETATM 1151 O  O   . HOH   J 6 .   ? 6.980   -1.401  -12.831 1.00 29.19  ? 308 HOH   A O   1 
HETATM 1152 O  O   . HOH   J 6 .   ? -1.392  6.680   14.674  1.00 33.09  ? 309 HOH   A O   1 
HETATM 1153 O  O   . HOH   J 6 .   ? 14.696  -7.991  -3.609  1.00 75.79  ? 310 HOH   A O   1 
HETATM 1154 O  O   . HOH   J 6 .   ? -4.924  2.939   14.867  1.00 44.33  ? 311 HOH   A O   1 
HETATM 1155 O  O   . HOH   J 6 .   ? 13.353  -3.897  7.100   1.00 32.75  ? 312 HOH   A O   1 
HETATM 1156 O  O   . HOH   J 6 .   ? -2.601  10.730  -11.655 1.00 37.47  ? 313 HOH   A O   1 
HETATM 1157 O  O   . HOH   J 6 .   ? -1.993  -9.699  -17.472 1.00 89.65  ? 314 HOH   A O   1 
HETATM 1158 O  O   . HOH   J 6 .   ? -0.482  7.712   -10.363 1.00 28.47  ? 315 HOH   A O   1 
HETATM 1159 O  O   . HOH   J 6 .   ? 9.246   -8.564  -10.162 1.00 51.39  ? 316 HOH   A O   1 
HETATM 1160 O  O   . HOH   J 6 .   ? 4.428   11.580  8.595   1.00 51.34  ? 317 HOH   A O   1 
HETATM 1161 O  O   . HOH   J 6 .   ? 5.639   0.246   -19.073 1.00 33.99  ? 318 HOH   A O   1 
HETATM 1162 O  O   . HOH   J 6 .   ? -5.307  -11.340 -8.665  1.00 48.95  ? 319 HOH   A O   1 
HETATM 1163 O  O   . HOH   J 6 .   ? 5.062   -11.882 -13.982 1.00 57.57  ? 320 HOH   A O   1 
HETATM 1164 O  O   . HOH   J 6 .   ? 1.448   -11.054 4.652   1.00 44.13  ? 321 HOH   A O   1 
HETATM 1165 O  O   . HOH   J 6 .   ? 7.758   0.851   -12.566 1.00 35.05  ? 322 HOH   A O   1 
HETATM 1166 O  O   . HOH   J 6 .   ? 9.029   -7.102  -15.985 1.00 47.78  ? 323 HOH   A O   1 
HETATM 1167 O  O   . HOH   J 6 .   ? -4.836  12.823  -4.078  1.00 33.02  ? 324 HOH   A O   1 
HETATM 1168 O  O   . HOH   J 6 .   ? -7.394  5.976   -4.132  1.00 27.28  ? 325 HOH   A O   1 
HETATM 1169 O  O   . HOH   J 6 .   ? -13.046 -3.219  13.247  1.00 67.69  ? 326 HOH   A O   1 
HETATM 1170 O  O   . HOH   J 6 .   ? 14.748  5.892   -9.449  1.00 24.87  ? 327 HOH   A O   1 
HETATM 1171 O  O   . HOH   J 6 .   ? 19.830  1.708   7.342   1.00 38.00  ? 328 HOH   A O   1 
HETATM 1172 O  O   . HOH   J 6 .   ? -8.205  2.325   17.704  1.00 48.76  ? 329 HOH   A O   1 
HETATM 1173 O  O   . HOH   J 6 .   ? 8.685   -3.310  4.256   1.00 21.91  ? 330 HOH   A O   1 
HETATM 1174 O  O   . HOH   J 6 .   ? 20.291  5.098   -0.203  1.00 29.87  ? 331 HOH   A O   1 
HETATM 1175 O  O   . HOH   J 6 .   ? 1.898   -6.572  2.565   1.00 16.70  ? 332 HOH   A O   1 
HETATM 1176 O  O   . HOH   J 6 .   ? -5.585  -10.120 10.849  1.00 40.84  ? 333 HOH   A O   1 
HETATM 1177 O  O   . HOH   J 6 .   ? -5.571  -5.763  -14.268 1.00 47.06  ? 334 HOH   A O   1 
HETATM 1178 O  O   . HOH   J 6 .   ? 14.182  10.054  -1.920  1.00 27.40  ? 335 HOH   A O   1 
HETATM 1179 O  O   . HOH   J 6 .   ? -11.174 9.902   10.196  1.00 33.61  ? 336 HOH   A O   1 
HETATM 1180 O  O   . HOH   J 6 .   ? -7.254  6.413   10.918  1.00 25.10  ? 337 HOH   A O   1 
HETATM 1181 O  O   . HOH   J 6 .   ? -13.088 -15.279 5.345   1.00 26.82  ? 338 HOH   A O   1 
HETATM 1182 O  O   . HOH   J 6 .   ? 9.124   11.330  -7.332  1.00 16.93  ? 339 HOH   A O   1 
HETATM 1183 O  O   . HOH   J 6 .   ? 0.984   -13.401 -6.609  1.00 29.04  ? 340 HOH   A O   1 
HETATM 1184 O  O   . HOH   J 6 .   ? 6.450   -3.956  -12.747 1.00 38.59  ? 341 HOH   A O   1 
HETATM 1185 O  O   . HOH   J 6 .   ? -3.630  -12.397 9.742   1.00 31.42  ? 342 HOH   A O   1 
HETATM 1186 O  O   . HOH   J 6 .   ? 6.348   -4.771  -21.903 1.00 53.14  ? 343 HOH   A O   1 
HETATM 1187 O  O   . HOH   J 6 .   ? 2.637   -12.536 4.300   1.00 50.80  ? 344 HOH   A O   1 
HETATM 1188 O  O   . HOH   J 6 .   ? -10.528 -9.049  -6.304  1.00 31.27  ? 345 HOH   A O   1 
HETATM 1189 O  O   . HOH   J 6 .   ? -6.927  9.052   -2.227  1.00 20.01  ? 346 HOH   A O   1 
HETATM 1190 O  O   . HOH   J 6 .   ? 1.296   -4.931  -7.871  1.00 23.81  ? 347 HOH   A O   1 
HETATM 1191 O  O   . HOH   J 6 .   ? -10.739 6.312   -4.716  1.00 53.85  ? 348 HOH   A O   1 
HETATM 1192 O  O   . HOH   J 6 .   ? -14.448 -10.177 -2.042  1.00 31.83  ? 349 HOH   A O   1 
HETATM 1193 O  O   . HOH   J 6 .   ? -4.432  -8.457  16.902  1.00 49.84  ? 350 HOH   A O   1 
HETATM 1194 O  O   . HOH   J 6 .   ? 2.338   15.035  11.236  1.00 36.61  ? 351 HOH   A O   1 
HETATM 1195 O  O   . HOH   J 6 .   ? -2.215  -17.906 8.034   1.00 30.97  ? 352 HOH   A O   1 
HETATM 1196 O  O   . HOH   J 6 .   ? 6.985   -7.167  7.586   1.00 46.38  ? 353 HOH   A O   1 
HETATM 1197 O  O   . HOH   J 6 .   ? -6.912  -19.678 2.513   1.00 32.51  ? 354 HOH   A O   1 
HETATM 1198 O  O   . HOH   J 6 .   ? -12.985 3.740   -2.596  1.00 43.30  ? 355 HOH   A O   1 
HETATM 1199 O  O   . HOH   J 6 .   ? -14.348 -15.279 7.849   1.00 31.50  ? 356 HOH   A O   1 
HETATM 1200 O  O   . HOH   J 6 .   ? -3.240  -13.864 -1.726  1.00 29.85  ? 357 HOH   A O   1 
HETATM 1201 O  O   . HOH   J 6 .   ? -11.607 1.137   12.430  1.00 50.63  ? 358 HOH   A O   1 
HETATM 1202 O  O   . HOH   J 6 .   ? 9.649   -1.695  2.086   1.00 16.53  ? 359 HOH   A O   1 
HETATM 1203 O  O   . HOH   J 6 .   ? -11.391 -0.602  16.385  1.00 49.10  ? 360 HOH   A O   1 
HETATM 1204 O  O   . HOH   J 6 .   ? -6.159  13.684  7.437   1.00 25.28  ? 361 HOH   A O   1 
HETATM 1205 O  O   . HOH   J 6 .   ? 2.255   -0.934  10.679  1.00 27.13  ? 362 HOH   A O   1 
HETATM 1206 O  O   . HOH   J 6 .   ? 7.798   -9.606  1.304   1.00 32.66  ? 363 HOH   A O   1 
HETATM 1207 O  O   . HOH   J 6 .   ? 19.303  -3.221  -5.347  1.00 23.93  ? 364 HOH   A O   1 
HETATM 1208 O  O   . HOH   J 6 .   ? -0.063  6.539   11.711  1.00 31.55  ? 365 HOH   A O   1 
HETATM 1209 O  O   . HOH   J 6 .   ? -5.080  -3.355  13.605  1.00 35.13  ? 366 HOH   A O   1 
HETATM 1210 O  O   . HOH   J 6 .   ? -3.408  -10.948 -5.173  1.00 24.58  ? 367 HOH   A O   1 
HETATM 1211 O  O   . HOH   J 6 .   ? 18.871  -5.971  -3.779  1.00 27.72  ? 368 HOH   A O   1 
HETATM 1212 O  O   . HOH   J 6 .   ? -6.020  11.659  -2.067  1.00 26.58  ? 369 HOH   A O   1 
HETATM 1213 O  O   . HOH   J 6 .   ? 7.934   -15.225 -10.494 1.00 54.44  ? 370 HOH   A O   1 
HETATM 1214 O  O   . HOH   J 6 .   ? 15.876  1.324   -8.371  1.00 36.74  ? 371 HOH   A O   1 
HETATM 1215 O  O   . HOH   J 6 .   ? -5.063  1.036   -3.549  1.00 21.90  ? 372 HOH   A O   1 
HETATM 1216 O  O   . HOH   J 6 .   ? 8.573   14.294  1.199   1.00 30.17  ? 373 HOH   A O   1 
HETATM 1217 O  O   . HOH   J 6 .   ? 3.219   -6.954  10.407  1.00 37.33  ? 374 HOH   A O   1 
HETATM 1218 O  O   . HOH   J 6 .   ? -4.946  17.658  1.440   1.00 23.70  ? 375 HOH   A O   1 
HETATM 1219 O  O   . HOH   J 6 .   ? -0.764  -14.872 -0.870  1.00 45.92  ? 376 HOH   A O   1 
HETATM 1220 O  O   . HOH   J 6 .   ? -13.939 0.047   -0.095  1.00 39.79  ? 377 HOH   A O   1 
HETATM 1221 O  O   . HOH   J 6 .   ? 12.903  10.794  -5.667  1.00 25.56  ? 378 HOH   A O   1 
HETATM 1222 O  O   . HOH   J 6 .   ? -17.014 -7.328  4.907   1.00 35.88  ? 379 HOH   A O   1 
HETATM 1223 O  O   . HOH   J 6 .   ? 10.296  4.645   -15.366 1.00 42.62  ? 380 HOH   A O   1 
HETATM 1224 O  O   . HOH   J 6 .   ? 19.294  -4.898  -1.164  1.00 21.55  ? 381 HOH   A O   1 
HETATM 1225 O  O   . HOH   J 6 .   ? -7.186  6.555   -13.176 1.00 44.86  ? 382 HOH   A O   1 
HETATM 1226 O  O   . HOH   J 6 .   ? -3.694  -4.978  15.263  1.00 34.27  ? 383 HOH   A O   1 
HETATM 1227 O  O   . HOH   J 6 .   ? -1.301  16.896  -9.259  1.00 35.18  ? 384 HOH   A O   1 
HETATM 1228 O  O   . HOH   J 6 .   ? -3.118  19.904  5.841   1.00 57.64  ? 385 HOH   A O   1 
HETATM 1229 O  O   . HOH   J 6 .   ? 6.236   -9.024  -2.829  1.00 25.34  ? 386 HOH   A O   1 
HETATM 1230 O  O   . HOH   J 6 .   ? 16.039  6.233   6.860   1.00 25.44  ? 387 HOH   A O   1 
HETATM 1231 O  O   . HOH   J 6 .   ? -3.111  0.075   -5.809  1.00 20.38  ? 388 HOH   A O   1 
HETATM 1232 O  O   . HOH   J 6 .   ? 1.589   17.596  -1.256  1.00 29.99  ? 389 HOH   A O   1 
HETATM 1233 O  O   . HOH   J 6 .   ? 4.462   -1.662  6.982   1.00 24.35  ? 390 HOH   A O   1 
HETATM 1234 O  O   . HOH   J 6 .   ? -0.986  13.457  -9.903  1.00 28.18  ? 391 HOH   A O   1 
HETATM 1235 O  O   . HOH   J 6 .   ? 10.201  -6.517  3.659   1.00 37.46  ? 392 HOH   A O   1 
HETATM 1236 O  O   . HOH   J 6 .   ? -2.144  12.106  -3.970  1.00 22.48  ? 393 HOH   A O   1 
HETATM 1237 O  O   . HOH   J 6 .   ? -2.621  -17.026 1.054   1.00 30.11  ? 394 HOH   A O   1 
HETATM 1238 O  O   . HOH   J 6 .   ? 3.926   1.237   -13.960 1.00 30.81  ? 395 HOH   A O   1 
HETATM 1239 O  O   . HOH   J 6 .   ? -6.746  1.066   21.613  1.00 57.52  ? 396 HOH   A O   1 
HETATM 1240 O  O   . HOH   J 6 .   ? -6.026  -3.605  21.648  1.00 44.09  ? 397 HOH   A O   1 
HETATM 1241 O  O   . HOH   J 6 .   ? 8.817   -5.168  -12.566 1.00 45.15  ? 398 HOH   A O   1 
HETATM 1242 O  O   . HOH   J 6 .   ? 12.358  0.448   -8.243  1.00 36.27  ? 399 HOH   A O   1 
HETATM 1243 O  O   . HOH   J 6 .   ? -13.695 7.956   7.550   1.00 38.92  ? 400 HOH   A O   1 
HETATM 1244 O  O   . HOH   J 6 .   ? -7.068  -8.519  -11.521 1.00 47.45  ? 401 HOH   A O   1 
HETATM 1245 O  O   . HOH   J 6 .   ? 4.152   1.469   -17.225 1.00 38.31  ? 402 HOH   A O   1 
HETATM 1246 O  O   . HOH   J 6 .   ? 16.593  9.050   2.938   1.00 31.29  ? 403 HOH   A O   1 
HETATM 1247 O  O   . HOH   J 6 .   ? 15.611  -5.135  5.534   1.00 39.00  ? 404 HOH   A O   1 
HETATM 1248 O  O   . HOH   J 6 .   ? -6.714  16.982  4.916   1.00 32.57  ? 405 HOH   A O   1 
HETATM 1249 O  O   . HOH   J 6 .   ? 0.637   0.076   14.298  1.00 32.15  ? 406 HOH   A O   1 
HETATM 1250 O  O   . HOH   J 6 .   ? -5.815  1.670   18.381  1.00 56.99  ? 407 HOH   A O   1 
HETATM 1251 O  O   . HOH   J 6 .   ? -9.648  -11.562 13.891  1.00 50.07  ? 408 HOH   A O   1 
HETATM 1252 O  O   . HOH   J 6 .   ? 12.861  -10.184 -5.677  1.00 42.24  ? 409 HOH   A O   1 
HETATM 1253 O  O   . HOH   J 6 .   ? 12.581  -8.841  -3.467  1.00 33.41  ? 410 HOH   A O   1 
HETATM 1254 O  O   . HOH   J 6 .   ? -7.565  4.437   -10.049 1.00 33.54  ? 411 HOH   A O   1 
HETATM 1255 O  O   . HOH   J 6 .   ? -0.928  17.426  -4.069  1.00 61.31  ? 412 HOH   A O   1 
HETATM 1256 O  O   . HOH   J 6 .   ? 6.749   0.439   6.882   1.00 21.15  ? 413 HOH   A O   1 
HETATM 1257 O  O   . HOH   J 6 .   ? 4.995   0.307   -11.564 1.00 28.72  ? 414 HOH   A O   1 
HETATM 1258 O  O   . HOH   J 6 .   ? 7.621   0.442   -16.704 1.00 35.33  ? 415 HOH   A O   1 
HETATM 1259 O  O   . HOH   J 6 .   ? 3.332   -5.760  -9.859  1.00 26.85  ? 416 HOH   A O   1 
HETATM 1260 O  O   . HOH   J 6 .   ? -1.324  -13.442 9.126   1.00 33.04  ? 417 HOH   A O   1 
HETATM 1261 O  O   . HOH   J 6 .   ? -4.562  -5.907  -16.913 1.00 49.91  ? 418 HOH   A O   1 
HETATM 1262 O  O   . HOH   J 6 .   ? -11.893 0.322   -5.042  1.00 43.60  ? 419 HOH   A O   1 
HETATM 1263 O  O   . HOH   J 6 .   ? 5.522   -14.033 -6.554  1.00 41.50  ? 420 HOH   A O   1 
HETATM 1264 O  O   . HOH   J 6 .   ? 6.204   -7.040  -18.694 1.00 42.89  ? 421 HOH   A O   1 
HETATM 1265 O  O   . HOH   J 6 .   ? 19.076  1.950   -6.057  1.00 35.21  ? 422 HOH   A O   1 
HETATM 1266 O  O   . HOH   J 6 .   ? -18.691 3.282   5.906   1.00 50.60  ? 423 HOH   A O   1 
HETATM 1267 O  O   . HOH   J 6 .   ? 4.305   18.607  5.739   1.00 61.29  ? 424 HOH   A O   1 
HETATM 1268 O  O   . HOH   J 6 .   ? -5.442  -10.695 15.254  1.00 40.85  ? 425 HOH   A O   1 
HETATM 1269 O  O   . HOH   J 6 .   ? 13.353  7.811   -3.709  1.00 25.20  ? 426 HOH   A O   1 
HETATM 1270 O  O   . HOH   J 6 .   ? 7.289   5.377   6.268   1.00 22.11  ? 427 HOH   A O   1 
HETATM 1271 O  O   . HOH   J 6 .   ? 18.999  3.302   -3.718  1.00 37.13  ? 428 HOH   A O   1 
HETATM 1272 O  O   . HOH   J 6 .   ? -12.614 -7.920  -5.508  1.00 45.81  ? 429 HOH   A O   1 
HETATM 1273 O  O   . HOH   J 6 .   ? -0.041  -9.939  11.943  1.00 40.87  ? 430 HOH   A O   1 
HETATM 1274 O  O   . HOH   J 6 .   ? 2.630   4.951   12.259  1.00 33.49  ? 431 HOH   A O   1 
HETATM 1275 O  O   . HOH   J 6 .   ? 3.355   -13.439 -3.631  1.00 49.38  ? 432 HOH   A O   1 
HETATM 1276 O  O   . HOH   J 6 .   ? -11.105 -12.442 -5.245  1.00 27.33  ? 433 HOH   A O   1 
HETATM 1277 O  O   . HOH   J 6 .   ? -14.975 -13.237 5.527   1.00 39.41  ? 434 HOH   A O   1 
HETATM 1278 O  O   . HOH   J 6 .   ? -8.198  -14.728 -7.206  1.00 35.09  ? 435 HOH   A O   1 
HETATM 1279 O  O   . HOH   J 6 .   ? 2.696   -8.447  6.973   1.00 25.43  ? 436 HOH   A O   1 
HETATM 1280 O  O   . HOH   J 6 .   ? 10.701  12.391  -5.297  1.00 23.32  ? 437 HOH   A O   1 
HETATM 1281 O  O   . HOH   J 6 .   ? 7.776   2.790   8.519   1.00 28.42  ? 438 HOH   A O   1 
HETATM 1282 O  O   . HOH   J 6 .   ? -9.946  -4.248  20.024  1.00 51.88  ? 439 HOH   A O   1 
HETATM 1283 O  O   . HOH   J 6 .   ? -3.852  0.263   -25.180 1.00 53.09  ? 440 HOH   A O   1 
HETATM 1284 O  O   . HOH   J 6 .   ? 2.511   -6.383  -12.423 1.00 26.03  ? 441 HOH   A O   1 
HETATM 1285 O  O   . HOH   J 6 .   ? -3.858  12.362  11.612  1.00 52.38  ? 442 HOH   A O   1 
HETATM 1286 O  O   . HOH   J 6 .   ? 2.521   -10.596 -18.406 1.00 31.70  ? 443 HOH   A O   1 
HETATM 1287 O  O   . HOH   J 6 .   ? 14.657  5.497   -3.170  1.00 17.92  ? 444 HOH   A O   1 
HETATM 1288 O  O   . HOH   J 6 .   ? 12.925  13.774  -2.597  1.00 37.53  ? 445 HOH   A O   1 
HETATM 1289 O  O   . HOH   J 6 .   ? 0.488   -4.951  -11.242 1.00 32.67  ? 446 HOH   A O   1 
HETATM 1290 O  O   . HOH   J 6 .   ? -4.774  -23.103 4.221   1.00 35.57  ? 447 HOH   A O   1 
HETATM 1291 O  O   . HOH   J 6 .   ? -12.116 -17.952 10.570  1.00 32.56  ? 448 HOH   A O   1 
HETATM 1292 O  O   . HOH   J 6 .   ? -10.626 7.128   12.895  1.00 56.13  ? 449 HOH   A O   1 
HETATM 1293 O  O   . HOH   J 6 .   ? 16.241  4.416   -7.999  1.00 32.77  ? 450 HOH   A O   1 
HETATM 1294 O  O   . HOH   J 6 .   ? 4.016   -4.344  9.464   1.00 31.04  ? 451 HOH   A O   1 
HETATM 1295 O  O   . HOH   J 6 .   ? 22.133  3.008   0.620   1.00 37.49  ? 452 HOH   A O   1 
HETATM 1296 O  O   . HOH   J 6 .   ? -1.932  19.046  -1.149  1.00 76.26  ? 453 HOH   A O   1 
HETATM 1297 O  O   . HOH   J 6 .   ? 9.941   -11.034 -2.533  1.00 42.83  ? 454 HOH   A O   1 
HETATM 1298 O  O   . HOH   J 6 .   ? -6.409  19.506  0.254   1.00 45.37  ? 455 HOH   A O   1 
HETATM 1299 O  O   . HOH   J 6 .   ? 2.299   -11.487 7.058   1.00 43.14  ? 456 HOH   A O   1 
HETATM 1300 O  O   . HOH   J 6 .   ? -14.386 -7.459  -0.795  1.00 31.61  ? 457 HOH   A O   1 
HETATM 1301 O  O   . HOH   J 6 .   ? 5.981   -0.786  -14.707 1.00 29.23  ? 458 HOH   A O   1 
HETATM 1302 O  O   . HOH   J 6 .   ? 3.120   -8.560  4.005   1.00 20.45  ? 459 HOH   A O   1 
HETATM 1303 O  O   . HOH   J 6 .   ? 5.744   -4.252  -9.934  1.00 25.76  ? 460 HOH   A O   1 
HETATM 1304 O  O   . HOH   J 6 .   ? 13.933  -2.740  -13.349 1.00 39.15  ? 461 HOH   A O   1 
HETATM 1305 O  O   . HOH   J 6 .   ? 17.767  -6.473  9.276   1.00 53.87  ? 462 HOH   A O   1 
HETATM 1306 O  O   . HOH   J 6 .   ? -17.790 6.019   5.492   1.00 41.32  ? 463 HOH   A O   1 
HETATM 1307 O  O   . HOH   J 6 .   ? -15.085 4.925   1.263   1.00 31.82  ? 464 HOH   A O   1 
HETATM 1308 O  O   . HOH   J 6 .   ? -3.196  10.718  14.282  1.00 42.49  ? 465 HOH   A O   1 
HETATM 1309 O  O   . HOH   J 6 .   ? -0.131  -18.478 4.788   1.00 34.41  ? 466 HOH   A O   1 
HETATM 1310 O  O   . HOH   J 6 .   ? -7.985  6.122   -8.523  1.00 45.56  ? 467 HOH   A O   1 
HETATM 1311 O  O   . HOH   J 6 .   ? 0.645   -1.887  15.553  1.00 50.39  ? 468 HOH   A O   1 
HETATM 1312 O  O   . HOH   J 6 .   ? -7.657  -2.847  -13.754 1.00 58.64  ? 469 HOH   A O   1 
HETATM 1313 O  O   . HOH   J 6 .   ? 3.431   9.473   10.101  1.00 51.50  ? 470 HOH   A O   1 
HETATM 1314 O  O   . HOH   J 6 .   ? -9.585  -21.468 9.164   1.00 36.72  ? 471 HOH   A O   1 
HETATM 1315 O  O   . HOH   J 6 .   ? -0.945  -9.060  -20.401 1.00 64.29  ? 472 HOH   A O   1 
HETATM 1316 O  O   . HOH   J 6 .   ? 15.053  -8.237  -6.808  1.00 40.53  ? 473 HOH   A O   1 
HETATM 1317 O  O   . HOH   J 6 .   ? -9.958  -1.276  -11.633 1.00 58.76  ? 474 HOH   A O   1 
HETATM 1318 O  O   . HOH   J 6 .   ? 16.121  4.045   8.736   1.00 39.58  ? 475 HOH   A O   1 
HETATM 1319 O  O   . HOH   J 6 .   ? -14.120 3.118   -0.437  1.00 43.23  ? 476 HOH   A O   1 
HETATM 1320 O  O   . HOH   J 6 .   ? 9.759   15.134  -1.771  1.00 39.85  ? 477 HOH   A O   1 
HETATM 1321 O  O   . HOH   J 6 .   ? -16.098 -6.730  0.686   1.00 47.93  ? 478 HOH   A O   1 
HETATM 1322 O  O   . HOH   J 6 .   ? 6.588   -11.447 -4.139  1.00 42.87  ? 479 HOH   A O   1 
HETATM 1323 O  O   . HOH   J 6 .   ? 1.606   -15.519 0.696   1.00 57.53  ? 480 HOH   A O   1 
HETATM 1324 O  O   . HOH   J 6 .   ? -5.397  -8.563  -13.343 1.00 48.58  ? 481 HOH   A O   1 
HETATM 1325 O  O   . HOH   J 6 .   ? 8.198   -1.865  -14.691 1.00 41.90  ? 482 HOH   A O   1 
HETATM 1326 O  O   . HOH   J 6 .   ? 1.166   -12.799 9.011   1.00 43.29  ? 483 HOH   A O   1 
HETATM 1327 O  O   . HOH   J 6 .   ? 9.055   -4.150  -19.066 1.00 71.94  ? 484 HOH   A O   1 
HETATM 1328 O  O   . HOH   J 6 .   ? -2.139  18.076  1.576   1.00 29.34  ? 485 HOH   A O   1 
HETATM 1329 O  O   . HOH   J 6 .   ? -0.979  -3.600  16.162  1.00 55.08  ? 486 HOH   A O   1 
HETATM 1330 O  O   . HOH   J 6 .   ? -13.370 0.336   -2.849  1.00 43.12  ? 487 HOH   A O   1 
HETATM 1331 O  O   . HOH   J 6 .   ? -4.049  -7.907  -18.187 1.00 44.30  ? 488 HOH   A O   1 
HETATM 1332 O  O   . HOH   J 6 .   ? -8.316  -4.657  21.997  1.00 40.24  ? 489 HOH   A O   1 
HETATM 1333 O  O   . HOH   J 6 .   ? 9.246   -4.237  -14.855 1.00 47.03  ? 490 HOH   A O   1 
HETATM 1334 O  O   . HOH   J 6 .   ? 17.317  5.244   -3.924  1.00 37.97  ? 491 HOH   A O   1 
HETATM 1335 O  O   . HOH   J 6 .   ? -16.648 -2.069  2.397   1.00 49.86  ? 492 HOH   A O   1 
HETATM 1336 O  O   . HOH   J 6 .   ? 16.751  2.174   -13.560 1.00 35.62  ? 493 HOH   A O   1 
HETATM 1337 O  O   . HOH   J 6 .   ? 2.943   -14.495 -5.911  1.00 41.56  ? 494 HOH   A O   1 
HETATM 1338 O  O   . HOH   J 6 .   ? -16.873 4.258   2.930   1.00 31.12  ? 495 HOH   A O   1 
HETATM 1339 O  O   . HOH   J 6 .   ? 20.301  -6.050  10.722  1.00 58.02  ? 496 HOH   A O   1 
HETATM 1340 O  O   . HOH   J 6 .   ? -2.012  -13.007 -5.632  1.00 37.05  ? 497 HOH   A O   1 
HETATM 1341 O  O   . HOH   J 6 .   ? 7.698   -10.513 -1.074  1.00 46.90  ? 498 HOH   A O   1 
HETATM 1342 O  O   . HOH   J 6 .   ? -2.074  19.898  3.410   1.00 51.80  ? 499 HOH   A O   1 
HETATM 1343 O  O   . HOH   J 6 .   ? 8.053   -8.576  -18.205 1.00 113.38 ? 500 HOH   A O   1 
HETATM 1344 O  O   . HOH   J 6 .   ? 22.051  -3.522  10.055  1.00 51.09  ? 501 HOH   A O   1 
HETATM 1345 O  O   . HOH   J 6 .   ? -2.631  -9.133  12.790  1.00 55.80  ? 502 HOH   A O   1 
HETATM 1346 O  O   . HOH   J 6 .   ? -2.973  -7.473  14.864  1.00 48.63  ? 503 HOH   A O   1 
HETATM 1347 O  O   . HOH   J 6 .   ? 4.973   3.263   -15.363 1.00 28.84  ? 504 HOH   A O   1 
HETATM 1348 O  O   . HOH   J 6 .   ? -17.379 -0.293  7.379   1.00 73.00  ? 505 HOH   A O   1 
HETATM 1349 O  O   . HOH   J 6 .   ? -8.117  9.126   -4.697  1.00 36.33  ? 506 HOH   A O   1 
HETATM 1350 O  O   . HOH   J 6 .   ? 16.314  10.912  -1.504  1.00 47.07  ? 507 HOH   A O   1 
HETATM 1351 O  O   . HOH   J 6 .   ? -6.013  -7.694  22.864  1.00 52.44  ? 508 HOH   A O   1 
HETATM 1352 O  O   . HOH   J 6 .   ? -6.728  11.685  -6.471  1.00 45.32  ? 509 HOH   A O   1 
HETATM 1353 O  O   . HOH   J 6 .   ? 4.650   -10.637 3.933   1.00 34.15  ? 510 HOH   A O   1 
HETATM 1354 O  O   . HOH   J 6 .   ? 7.480   2.644   -15.216 1.00 35.40  ? 511 HOH   A O   1 
HETATM 1355 O  O   . HOH   J 6 .   ? 22.152  -0.490  6.319   1.00 44.86  ? 512 HOH   A O   1 
HETATM 1356 O  O   . HOH   J 6 .   ? -17.782 0.505   1.089   1.00 44.91  ? 513 HOH   A O   1 
HETATM 1357 O  O   . HOH   J 6 .   ? 18.804  7.535   -2.968  1.00 40.79  ? 514 HOH   A O   1 
HETATM 1358 O  O   . HOH   J 6 .   ? 4.797   -9.400  -19.908 1.00 61.81  ? 515 HOH   A O   1 
HETATM 1359 O  O   . HOH   J 6 .   ? -9.731  0.180   24.967  1.00 61.47  ? 516 HOH   A O   1 
HETATM 1360 O  O   . HOH   J 6 .   ? 6.690   -11.693 2.172   1.00 50.44  ? 517 HOH   A O   1 
HETATM 1361 O  O   . HOH   J 6 .   ? 20.352  -0.575  9.311   1.00 44.58  ? 518 HOH   A O   1 
HETATM 1362 O  O   . HOH   J 6 .   ? 19.221  8.359   1.226   1.00 43.84  ? 519 HOH   A O   1 
HETATM 1363 O  O   . HOH   J 6 .   ? 0.212   18.275  12.173  1.00 51.38  ? 520 HOH   A O   1 
HETATM 1364 O  O   . HOH   J 6 .   ? -6.970  -0.223  -18.187 1.00 68.12  ? 521 HOH   A O   1 
HETATM 1365 O  O   . HOH   J 6 .   ? 3.338   -15.444 4.801   1.00 49.17  ? 522 HOH   A O   1 
HETATM 1366 O  O   . HOH   J 6 .   ? -11.129 -20.166 10.494  1.00 37.59  ? 523 HOH   A O   1 
HETATM 1367 O  O   . HOH   J 6 .   ? -14.008 -6.947  10.958  1.00 43.17  ? 524 HOH   A O   1 
HETATM 1368 O  O   . HOH   J 6 .   ? 10.477  -5.472  -17.066 1.00 46.44  ? 525 HOH   A O   1 
HETATM 1369 O  O   . HOH   J 6 .   ? -18.843 0.900   5.277   1.00 48.61  ? 526 HOH   A O   1 
HETATM 1370 O  O   . HOH   J 6 .   ? 17.157  10.629  0.865   1.00 91.20  ? 527 HOH   A O   1 
HETATM 1371 O  O   . HOH   J 6 .   ? -7.974  -2.431  -16.644 1.00 56.45  ? 528 HOH   A O   1 
HETATM 1372 O  O   . HOH   J 6 .   ? -18.335 2.283   2.923   1.00 37.97  ? 529 HOH   A O   1 
HETATM 1373 O  O   . HOH   J 6 .   ? 7.036   -12.908 -0.151  1.00 44.09  ? 530 HOH   A O   1 
HETATM 1374 O  O   . HOH   J 6 .   ? -10.802 0.747   -17.826 1.00 56.86  ? 531 HOH   A O   1 
# 
